data_8C3P
#
_entry.id   8C3P
#
_cell.length_a   53.940
_cell.length_b   57.220
_cell.length_c   287.926
_cell.angle_alpha   90.000
_cell.angle_beta   92.722
_cell.angle_gamma   90.000
#
_symmetry.space_group_name_H-M   'P 1 21 1'
#
loop_
_entity.id
_entity.type
_entity.pdbx_description
1 polymer 'Ectonucleotide pyrophosphatase/phosphodiesterase family member 2'
2 branched beta-D-mannopyranose-(1-4)-2-acetamido-2-deoxy-beta-D-glucopyranose-(1-4)-2-acetamido-2-deoxy-beta-D-glucopyranose
3 non-polymer 7alpha-hydroxycholesterol
4 non-polymer '(2R)-2-hydroxy-3-(phosphonooxy)propyl (9E)-octadec-9-enoate'
5 non-polymer 'IODIDE ION'
6 non-polymer 'CALCIUM ION'
7 non-polymer 'ZINC ION'
8 non-polymer GLYCEROL
9 water water
#
_entity_poly.entity_id   1
_entity_poly.type   'polypeptide(L)'
_entity_poly.pdbx_seq_one_letter_code
;MARRSSFQSCQIISLFTFAVGVNICLGFTAHRIKRAEGWEEGPPTVLSDSPWTAISGSCKGRCFELQEAGPPDCRCDNLC
KSYTSCCHDFDELCLKTARGWECTKDRCGEVRNEENACHCSEDCLARGDCCTNYQVVCKGESHWVDDDCEEIKAAECPAG
FVRPPLIIFSVDGFRASYMKKGSKVMPNIEKLRSCGTHSPYMRPVYPTKTFPNLYTLATGLYPESHGIVGNSMYDPVFDA
TFHLRGREKFNHRWWGGQPLWITATKQGVKAGTFFWSVVIPHERRILTILQWLTLPDHERPSVYAFYSEQPDFSGHKYGP
FGPEMTNPLREIDKIVGQLMDGLKQLKLHRCVNVIFVGDHGMEDVTCDRTEFLSNYLTNVDDITLVPGTLGRIRSKFSNN
AKYDPKAIIAALTCKKPDQHFKPYLKQHLPKRLHYANNRRIEDIHLLVERRWHVARKPLDVYKKPSGKCFFQGDHGFDNK
VNSMQTVFVGYGSTFKYKTKVPPFENIELYNVMCDLLGLKPAPNNGTHGSLNHLLRTNTFRPTMPEEVTRPNYPGIMYLQ
SDFDLGCTCDDKVEPKNKLDELNKRLHTKGSTEAETRKFRGSRNENKENINGNFEPRKERHLLYGRPAVLYRTRYDILYH
TDFESGYSEIFLMPLWTSYTVSKQAEVSSVPDHLTSCVRPDVRVSPSFSQNCLAYKNDKQMSYGFLFPPYLSSSPEAKYD
AFLVTNMVPMYPAFKRVWNYFQRVLVKKYASERNGVNVISGPIFDYDYDGLHDTEDKIKQYVEGSSIPVPTHYYSIITSC
LDFTQPADKCDGPLSVSSFILPHRPDNEESCNSSEDESKWVEELMKMHTARVRDIEHLTSLDFFRKTSRSYPEILTLKTY
LHTYESEI
;
_entity_poly.pdbx_strand_id   A,B
#
# COMPACT_ATOMS: atom_id res chain seq x y z
N ILE A 55 16.65 -43.22 -67.68
CA ILE A 55 16.60 -44.65 -67.41
C ILE A 55 16.60 -44.91 -65.91
N SER A 56 15.57 -45.61 -65.44
CA SER A 56 15.44 -45.92 -64.02
C SER A 56 16.25 -47.16 -63.66
N GLY A 57 16.59 -47.26 -62.37
CA GLY A 57 17.22 -48.44 -61.83
C GLY A 57 18.72 -48.36 -61.63
N SER A 58 19.36 -47.29 -62.08
CA SER A 58 20.81 -47.18 -61.95
C SER A 58 21.22 -45.71 -61.93
N CYS A 59 22.44 -45.47 -61.44
CA CYS A 59 22.85 -44.15 -60.97
C CYS A 59 23.38 -43.22 -62.06
N LYS A 60 23.48 -43.67 -63.32
CA LYS A 60 24.05 -42.80 -64.35
C LYS A 60 23.10 -41.64 -64.63
N GLY A 61 23.64 -40.43 -64.60
CA GLY A 61 22.84 -39.23 -64.71
C GLY A 61 22.19 -38.80 -63.42
N ARG A 62 22.51 -39.45 -62.30
CA ARG A 62 21.83 -39.16 -61.03
C ARG A 62 22.80 -39.11 -59.85
N CYS A 63 24.10 -39.01 -60.10
CA CYS A 63 25.08 -39.14 -59.02
C CYS A 63 25.03 -37.91 -58.12
N PHE A 64 24.77 -38.16 -56.83
CA PHE A 64 24.59 -37.10 -55.83
C PHE A 64 23.45 -36.18 -56.20
N GLU A 65 22.39 -36.75 -56.78
CA GLU A 65 21.17 -36.00 -57.01
C GLU A 65 20.59 -35.53 -55.68
N LEU A 66 20.05 -34.33 -55.66
CA LEU A 66 19.52 -33.75 -54.44
C LEU A 66 18.04 -34.04 -54.23
N GLN A 67 17.48 -34.94 -55.03
CA GLN A 67 16.13 -35.45 -54.82
C GLN A 67 16.26 -36.94 -54.50
N GLU A 68 16.71 -37.22 -53.28
CA GLU A 68 16.92 -38.60 -52.83
C GLU A 68 15.68 -39.11 -52.13
N ALA A 69 15.39 -40.41 -52.32
CA ALA A 69 14.24 -41.03 -51.69
C ALA A 69 14.32 -42.56 -51.82
N GLY A 70 14.20 -43.25 -50.68
CA GLY A 70 14.21 -44.69 -50.64
C GLY A 70 13.05 -45.38 -51.32
N PRO A 71 11.81 -44.92 -51.14
CA PRO A 71 10.66 -45.62 -51.75
C PRO A 71 10.82 -45.77 -53.26
N PRO A 72 11.12 -44.70 -54.03
CA PRO A 72 11.32 -44.90 -55.47
C PRO A 72 12.76 -45.24 -55.82
N ASP A 73 12.97 -46.44 -56.38
CA ASP A 73 14.26 -46.81 -56.95
C ASP A 73 15.35 -46.96 -55.88
N CYS A 74 16.55 -47.36 -56.30
CA CYS A 74 17.72 -47.19 -55.47
C CYS A 74 18.20 -45.75 -55.56
N ARG A 75 18.89 -45.30 -54.51
CA ARG A 75 19.30 -43.91 -54.42
C ARG A 75 20.77 -43.74 -54.78
N CYS A 76 21.12 -42.50 -55.15
CA CYS A 76 22.45 -42.17 -55.64
C CYS A 76 23.02 -40.94 -54.94
N ASP A 77 22.46 -40.55 -53.81
CA ASP A 77 22.88 -39.34 -53.12
C ASP A 77 24.10 -39.64 -52.24
N ASN A 78 24.46 -38.67 -51.41
CA ASN A 78 25.61 -38.79 -50.52
C ASN A 78 25.29 -39.50 -49.22
N LEU A 79 24.08 -40.06 -49.09
CA LEU A 79 23.70 -40.79 -47.89
C LEU A 79 23.25 -42.21 -48.19
N CYS A 80 23.35 -42.67 -49.44
CA CYS A 80 22.94 -44.04 -49.77
C CYS A 80 23.78 -45.06 -49.03
N LYS A 81 25.05 -44.74 -48.74
CA LYS A 81 25.90 -45.66 -48.02
C LYS A 81 25.36 -45.94 -46.62
N SER A 82 25.02 -44.87 -45.89
CA SER A 82 24.57 -45.03 -44.50
C SER A 82 23.27 -45.84 -44.42
N TYR A 83 22.43 -45.75 -45.43
CA TYR A 83 21.22 -46.55 -45.50
C TYR A 83 21.42 -47.86 -46.27
N THR A 84 22.63 -48.11 -46.76
CA THR A 84 22.96 -49.30 -47.55
C THR A 84 21.92 -49.52 -48.65
N SER A 85 21.80 -48.50 -49.52
CA SER A 85 20.79 -48.54 -50.57
C SER A 85 21.32 -47.99 -51.89
N CYS A 86 22.62 -47.96 -52.09
CA CYS A 86 23.17 -47.51 -53.35
C CYS A 86 22.90 -48.53 -54.45
N CYS A 87 22.85 -48.04 -55.69
CA CYS A 87 22.76 -48.94 -56.82
C CYS A 87 24.11 -49.61 -57.07
N HIS A 88 24.09 -50.61 -57.96
CA HIS A 88 25.30 -51.39 -58.20
C HIS A 88 26.41 -50.58 -58.85
N ASP A 89 26.08 -49.49 -59.53
CA ASP A 89 27.04 -48.68 -60.26
C ASP A 89 27.43 -47.41 -59.50
N PHE A 90 27.05 -47.30 -58.23
CA PHE A 90 27.30 -46.06 -57.49
C PHE A 90 28.79 -45.80 -57.33
N ASP A 91 29.52 -46.79 -56.81
CA ASP A 91 30.95 -46.62 -56.60
C ASP A 91 31.73 -46.56 -57.92
N GLU A 92 31.16 -47.09 -59.00
CA GLU A 92 31.82 -47.03 -60.30
C GLU A 92 31.62 -45.68 -60.96
N LEU A 93 30.40 -45.14 -60.90
CA LEU A 93 30.06 -43.91 -61.60
C LEU A 93 30.15 -42.66 -60.74
N CYS A 94 29.66 -42.72 -59.50
CA CYS A 94 29.57 -41.54 -58.65
C CYS A 94 30.82 -41.29 -57.83
N LEU A 95 31.64 -42.32 -57.58
CA LEU A 95 32.84 -42.15 -56.77
C LEU A 95 34.10 -42.48 -57.57
N LYS A 96 34.25 -41.85 -58.73
CA LYS A 96 35.44 -42.06 -59.54
C LYS A 96 36.66 -41.48 -58.83
N THR A 97 37.76 -42.24 -58.82
CA THR A 97 38.97 -41.83 -58.11
C THR A 97 40.21 -41.92 -59.01
N ALA A 98 40.02 -42.05 -60.32
CA ALA A 98 41.15 -42.23 -61.22
C ALA A 98 41.98 -40.95 -61.34
N ARG A 99 43.29 -41.10 -61.22
CA ARG A 99 44.30 -40.06 -61.40
C ARG A 99 44.27 -38.98 -60.33
N GLY A 100 43.46 -39.13 -59.29
CA GLY A 100 43.53 -38.26 -58.14
C GLY A 100 42.70 -36.99 -58.28
N TRP A 101 43.05 -36.00 -57.44
CA TRP A 101 42.30 -34.76 -57.33
C TRP A 101 43.09 -33.54 -57.74
N GLU A 102 44.25 -33.71 -58.37
CA GLU A 102 45.10 -32.59 -58.76
C GLU A 102 45.50 -32.75 -60.22
N CYS A 103 45.37 -31.67 -61.00
CA CYS A 103 45.86 -31.66 -62.37
C CYS A 103 47.35 -31.35 -62.39
N THR A 104 47.97 -31.64 -63.52
CA THR A 104 49.40 -31.39 -63.69
C THR A 104 49.66 -30.86 -65.09
N LYS A 105 50.92 -30.47 -65.31
CA LYS A 105 51.33 -29.87 -66.58
C LYS A 105 51.02 -30.77 -67.76
N ASP A 106 51.18 -32.09 -67.58
CA ASP A 106 50.94 -33.00 -68.69
C ASP A 106 49.46 -33.31 -68.86
N ARG A 107 48.69 -33.28 -67.77
CA ARG A 107 47.26 -33.42 -67.88
C ARG A 107 46.57 -32.19 -68.47
N CYS A 108 47.30 -31.10 -68.72
CA CYS A 108 46.63 -29.91 -69.23
C CYS A 108 46.14 -30.19 -70.62
N GLY A 109 44.91 -29.77 -70.91
CA GLY A 109 44.27 -29.97 -72.21
C GLY A 109 44.17 -31.41 -72.67
N GLU A 110 44.11 -32.36 -71.75
CA GLU A 110 43.95 -33.75 -72.16
C GLU A 110 42.56 -33.97 -72.75
N VAL A 111 42.40 -35.09 -73.44
CA VAL A 111 41.11 -35.47 -74.00
C VAL A 111 40.24 -36.05 -72.90
N ARG A 112 38.95 -35.73 -72.94
CA ARG A 112 38.04 -36.10 -71.86
C ARG A 112 37.98 -37.62 -71.69
N ASN A 113 38.38 -38.09 -70.51
CA ASN A 113 38.22 -39.48 -70.11
C ASN A 113 37.26 -39.50 -68.92
N GLU A 114 36.02 -39.95 -69.17
CA GLU A 114 34.96 -39.82 -68.16
C GLU A 114 35.25 -40.62 -66.90
N GLU A 115 36.14 -41.61 -66.95
CA GLU A 115 36.44 -42.41 -65.78
C GLU A 115 37.40 -41.72 -64.81
N ASN A 116 37.96 -40.58 -65.18
CA ASN A 116 38.82 -39.85 -64.26
C ASN A 116 38.02 -39.31 -63.08
N ALA A 117 38.71 -39.14 -61.94
CA ALA A 117 38.07 -38.56 -60.77
C ALA A 117 37.59 -37.15 -61.05
N CYS A 118 38.52 -36.27 -61.36
CA CYS A 118 38.21 -34.92 -61.83
C CYS A 118 38.92 -34.70 -63.16
N HIS A 119 38.48 -33.68 -63.88
CA HIS A 119 38.91 -33.48 -65.27
C HIS A 119 39.77 -32.23 -65.39
N CYS A 120 40.70 -32.28 -66.33
CA CYS A 120 41.55 -31.15 -66.67
C CYS A 120 41.40 -30.78 -68.15
N SER A 121 40.31 -31.22 -68.78
CA SER A 121 40.06 -30.91 -70.17
C SER A 121 39.63 -29.45 -70.31
N GLU A 122 39.37 -29.04 -71.55
CA GLU A 122 38.95 -27.67 -71.80
C GLU A 122 37.47 -27.47 -71.48
N ASP A 123 36.64 -28.47 -71.75
CA ASP A 123 35.20 -28.36 -71.58
C ASP A 123 34.73 -28.68 -70.16
N CYS A 124 35.66 -28.81 -69.21
CA CYS A 124 35.26 -29.13 -67.84
C CYS A 124 34.63 -27.95 -67.13
N LEU A 125 35.02 -26.72 -67.49
CA LEU A 125 34.41 -25.54 -66.87
C LEU A 125 32.93 -25.47 -67.17
N ALA A 126 32.52 -25.87 -68.38
CA ALA A 126 31.11 -25.91 -68.72
C ALA A 126 30.40 -27.08 -68.07
N ARG A 127 31.02 -28.27 -68.12
CA ARG A 127 30.45 -29.43 -67.44
C ARG A 127 30.48 -29.28 -65.93
N GLY A 128 31.34 -28.41 -65.40
CA GLY A 128 31.39 -28.14 -63.98
C GLY A 128 31.96 -29.28 -63.16
N ASP A 129 33.11 -29.83 -63.59
CA ASP A 129 33.73 -30.92 -62.85
C ASP A 129 35.24 -30.93 -63.10
N CYS A 130 35.87 -29.76 -63.13
CA CYS A 130 37.31 -29.70 -63.16
C CYS A 130 37.88 -30.02 -61.78
N CYS A 131 39.14 -30.42 -61.75
CA CYS A 131 39.87 -30.42 -60.50
C CYS A 131 40.04 -28.98 -60.02
N THR A 132 40.05 -28.80 -58.70
CA THR A 132 40.06 -27.46 -58.13
C THR A 132 41.30 -26.66 -58.51
N ASN A 133 42.37 -27.33 -58.95
CA ASN A 133 43.61 -26.66 -59.33
C ASN A 133 43.77 -26.54 -60.84
N TYR A 134 42.68 -26.65 -61.60
CA TYR A 134 42.77 -26.64 -63.06
C TYR A 134 43.33 -25.31 -63.56
N GLN A 135 42.72 -24.20 -63.16
CA GLN A 135 43.18 -22.90 -63.64
C GLN A 135 44.57 -22.56 -63.14
N VAL A 136 44.96 -23.08 -61.97
CA VAL A 136 46.25 -22.72 -61.39
C VAL A 136 47.38 -23.41 -62.13
N VAL A 137 47.17 -24.65 -62.56
CA VAL A 137 48.22 -25.43 -63.22
C VAL A 137 48.14 -25.39 -64.75
N CYS A 138 46.97 -25.08 -65.31
CA CYS A 138 46.81 -25.05 -66.76
C CYS A 138 46.60 -23.68 -67.36
N LYS A 139 45.91 -22.77 -66.67
CA LYS A 139 45.68 -21.44 -67.21
C LYS A 139 46.49 -20.37 -66.50
N GLY A 140 47.57 -20.76 -65.82
CA GLY A 140 48.46 -19.83 -65.17
C GLY A 140 47.86 -19.01 -64.06
N GLU A 141 46.69 -19.38 -63.55
CA GLU A 141 46.11 -18.67 -62.42
C GLU A 141 46.87 -18.98 -61.15
N SER A 142 46.55 -18.26 -60.09
CA SER A 142 47.21 -18.42 -58.80
C SER A 142 46.25 -19.03 -57.80
N HIS A 143 46.82 -19.76 -56.84
CA HIS A 143 46.01 -20.30 -55.75
C HIS A 143 45.39 -19.15 -54.94
N TRP A 144 44.18 -19.40 -54.42
CA TRP A 144 43.48 -18.36 -53.69
C TRP A 144 44.26 -17.90 -52.47
N VAL A 145 45.02 -18.81 -51.84
CA VAL A 145 45.79 -18.44 -50.65
C VAL A 145 46.91 -17.45 -50.99
N ASP A 146 47.33 -17.40 -52.25
CA ASP A 146 48.41 -16.50 -52.65
C ASP A 146 47.91 -15.11 -53.04
N ASP A 147 46.62 -14.95 -53.29
CA ASP A 147 46.07 -13.64 -53.62
C ASP A 147 46.07 -12.75 -52.38
N ASP A 148 46.39 -11.48 -52.58
CA ASP A 148 46.35 -10.52 -51.48
C ASP A 148 44.92 -10.38 -50.95
N CYS A 149 44.82 -9.92 -49.71
CA CYS A 149 43.51 -9.81 -49.07
C CYS A 149 42.86 -8.50 -49.50
N GLU A 150 41.83 -8.61 -50.32
CA GLU A 150 41.11 -7.47 -50.88
C GLU A 150 39.71 -7.44 -50.30
N GLU A 151 39.34 -6.32 -49.68
CA GLU A 151 38.05 -6.23 -49.02
C GLU A 151 36.90 -6.41 -50.00
N ILE A 152 35.87 -7.10 -49.56
CA ILE A 152 34.65 -7.29 -50.35
C ILE A 152 33.64 -6.28 -49.81
N LYS A 153 33.59 -5.10 -50.43
CA LYS A 153 32.60 -4.10 -50.05
C LYS A 153 31.22 -4.43 -50.56
N ALA A 154 31.11 -5.36 -51.50
CA ALA A 154 29.82 -5.78 -52.05
C ALA A 154 30.00 -7.13 -52.75
N ALA A 155 29.00 -7.99 -52.61
CA ALA A 155 29.06 -9.33 -53.17
C ALA A 155 29.14 -9.29 -54.70
N GLU A 156 30.32 -9.59 -55.25
CA GLU A 156 30.51 -9.66 -56.69
C GLU A 156 30.18 -11.08 -57.14
N CYS A 157 28.92 -11.29 -57.51
CA CYS A 157 28.43 -12.61 -57.89
C CYS A 157 28.13 -12.66 -59.38
N PRO A 158 28.46 -13.76 -60.05
CA PRO A 158 28.05 -13.93 -61.44
C PRO A 158 26.53 -13.94 -61.55
N ALA A 159 26.05 -13.62 -62.76
CA ALA A 159 24.62 -13.46 -62.97
C ALA A 159 23.88 -14.75 -62.69
N GLY A 160 22.82 -14.65 -61.90
CA GLY A 160 21.98 -15.79 -61.60
C GLY A 160 21.76 -16.03 -60.11
N PHE A 161 22.68 -15.53 -59.28
CA PHE A 161 22.66 -15.81 -57.86
C PHE A 161 21.73 -14.84 -57.15
N VAL A 162 20.64 -15.36 -56.60
CA VAL A 162 19.70 -14.58 -55.81
C VAL A 162 20.37 -14.09 -54.53
N ARG A 163 21.36 -14.83 -54.05
CA ARG A 163 21.93 -14.62 -52.72
C ARG A 163 23.36 -15.14 -52.73
N PRO A 164 24.24 -14.58 -51.91
CA PRO A 164 25.55 -15.20 -51.70
C PRO A 164 25.39 -16.58 -51.07
N PRO A 165 25.99 -17.60 -51.66
CA PRO A 165 25.86 -18.96 -51.07
C PRO A 165 26.57 -19.04 -49.74
N LEU A 166 26.03 -19.89 -48.86
CA LEU A 166 26.58 -20.12 -47.54
C LEU A 166 27.13 -21.53 -47.48
N ILE A 167 28.45 -21.66 -47.30
CA ILE A 167 29.13 -22.94 -47.18
C ILE A 167 29.61 -23.07 -45.75
N ILE A 168 29.13 -24.08 -45.04
CA ILE A 168 29.54 -24.35 -43.68
C ILE A 168 30.60 -25.44 -43.71
N PHE A 169 31.79 -25.12 -43.20
CA PHE A 169 32.90 -26.05 -43.12
C PHE A 169 33.11 -26.40 -41.65
N SER A 170 32.75 -27.62 -41.28
CA SER A 170 32.84 -28.09 -39.89
C SER A 170 33.99 -29.08 -39.76
N VAL A 171 34.78 -28.91 -38.69
CA VAL A 171 35.88 -29.81 -38.35
C VAL A 171 35.64 -30.31 -36.92
N ASP A 172 35.66 -31.63 -36.73
CA ASP A 172 35.55 -32.21 -35.40
C ASP A 172 36.82 -32.09 -34.58
N GLY A 173 36.69 -31.66 -33.33
CA GLY A 173 37.83 -31.72 -32.43
C GLY A 173 38.91 -30.72 -32.73
N PHE A 174 38.56 -29.63 -33.41
CA PHE A 174 39.53 -28.59 -33.73
C PHE A 174 39.66 -27.69 -32.51
N ARG A 175 40.67 -27.97 -31.69
CA ARG A 175 40.94 -27.16 -30.51
C ARG A 175 41.35 -25.76 -30.94
N ALA A 176 40.98 -24.77 -30.11
CA ALA A 176 41.35 -23.40 -30.38
C ALA A 176 42.85 -23.18 -30.37
N SER A 177 43.61 -24.03 -29.67
CA SER A 177 45.06 -23.92 -29.67
C SER A 177 45.67 -24.24 -31.03
N TYR A 178 44.96 -25.01 -31.87
CA TYR A 178 45.52 -25.42 -33.15
C TYR A 178 45.78 -24.23 -34.07
N MET A 179 44.98 -23.16 -33.93
CA MET A 179 45.14 -22.01 -34.81
C MET A 179 46.48 -21.30 -34.61
N LYS A 180 47.18 -21.58 -33.52
CA LYS A 180 48.50 -21.00 -33.27
C LYS A 180 49.60 -21.62 -34.11
N LYS A 181 49.26 -22.53 -35.02
CA LYS A 181 50.27 -23.13 -35.90
C LYS A 181 50.58 -22.26 -37.11
N GLY A 182 49.73 -21.29 -37.42
CA GLY A 182 50.04 -20.30 -38.43
C GLY A 182 49.99 -20.84 -39.86
N SER A 183 50.42 -19.97 -40.78
CA SER A 183 50.41 -20.28 -42.20
C SER A 183 51.44 -21.32 -42.59
N LYS A 184 52.36 -21.69 -41.69
CA LYS A 184 53.32 -22.74 -41.98
C LYS A 184 52.61 -24.08 -42.16
N VAL A 185 51.67 -24.39 -41.28
CA VAL A 185 50.94 -25.65 -41.37
C VAL A 185 49.63 -25.48 -42.14
N MET A 186 48.90 -24.40 -41.89
CA MET A 186 47.60 -24.15 -42.51
C MET A 186 47.60 -22.78 -43.18
N PRO A 187 48.10 -22.69 -44.41
CA PRO A 187 48.09 -21.39 -45.09
C PRO A 187 46.69 -20.90 -45.45
N ASN A 188 45.82 -21.79 -45.93
CA ASN A 188 44.48 -21.37 -46.33
C ASN A 188 43.64 -20.98 -45.12
N ILE A 189 43.79 -21.70 -44.01
CA ILE A 189 42.96 -21.43 -42.84
C ILE A 189 43.36 -20.11 -42.19
N GLU A 190 44.67 -19.85 -42.12
CA GLU A 190 45.14 -18.63 -41.46
C GLU A 190 44.76 -17.38 -42.27
N LYS A 191 44.70 -17.49 -43.60
CA LYS A 191 44.30 -16.33 -44.38
C LYS A 191 42.80 -16.12 -44.33
N LEU A 192 42.00 -17.20 -44.26
CA LEU A 192 40.59 -17.04 -43.94
C LEU A 192 40.41 -16.34 -42.60
N ARG A 193 41.26 -16.69 -41.62
CA ARG A 193 41.14 -16.10 -40.29
C ARG A 193 41.56 -14.64 -40.28
N SER A 194 42.60 -14.29 -41.04
CA SER A 194 43.08 -12.92 -41.04
CA SER A 194 43.08 -12.92 -41.04
C SER A 194 42.29 -12.03 -41.99
N CYS A 195 41.73 -12.59 -43.05
CA CYS A 195 41.00 -11.79 -44.02
C CYS A 195 39.59 -11.49 -43.55
N GLY A 196 38.89 -12.51 -43.06
CA GLY A 196 37.51 -12.36 -42.68
C GLY A 196 37.31 -11.93 -41.25
N THR A 197 36.43 -12.61 -40.53
CA THR A 197 36.13 -12.31 -39.15
C THR A 197 36.41 -13.53 -38.30
N HIS A 198 36.94 -13.30 -37.10
CA HIS A 198 37.39 -14.40 -36.24
C HIS A 198 37.29 -13.97 -34.79
N SER A 199 37.31 -14.96 -33.91
CA SER A 199 37.40 -14.77 -32.48
C SER A 199 38.57 -15.60 -31.95
N PRO A 200 39.12 -15.24 -30.79
CA PRO A 200 40.17 -16.08 -30.19
C PRO A 200 39.73 -17.52 -29.99
N TYR A 201 38.45 -17.74 -29.71
CA TYR A 201 37.89 -19.08 -29.59
C TYR A 201 36.37 -18.96 -29.62
N MET A 202 35.71 -20.11 -29.77
CA MET A 202 34.27 -20.22 -29.69
C MET A 202 33.92 -21.24 -28.61
N ARG A 203 32.97 -20.88 -27.75
CA ARG A 203 32.60 -21.76 -26.65
C ARG A 203 31.55 -22.76 -27.11
N PRO A 204 31.78 -24.06 -26.93
CA PRO A 204 30.78 -25.06 -27.26
C PRO A 204 29.77 -25.22 -26.13
N VAL A 205 28.83 -26.14 -26.31
CA VAL A 205 27.85 -26.43 -25.28
C VAL A 205 28.26 -27.70 -24.56
N TYR A 206 27.73 -27.85 -23.34
CA TYR A 206 27.97 -29.06 -22.57
C TYR A 206 26.89 -30.11 -22.91
N PRO A 207 27.27 -31.39 -23.08
CA PRO A 207 28.66 -31.89 -23.04
C PRO A 207 29.40 -31.54 -24.32
N THR A 208 30.68 -31.19 -24.21
CA THR A 208 31.45 -30.80 -25.39
C THR A 208 31.75 -32.03 -26.24
N LYS A 209 30.70 -32.60 -26.84
CA LYS A 209 30.80 -33.75 -27.73
CA LYS A 209 30.80 -33.75 -27.73
C LYS A 209 30.31 -33.35 -29.11
N THR A 210 30.62 -34.18 -30.10
CA THR A 210 30.31 -33.82 -31.48
C THR A 210 28.81 -33.73 -31.73
N PHE A 211 28.07 -34.79 -31.43
CA PHE A 211 26.65 -34.83 -31.77
C PHE A 211 25.84 -33.75 -31.08
N PRO A 212 25.95 -33.51 -29.77
CA PRO A 212 25.20 -32.39 -29.17
C PRO A 212 25.61 -31.05 -29.73
N ASN A 213 26.87 -30.88 -30.09
CA ASN A 213 27.35 -29.58 -30.56
C ASN A 213 27.01 -29.34 -32.02
N LEU A 214 27.08 -30.38 -32.85
CA LEU A 214 26.75 -30.21 -34.27
C LEU A 214 25.28 -29.90 -34.46
N TYR A 215 24.41 -30.52 -33.65
CA TYR A 215 22.99 -30.19 -33.74
C TYR A 215 22.67 -28.87 -33.08
N THR A 216 23.42 -28.50 -32.04
CA THR A 216 23.26 -27.16 -31.46
C THR A 216 23.65 -26.08 -32.46
N LEU A 217 24.75 -26.30 -33.19
CA LEU A 217 25.15 -25.35 -34.23
C LEU A 217 24.07 -25.21 -35.30
N ALA A 218 23.31 -26.28 -35.56
CA ALA A 218 22.29 -26.26 -36.59
C ALA A 218 20.93 -25.77 -36.09
N THR A 219 20.71 -25.73 -34.78
CA THR A 219 19.42 -25.35 -34.24
C THR A 219 19.44 -24.09 -33.39
N GLY A 220 20.57 -23.77 -32.76
CA GLY A 220 20.63 -22.66 -31.83
C GLY A 220 20.06 -22.96 -30.47
N LEU A 221 19.79 -24.22 -30.15
CA LEU A 221 19.23 -24.62 -28.87
C LEU A 221 20.26 -25.38 -28.05
N TYR A 222 20.10 -25.34 -26.73
CA TYR A 222 20.88 -26.19 -25.85
C TYR A 222 20.50 -27.64 -26.09
N PRO A 223 21.37 -28.58 -25.71
CA PRO A 223 21.01 -30.00 -25.84
C PRO A 223 19.73 -30.38 -25.11
N GLU A 224 19.43 -29.71 -24.00
CA GLU A 224 18.19 -29.97 -23.27
C GLU A 224 16.95 -29.74 -24.12
N SER A 225 17.04 -28.90 -25.15
CA SER A 225 15.88 -28.52 -25.93
C SER A 225 15.81 -29.16 -27.31
N HIS A 226 16.95 -29.47 -27.94
CA HIS A 226 16.89 -30.17 -29.21
C HIS A 226 16.95 -31.69 -29.06
N GLY A 227 17.18 -32.19 -27.86
CA GLY A 227 17.06 -33.60 -27.56
C GLY A 227 18.32 -34.41 -27.69
N ILE A 228 19.33 -33.91 -28.39
CA ILE A 228 20.59 -34.65 -28.57
C ILE A 228 21.48 -34.25 -27.40
N VAL A 229 21.23 -34.88 -26.24
CA VAL A 229 21.95 -34.54 -25.02
C VAL A 229 23.26 -35.30 -24.87
N GLY A 230 23.63 -36.12 -25.83
CA GLY A 230 24.89 -36.83 -25.76
C GLY A 230 25.09 -37.68 -26.99
N ASN A 231 26.33 -38.15 -27.16
CA ASN A 231 26.61 -39.12 -28.21
C ASN A 231 25.85 -40.41 -27.94
N SER A 232 25.73 -40.79 -26.67
CA SER A 232 24.89 -41.90 -26.23
C SER A 232 23.84 -41.36 -25.27
N MET A 233 22.63 -41.92 -25.34
CA MET A 233 21.58 -41.52 -24.43
C MET A 233 20.51 -42.60 -24.39
N TYR A 234 19.73 -42.60 -23.31
CA TYR A 234 18.62 -43.51 -23.13
C TYR A 234 17.34 -42.69 -22.94
N ASP A 235 16.38 -42.90 -23.83
CA ASP A 235 15.07 -42.27 -23.71
C ASP A 235 14.13 -43.26 -23.05
N PRO A 236 13.68 -43.01 -21.81
CA PRO A 236 12.80 -43.99 -21.14
C PRO A 236 11.42 -44.08 -21.76
N VAL A 237 10.95 -43.04 -22.45
CA VAL A 237 9.66 -43.12 -23.13
C VAL A 237 9.75 -44.06 -24.32
N PHE A 238 10.85 -43.97 -25.09
CA PHE A 238 11.05 -44.91 -26.18
C PHE A 238 11.47 -46.28 -25.66
N ASP A 239 12.10 -46.32 -24.48
CA ASP A 239 12.77 -47.52 -23.98
C ASP A 239 13.80 -48.01 -25.01
N ALA A 240 14.61 -47.09 -25.49
CA ALA A 240 15.59 -47.37 -26.53
C ALA A 240 16.84 -46.54 -26.26
N THR A 241 17.93 -46.92 -26.95
CA THR A 241 19.23 -46.31 -26.75
C THR A 241 19.71 -45.65 -28.04
N PHE A 242 20.14 -44.40 -27.93
CA PHE A 242 20.77 -43.68 -29.03
C PHE A 242 22.27 -43.89 -28.97
N HIS A 243 22.89 -44.12 -30.12
CA HIS A 243 24.32 -44.39 -30.19
C HIS A 243 24.92 -43.68 -31.39
N LEU A 244 26.24 -43.48 -31.34
CA LEU A 244 26.96 -42.92 -32.48
C LEU A 244 26.88 -43.85 -33.67
N ARG A 245 27.28 -45.10 -33.49
CA ARG A 245 27.18 -46.10 -34.54
C ARG A 245 25.85 -46.84 -34.42
N GLY A 246 25.33 -47.25 -35.57
CA GLY A 246 24.05 -47.93 -35.63
C GLY A 246 23.00 -47.11 -36.35
N ARG A 247 21.90 -47.80 -36.68
CA ARG A 247 20.80 -47.20 -37.43
C ARG A 247 19.77 -46.52 -36.54
N GLU A 248 19.92 -46.60 -35.21
CA GLU A 248 18.97 -45.95 -34.33
C GLU A 248 19.00 -44.44 -34.47
N LYS A 249 20.18 -43.87 -34.71
CA LYS A 249 20.30 -42.42 -34.83
C LYS A 249 19.55 -41.87 -36.04
N PHE A 250 19.27 -42.70 -37.04
CA PHE A 250 18.59 -42.26 -38.26
C PHE A 250 17.10 -42.03 -38.06
N ASN A 251 16.53 -42.47 -36.94
CA ASN A 251 15.10 -42.29 -36.72
C ASN A 251 14.85 -40.87 -36.20
N HIS A 252 13.82 -40.23 -36.77
CA HIS A 252 13.58 -38.81 -36.53
C HIS A 252 13.04 -38.51 -35.14
N ARG A 253 12.60 -39.53 -34.39
CA ARG A 253 11.99 -39.29 -33.09
C ARG A 253 12.99 -38.69 -32.10
N TRP A 254 14.28 -38.95 -32.28
CA TRP A 254 15.29 -38.46 -31.34
C TRP A 254 15.54 -36.97 -31.46
N TRP A 255 15.17 -36.35 -32.57
CA TRP A 255 15.65 -35.03 -32.95
C TRP A 255 14.55 -33.99 -32.77
N GLY A 256 14.79 -33.02 -31.88
CA GLY A 256 13.89 -31.91 -31.67
C GLY A 256 14.39 -30.66 -32.36
N GLY A 257 13.71 -29.55 -32.07
CA GLY A 257 14.06 -28.31 -32.71
C GLY A 257 13.87 -28.35 -34.21
N GLN A 258 14.35 -27.29 -34.86
CA GLN A 258 14.27 -27.15 -36.30
C GLN A 258 15.65 -26.79 -36.83
N PRO A 259 16.38 -27.73 -37.42
CA PRO A 259 17.72 -27.44 -37.91
C PRO A 259 17.69 -26.51 -39.11
N LEU A 260 18.88 -26.02 -39.47
CA LEU A 260 18.99 -24.97 -40.49
C LEU A 260 18.46 -25.43 -41.84
N TRP A 261 18.72 -26.69 -42.21
CA TRP A 261 18.29 -27.14 -43.53
C TRP A 261 16.78 -27.33 -43.60
N ILE A 262 16.13 -27.61 -42.47
CA ILE A 262 14.67 -27.68 -42.45
C ILE A 262 14.07 -26.28 -42.45
N THR A 263 14.72 -25.34 -41.76
CA THR A 263 14.25 -23.96 -41.77
C THR A 263 14.35 -23.37 -43.17
N ALA A 264 15.42 -23.69 -43.89
CA ALA A 264 15.57 -23.20 -45.25
C ALA A 264 14.55 -23.83 -46.17
N THR A 265 14.37 -25.16 -46.08
CA THR A 265 13.41 -25.85 -46.92
C THR A 265 12.00 -25.32 -46.71
N LYS A 266 11.62 -25.06 -45.46
CA LYS A 266 10.26 -24.61 -45.17
C LYS A 266 9.99 -23.21 -45.70
N GLN A 267 11.02 -22.39 -45.87
CA GLN A 267 10.86 -21.01 -46.34
C GLN A 267 11.30 -20.85 -47.79
N GLY A 268 11.27 -21.91 -48.58
CA GLY A 268 11.53 -21.83 -50.00
C GLY A 268 12.97 -21.65 -50.41
N VAL A 269 13.92 -21.89 -49.51
CA VAL A 269 15.34 -21.79 -49.83
C VAL A 269 15.90 -23.20 -49.86
N LYS A 270 16.30 -23.65 -51.05
CA LYS A 270 16.78 -25.02 -51.19
C LYS A 270 18.12 -25.21 -50.49
N ALA A 271 18.25 -26.33 -49.78
CA ALA A 271 19.44 -26.65 -49.02
C ALA A 271 20.23 -27.81 -49.60
N GLY A 272 19.56 -28.82 -50.15
CA GLY A 272 20.25 -29.99 -50.67
C GLY A 272 20.45 -31.02 -49.58
N THR A 273 21.67 -31.56 -49.50
CA THR A 273 22.03 -32.57 -48.51
C THR A 273 23.23 -32.08 -47.72
N PHE A 274 23.06 -31.93 -46.42
CA PHE A 274 24.14 -31.49 -45.53
C PHE A 274 25.08 -32.62 -45.16
N PHE A 275 24.67 -33.87 -45.35
CA PHE A 275 25.35 -35.02 -44.77
C PHE A 275 26.13 -35.79 -45.82
N TRP A 276 27.18 -36.46 -45.36
CA TRP A 276 28.07 -37.20 -46.24
C TRP A 276 28.35 -38.57 -45.64
N SER A 277 28.10 -39.61 -46.41
CA SER A 277 28.47 -40.95 -45.98
C SER A 277 29.98 -41.04 -45.80
N VAL A 278 30.41 -41.74 -44.74
CA VAL A 278 31.77 -41.61 -44.25
C VAL A 278 32.82 -42.12 -45.23
N VAL A 279 32.43 -42.94 -46.22
CA VAL A 279 33.43 -43.45 -47.16
C VAL A 279 33.70 -42.42 -48.26
N ILE A 280 32.73 -41.58 -48.59
CA ILE A 280 32.89 -40.52 -49.58
C ILE A 280 34.08 -39.65 -49.17
N PRO A 281 35.15 -39.59 -49.96
CA PRO A 281 36.33 -38.84 -49.55
C PRO A 281 36.06 -37.34 -49.48
N HIS A 282 36.93 -36.65 -48.75
CA HIS A 282 36.78 -35.21 -48.56
C HIS A 282 36.85 -34.47 -49.89
N GLU A 283 37.77 -34.87 -50.76
CA GLU A 283 37.90 -34.21 -52.06
C GLU A 283 36.65 -34.40 -52.89
N ARG A 284 36.06 -35.60 -52.86
CA ARG A 284 34.81 -35.83 -53.58
C ARG A 284 33.68 -34.99 -53.01
N ARG A 285 33.66 -34.81 -51.69
CA ARG A 285 32.64 -33.95 -51.08
C ARG A 285 32.79 -32.51 -51.56
N ILE A 286 34.03 -32.04 -51.74
CA ILE A 286 34.25 -30.67 -52.19
C ILE A 286 33.84 -30.53 -53.66
N LEU A 287 34.26 -31.47 -54.51
CA LEU A 287 33.87 -31.43 -55.91
C LEU A 287 32.36 -31.55 -56.08
N THR A 288 31.70 -32.30 -55.20
CA THR A 288 30.24 -32.38 -55.25
C THR A 288 29.60 -31.03 -54.97
N ILE A 289 30.10 -30.32 -53.96
CA ILE A 289 29.56 -29.02 -53.61
C ILE A 289 29.78 -28.02 -54.74
N LEU A 290 30.99 -28.02 -55.32
CA LEU A 290 31.28 -27.11 -56.42
C LEU A 290 30.43 -27.44 -57.64
N GLN A 291 30.21 -28.73 -57.89
CA GLN A 291 29.36 -29.13 -59.02
C GLN A 291 27.92 -28.68 -58.80
N TRP A 292 27.41 -28.78 -57.57
CA TRP A 292 26.08 -28.27 -57.28
C TRP A 292 25.99 -26.77 -57.55
N LEU A 293 27.08 -26.05 -57.32
CA LEU A 293 27.09 -24.60 -57.53
C LEU A 293 26.98 -24.21 -59.01
N THR A 294 27.13 -25.15 -59.94
CA THR A 294 26.93 -24.87 -61.35
C THR A 294 25.59 -25.36 -61.88
N LEU A 295 24.74 -25.92 -61.01
CA LEU A 295 23.40 -26.30 -61.41
C LEU A 295 22.62 -25.05 -61.84
N PRO A 296 21.54 -25.23 -62.60
CA PRO A 296 20.69 -24.08 -62.96
C PRO A 296 20.19 -23.34 -61.72
N ASP A 297 19.65 -22.15 -61.96
CA ASP A 297 19.30 -21.24 -60.87
C ASP A 297 18.33 -21.88 -59.89
N HIS A 298 17.21 -22.39 -60.39
CA HIS A 298 16.14 -22.88 -59.53
C HIS A 298 16.32 -24.35 -59.17
N GLU A 299 17.53 -24.89 -59.35
CA GLU A 299 17.89 -26.21 -58.83
C GLU A 299 19.14 -26.16 -57.99
N ARG A 300 19.75 -24.98 -57.81
CA ARG A 300 21.02 -24.84 -57.12
C ARG A 300 20.75 -24.46 -55.67
N PRO A 301 21.21 -25.25 -54.69
CA PRO A 301 21.00 -24.88 -53.28
C PRO A 301 21.74 -23.59 -52.93
N SER A 302 21.25 -22.94 -51.88
CA SER A 302 21.85 -21.71 -51.38
CA SER A 302 21.84 -21.71 -51.38
C SER A 302 22.75 -21.93 -50.19
N VAL A 303 22.49 -22.95 -49.37
CA VAL A 303 23.31 -23.28 -48.22
C VAL A 303 23.90 -24.66 -48.43
N TYR A 304 25.16 -24.82 -48.04
CA TYR A 304 25.88 -26.08 -48.16
C TYR A 304 26.62 -26.35 -46.86
N ALA A 305 26.93 -27.61 -46.62
CA ALA A 305 27.63 -28.01 -45.41
C ALA A 305 28.64 -29.10 -45.72
N PHE A 306 29.88 -28.89 -45.26
CA PHE A 306 30.93 -29.88 -45.28
C PHE A 306 31.34 -30.16 -43.84
N TYR A 307 31.50 -31.43 -43.50
CA TYR A 307 32.05 -31.79 -42.20
C TYR A 307 33.23 -32.74 -42.39
N SER A 308 34.20 -32.64 -41.47
CA SER A 308 35.39 -33.46 -41.50
CA SER A 308 35.40 -33.45 -41.49
C SER A 308 35.57 -34.12 -40.14
N GLU A 309 35.92 -35.40 -40.15
CA GLU A 309 36.14 -36.16 -38.92
C GLU A 309 37.50 -35.89 -38.30
N GLN A 310 38.38 -35.13 -38.98
CA GLN A 310 39.66 -34.72 -38.44
C GLN A 310 39.59 -33.29 -37.95
N PRO A 311 40.39 -32.92 -36.94
CA PRO A 311 41.41 -33.73 -36.26
C PRO A 311 40.92 -34.42 -34.99
N ASP A 312 39.66 -34.89 -35.00
CA ASP A 312 39.11 -35.62 -33.85
C ASP A 312 39.78 -36.98 -33.72
N PHE A 313 39.90 -37.72 -34.83
CA PHE A 313 40.48 -39.07 -34.79
C PHE A 313 41.93 -39.03 -34.32
N SER A 314 42.78 -38.26 -35.01
CA SER A 314 44.17 -38.17 -34.60
C SER A 314 44.31 -37.54 -33.23
N GLY A 315 43.42 -36.61 -32.88
CA GLY A 315 43.44 -36.03 -31.55
C GLY A 315 43.14 -37.03 -30.45
N HIS A 316 42.30 -38.03 -30.74
CA HIS A 316 42.03 -39.08 -29.76
C HIS A 316 43.22 -40.03 -29.65
N LYS A 317 43.89 -40.32 -30.77
CA LYS A 317 44.97 -41.30 -30.76
C LYS A 317 46.24 -40.75 -30.12
N TYR A 318 46.54 -39.47 -30.35
CA TYR A 318 47.81 -38.90 -29.93
C TYR A 318 47.68 -37.76 -28.91
N GLY A 319 46.49 -37.20 -28.73
CA GLY A 319 46.32 -36.08 -27.83
C GLY A 319 46.38 -34.75 -28.57
N PRO A 320 46.01 -33.66 -27.87
CA PRO A 320 46.00 -32.36 -28.54
C PRO A 320 47.38 -31.80 -28.85
N PHE A 321 48.42 -32.25 -28.16
CA PHE A 321 49.77 -31.70 -28.34
C PHE A 321 50.73 -32.72 -28.92
N GLY A 322 50.24 -33.80 -29.50
CA GLY A 322 51.09 -34.78 -30.12
C GLY A 322 51.74 -34.25 -31.38
N PRO A 323 53.01 -34.60 -31.59
CA PRO A 323 53.68 -34.18 -32.84
C PRO A 323 53.02 -34.74 -34.08
N GLU A 324 52.25 -35.82 -33.97
CA GLU A 324 51.51 -36.35 -35.09
C GLU A 324 50.33 -35.48 -35.50
N MET A 325 49.98 -34.48 -34.69
CA MET A 325 48.84 -33.62 -34.99
C MET A 325 49.10 -32.68 -36.17
N THR A 326 50.36 -32.46 -36.53
CA THR A 326 50.66 -31.55 -37.63
C THR A 326 50.14 -32.09 -38.95
N ASN A 327 50.20 -33.40 -39.15
CA ASN A 327 49.82 -33.99 -40.43
C ASN A 327 48.34 -33.79 -40.77
N PRO A 328 47.38 -34.14 -39.89
CA PRO A 328 45.97 -33.94 -40.28
C PRO A 328 45.60 -32.49 -40.49
N LEU A 329 46.21 -31.57 -39.74
CA LEU A 329 45.93 -30.15 -39.93
C LEU A 329 46.46 -29.63 -41.25
N ARG A 330 47.48 -30.28 -41.82
CA ARG A 330 47.87 -29.97 -43.19
C ARG A 330 46.85 -30.51 -44.18
N GLU A 331 46.37 -31.73 -43.95
CA GLU A 331 45.38 -32.32 -44.86
C GLU A 331 44.04 -31.59 -44.79
N ILE A 332 43.70 -31.04 -43.64
CA ILE A 332 42.47 -30.25 -43.53
C ILE A 332 42.61 -28.95 -44.31
N ASP A 333 43.76 -28.29 -44.19
CA ASP A 333 43.99 -27.06 -44.95
C ASP A 333 44.08 -27.33 -46.45
N LYS A 334 44.51 -28.53 -46.84
CA LYS A 334 44.47 -28.90 -48.25
C LYS A 334 43.04 -28.93 -48.77
N ILE A 335 42.12 -29.51 -47.98
CA ILE A 335 40.72 -29.53 -48.36
C ILE A 335 40.16 -28.12 -48.43
N VAL A 336 40.54 -27.27 -47.45
CA VAL A 336 40.14 -25.87 -47.49
C VAL A 336 40.71 -25.20 -48.72
N GLY A 337 41.95 -25.55 -49.09
CA GLY A 337 42.54 -24.99 -50.29
C GLY A 337 41.79 -25.41 -51.55
N GLN A 338 41.33 -26.66 -51.59
CA GLN A 338 40.57 -27.13 -52.75
C GLN A 338 39.24 -26.37 -52.86
N LEU A 339 38.57 -26.14 -51.73
CA LEU A 339 37.29 -25.44 -51.77
C LEU A 339 37.46 -24.01 -52.25
N MET A 340 38.43 -23.29 -51.67
CA MET A 340 38.64 -21.90 -52.04
C MET A 340 39.21 -21.77 -53.45
N ASP A 341 40.07 -22.71 -53.87
CA ASP A 341 40.52 -22.71 -55.26
C ASP A 341 39.35 -22.93 -56.21
N GLY A 342 38.45 -23.85 -55.87
CA GLY A 342 37.28 -24.08 -56.71
C GLY A 342 36.33 -22.91 -56.73
N LEU A 343 36.17 -22.24 -55.58
CA LEU A 343 35.29 -21.08 -55.53
C LEU A 343 35.84 -19.93 -56.38
N LYS A 344 37.15 -19.71 -56.32
CA LYS A 344 37.76 -18.72 -57.21
C LYS A 344 37.68 -19.18 -58.66
N GLN A 345 37.89 -20.47 -58.91
CA GLN A 345 37.76 -21.01 -60.25
C GLN A 345 36.34 -20.83 -60.78
N LEU A 346 35.34 -20.89 -59.91
CA LEU A 346 33.95 -20.67 -60.28
C LEU A 346 33.57 -19.20 -60.28
N LYS A 347 34.51 -18.29 -60.04
CA LYS A 347 34.24 -16.86 -59.92
C LYS A 347 33.25 -16.57 -58.81
N LEU A 348 33.36 -17.31 -57.71
CA LEU A 348 32.50 -17.13 -56.55
C LEU A 348 33.27 -16.83 -55.28
N HIS A 349 34.59 -16.67 -55.36
CA HIS A 349 35.40 -16.43 -54.17
C HIS A 349 35.11 -15.08 -53.53
N ARG A 350 34.48 -14.15 -54.26
CA ARG A 350 34.08 -12.86 -53.72
C ARG A 350 32.56 -12.75 -53.58
N CYS A 351 31.87 -13.89 -53.50
CA CYS A 351 30.42 -13.90 -53.32
C CYS A 351 30.03 -14.86 -52.20
N VAL A 352 30.59 -16.07 -52.21
CA VAL A 352 30.24 -17.08 -51.22
C VAL A 352 30.62 -16.62 -49.83
N ASN A 353 29.78 -16.94 -48.84
CA ASN A 353 30.11 -16.80 -47.44
C ASN A 353 30.58 -18.16 -46.93
N VAL A 354 31.71 -18.18 -46.22
CA VAL A 354 32.30 -19.41 -45.72
C VAL A 354 32.42 -19.32 -44.21
N ILE A 355 31.93 -20.34 -43.51
CA ILE A 355 32.00 -20.44 -42.06
C ILE A 355 32.86 -21.65 -41.72
N PHE A 356 34.08 -21.41 -41.24
CA PHE A 356 34.95 -22.47 -40.75
C PHE A 356 34.73 -22.57 -39.25
N VAL A 357 34.11 -23.65 -38.81
CA VAL A 357 33.66 -23.77 -37.43
C VAL A 357 34.03 -25.15 -36.89
N GLY A 358 34.27 -25.21 -35.58
CA GLY A 358 34.49 -26.45 -34.88
C GLY A 358 33.40 -26.67 -33.84
N ASP A 359 33.36 -27.89 -33.31
CA ASP A 359 32.33 -28.22 -32.33
C ASP A 359 32.87 -28.48 -30.95
N HIS A 360 34.13 -28.88 -30.83
CA HIS A 360 34.69 -29.24 -29.53
C HIS A 360 36.21 -29.20 -29.63
N GLY A 361 36.85 -29.03 -28.49
CA GLY A 361 38.30 -29.05 -28.39
C GLY A 361 38.83 -30.45 -28.16
N MET A 362 39.99 -30.52 -27.53
CA MET A 362 40.58 -31.81 -27.19
C MET A 362 41.49 -31.65 -25.97
N GLU A 363 41.46 -32.64 -25.08
CA GLU A 363 42.23 -32.60 -23.84
C GLU A 363 43.05 -33.88 -23.70
N ASP A 364 44.20 -33.76 -23.04
CA ASP A 364 45.06 -34.91 -22.76
C ASP A 364 44.37 -35.83 -21.77
N VAL A 365 44.05 -37.05 -22.21
CA VAL A 365 43.41 -38.05 -21.35
C VAL A 365 44.08 -39.39 -21.58
N THR A 366 44.53 -40.02 -20.49
CA THR A 366 45.07 -41.36 -20.53
C THR A 366 44.21 -42.28 -19.67
N CYS A 367 44.36 -43.59 -19.89
CA CYS A 367 43.62 -44.57 -19.12
C CYS A 367 44.08 -44.64 -17.67
N ASP A 368 45.33 -44.26 -17.40
CA ASP A 368 45.80 -44.25 -16.02
C ASP A 368 45.08 -43.21 -15.19
N ARG A 369 44.41 -42.25 -15.84
CA ARG A 369 43.63 -41.24 -15.14
C ARG A 369 42.14 -41.52 -15.31
N THR A 370 41.69 -42.69 -14.86
CA THR A 370 40.28 -43.07 -14.91
C THR A 370 39.83 -43.43 -13.51
N GLU A 371 38.83 -42.70 -13.00
CA GLU A 371 38.22 -43.05 -11.74
C GLU A 371 37.17 -44.12 -11.94
N PHE A 372 37.03 -45.00 -10.95
CA PHE A 372 36.11 -46.13 -11.03
C PHE A 372 35.11 -46.05 -9.89
N LEU A 373 33.83 -46.15 -10.23
CA LEU A 373 32.77 -46.09 -9.23
C LEU A 373 32.82 -47.27 -8.27
N SER A 374 33.38 -48.41 -8.71
CA SER A 374 33.48 -49.57 -7.83
C SER A 374 34.40 -49.31 -6.63
N ASN A 375 35.21 -48.25 -6.68
CA ASN A 375 35.96 -47.82 -5.51
C ASN A 375 35.12 -46.98 -4.55
N TYR A 376 33.92 -46.58 -4.95
CA TYR A 376 33.08 -45.72 -4.13
C TYR A 376 31.77 -46.37 -3.69
N LEU A 377 31.12 -47.12 -4.58
CA LEU A 377 29.80 -47.67 -4.30
C LEU A 377 29.91 -49.13 -3.90
N THR A 378 29.08 -49.53 -2.93
CA THR A 378 29.11 -50.92 -2.47
C THR A 378 28.68 -51.88 -3.56
N ASN A 379 27.72 -51.47 -4.40
CA ASN A 379 27.28 -52.29 -5.52
C ASN A 379 27.17 -51.41 -6.76
N VAL A 380 27.79 -51.87 -7.85
CA VAL A 380 27.75 -51.20 -9.13
C VAL A 380 27.02 -52.01 -10.18
N ASP A 381 26.52 -53.19 -9.83
CA ASP A 381 25.76 -54.02 -10.77
C ASP A 381 24.31 -53.56 -10.93
N ASP A 382 23.80 -52.76 -10.00
CA ASP A 382 22.43 -52.28 -10.04
C ASP A 382 22.28 -50.94 -10.74
N ILE A 383 23.35 -50.41 -11.33
CA ILE A 383 23.34 -49.10 -11.95
C ILE A 383 23.93 -49.20 -13.35
N THR A 384 23.39 -48.40 -14.27
CA THR A 384 23.95 -48.22 -15.60
C THR A 384 24.62 -46.85 -15.64
N LEU A 385 25.86 -46.82 -16.11
CA LEU A 385 26.64 -45.58 -16.14
C LEU A 385 27.06 -45.27 -17.58
N VAL A 386 26.85 -44.02 -17.98
CA VAL A 386 27.44 -43.50 -19.21
C VAL A 386 28.84 -43.04 -18.87
N PRO A 387 29.89 -43.75 -19.30
CA PRO A 387 31.23 -43.42 -18.84
C PRO A 387 31.92 -42.37 -19.70
N GLY A 388 33.17 -42.05 -19.36
CA GLY A 388 33.96 -41.12 -20.16
C GLY A 388 34.23 -39.81 -19.46
N THR A 389 34.28 -38.72 -20.23
CA THR A 389 34.53 -37.39 -19.69
C THR A 389 33.33 -36.82 -18.94
N LEU A 390 32.26 -37.59 -18.79
CA LEU A 390 31.11 -37.19 -17.99
C LEU A 390 30.41 -38.46 -17.51
N GLY A 391 29.68 -38.33 -16.41
CA GLY A 391 29.00 -39.47 -15.85
C GLY A 391 27.51 -39.27 -15.68
N ARG A 392 26.72 -40.18 -16.22
CA ARG A 392 25.27 -40.18 -16.04
C ARG A 392 24.87 -41.55 -15.48
N ILE A 393 24.22 -41.55 -14.32
CA ILE A 393 23.91 -42.77 -13.58
C ILE A 393 22.40 -42.92 -13.48
N ARG A 394 21.91 -44.08 -13.91
CA ARG A 394 20.51 -44.45 -13.75
C ARG A 394 20.45 -45.88 -13.25
N SER A 395 19.25 -46.31 -12.84
CA SER A 395 19.06 -47.68 -12.41
C SER A 395 19.16 -48.62 -13.60
N LYS A 396 19.80 -49.77 -13.39
CA LYS A 396 19.91 -50.75 -14.45
C LYS A 396 18.64 -51.57 -14.64
N PHE A 397 17.74 -51.57 -13.66
CA PHE A 397 16.53 -52.39 -13.71
C PHE A 397 15.29 -51.53 -13.51
N SER A 398 14.28 -51.79 -14.33
CA SER A 398 13.00 -51.09 -14.22
C SER A 398 12.44 -51.22 -12.80
N ASN A 399 12.33 -52.45 -12.32
CA ASN A 399 11.76 -52.73 -11.01
C ASN A 399 12.93 -52.98 -10.05
N ASN A 400 13.39 -51.91 -9.41
CA ASN A 400 14.45 -52.02 -8.40
C ASN A 400 14.19 -50.92 -7.38
N ALA A 401 13.31 -51.22 -6.43
CA ALA A 401 13.02 -50.29 -5.34
C ALA A 401 14.18 -50.19 -4.35
N LYS A 402 15.17 -51.08 -4.45
CA LYS A 402 16.37 -50.99 -3.63
C LYS A 402 17.36 -49.94 -4.16
N TYR A 403 17.03 -49.28 -5.26
CA TYR A 403 17.88 -48.25 -5.84
C TYR A 403 17.46 -46.89 -5.30
N ASP A 404 18.41 -46.16 -4.73
CA ASP A 404 18.11 -44.84 -4.19
C ASP A 404 19.19 -43.84 -4.59
N PRO A 405 18.83 -42.74 -5.25
CA PRO A 405 19.85 -41.77 -5.66
C PRO A 405 20.55 -41.09 -4.49
N LYS A 406 19.86 -40.92 -3.35
CA LYS A 406 20.46 -40.24 -2.22
C LYS A 406 21.65 -41.03 -1.65
N ALA A 407 21.60 -42.36 -1.72
CA ALA A 407 22.71 -43.16 -1.22
C ALA A 407 23.91 -43.08 -2.16
N ILE A 408 23.66 -43.07 -3.48
CA ILE A 408 24.75 -43.02 -4.44
C ILE A 408 25.41 -41.64 -4.41
N ILE A 409 24.61 -40.57 -4.39
CA ILE A 409 25.16 -39.23 -4.35
C ILE A 409 26.00 -39.04 -3.09
N ALA A 410 25.50 -39.50 -1.95
CA ALA A 410 26.24 -39.37 -0.70
C ALA A 410 27.52 -40.18 -0.73
N ALA A 411 27.47 -41.39 -1.30
CA ALA A 411 28.66 -42.23 -1.39
C ALA A 411 29.67 -41.69 -2.39
N LEU A 412 29.31 -40.71 -3.21
CA LEU A 412 30.20 -40.12 -4.18
C LEU A 412 30.62 -38.70 -3.82
N THR A 413 30.20 -38.19 -2.66
CA THR A 413 30.37 -36.79 -2.30
C THR A 413 31.54 -36.64 -1.34
N CYS A 414 32.66 -36.10 -1.84
CA CYS A 414 33.85 -35.79 -1.04
C CYS A 414 34.27 -36.99 -0.19
N LYS A 415 34.39 -38.15 -0.83
CA LYS A 415 34.74 -39.37 -0.12
C LYS A 415 36.24 -39.64 -0.13
N LYS A 416 36.96 -39.14 -1.12
CA LYS A 416 38.39 -39.35 -1.20
C LYS A 416 39.09 -38.04 -1.47
N PRO A 417 40.26 -37.81 -0.87
CA PRO A 417 41.08 -36.67 -1.26
C PRO A 417 41.52 -36.83 -2.71
N ASP A 418 41.75 -35.70 -3.37
CA ASP A 418 42.17 -35.68 -4.77
C ASP A 418 41.14 -36.35 -5.67
N GLN A 419 39.86 -36.24 -5.32
CA GLN A 419 38.80 -36.82 -6.14
C GLN A 419 38.62 -36.02 -7.42
N HIS A 420 38.57 -36.72 -8.55
CA HIS A 420 38.58 -36.08 -9.86
C HIS A 420 37.21 -36.06 -10.52
N PHE A 421 36.14 -36.12 -9.72
CA PHE A 421 34.79 -35.94 -10.23
C PHE A 421 33.93 -35.40 -9.10
N LYS A 422 32.78 -34.82 -9.47
CA LYS A 422 31.87 -34.29 -8.48
C LYS A 422 30.45 -34.72 -8.86
N PRO A 423 29.70 -35.32 -7.94
CA PRO A 423 28.33 -35.73 -8.25
C PRO A 423 27.34 -34.58 -8.06
N TYR A 424 26.34 -34.55 -8.94
CA TYR A 424 25.28 -33.56 -8.88
C TYR A 424 23.95 -34.21 -9.19
N LEU A 425 22.92 -33.82 -8.46
CA LEU A 425 21.58 -33.89 -9.03
C LEU A 425 21.51 -32.87 -10.16
N LYS A 426 20.91 -33.26 -11.30
CA LYS A 426 21.03 -32.45 -12.50
C LYS A 426 20.49 -31.03 -12.30
N GLN A 427 19.51 -30.85 -11.42
CA GLN A 427 19.02 -29.52 -11.11
C GLN A 427 20.08 -28.67 -10.40
N HIS A 428 21.02 -29.30 -9.71
CA HIS A 428 22.04 -28.59 -8.95
C HIS A 428 23.29 -28.29 -9.77
N LEU A 429 23.36 -28.74 -11.02
CA LEU A 429 24.45 -28.36 -11.90
C LEU A 429 24.45 -26.84 -12.11
N PRO A 430 25.60 -26.24 -12.37
CA PRO A 430 25.63 -24.80 -12.67
C PRO A 430 24.68 -24.46 -13.80
N LYS A 431 23.87 -23.41 -13.58
CA LYS A 431 22.82 -23.06 -14.53
C LYS A 431 23.40 -22.66 -15.89
N ARG A 432 24.67 -22.27 -15.95
CA ARG A 432 25.29 -21.96 -17.23
C ARG A 432 25.38 -23.16 -18.15
N LEU A 433 25.35 -24.38 -17.59
CA LEU A 433 25.42 -25.58 -18.42
C LEU A 433 24.11 -25.80 -19.18
N HIS A 434 22.99 -25.32 -18.64
CA HIS A 434 21.68 -25.43 -19.27
C HIS A 434 21.34 -26.88 -19.62
N TYR A 435 21.58 -27.76 -18.65
CA TYR A 435 21.29 -29.17 -18.81
C TYR A 435 19.97 -29.52 -18.13
N ALA A 436 19.87 -30.72 -17.56
CA ALA A 436 18.79 -31.10 -16.66
C ALA A 436 17.41 -31.24 -17.30
N ASN A 437 16.96 -30.24 -18.06
CA ASN A 437 15.56 -30.19 -18.51
C ASN A 437 15.34 -31.11 -19.71
N ASN A 438 15.47 -32.41 -19.47
CA ASN A 438 15.21 -33.41 -20.50
C ASN A 438 15.14 -34.78 -19.83
N ARG A 439 14.21 -35.61 -20.29
CA ARG A 439 14.05 -36.95 -19.72
C ARG A 439 15.22 -37.87 -20.07
N ARG A 440 15.96 -37.56 -21.13
CA ARG A 440 17.15 -38.33 -21.46
C ARG A 440 18.36 -37.96 -20.60
N ILE A 441 18.23 -36.96 -19.74
CA ILE A 441 19.29 -36.55 -18.83
C ILE A 441 19.00 -37.18 -17.48
N GLU A 442 19.87 -38.09 -17.05
CA GLU A 442 19.65 -38.81 -15.80
C GLU A 442 19.73 -37.87 -14.61
N ASP A 443 19.08 -38.29 -13.51
CA ASP A 443 19.05 -37.46 -12.31
C ASP A 443 20.43 -37.29 -11.71
N ILE A 444 21.28 -38.31 -11.79
CA ILE A 444 22.62 -38.27 -11.22
C ILE A 444 23.60 -37.94 -12.34
N HIS A 445 24.32 -36.83 -12.19
CA HIS A 445 25.33 -36.40 -13.14
C HIS A 445 26.67 -36.25 -12.43
N LEU A 446 27.74 -36.69 -13.08
CA LEU A 446 29.09 -36.56 -12.57
C LEU A 446 29.84 -35.59 -13.47
N LEU A 447 30.17 -34.41 -12.93
CA LEU A 447 31.03 -33.46 -13.62
C LEU A 447 32.48 -33.88 -13.40
N VAL A 448 33.15 -34.29 -14.47
CA VAL A 448 34.46 -34.90 -14.38
C VAL A 448 35.54 -33.84 -14.57
N GLU A 449 36.55 -33.86 -13.69
CA GLU A 449 37.67 -32.95 -13.81
C GLU A 449 38.39 -33.15 -15.14
N ARG A 450 38.89 -32.06 -15.71
CA ARG A 450 39.62 -32.14 -16.97
C ARG A 450 40.80 -33.10 -16.85
N ARG A 451 41.14 -33.72 -17.98
CA ARG A 451 42.21 -34.71 -18.13
C ARG A 451 41.90 -36.04 -17.45
N TRP A 452 40.66 -36.28 -17.03
CA TRP A 452 40.33 -37.49 -16.29
C TRP A 452 39.12 -38.19 -16.90
N HIS A 453 39.02 -39.48 -16.63
CA HIS A 453 37.90 -40.30 -17.03
C HIS A 453 37.22 -40.88 -15.79
N VAL A 454 35.97 -41.29 -15.97
CA VAL A 454 35.24 -42.03 -14.95
C VAL A 454 34.57 -43.23 -15.62
N ALA A 455 34.58 -44.36 -14.94
CA ALA A 455 33.99 -45.59 -15.46
C ALA A 455 33.42 -46.37 -14.29
N ARG A 456 32.62 -47.39 -14.60
CA ARG A 456 31.94 -48.12 -13.54
C ARG A 456 32.88 -49.11 -12.86
N LYS A 457 33.43 -50.04 -13.64
CA LYS A 457 34.37 -51.04 -13.15
C LYS A 457 35.63 -51.01 -13.99
N PRO A 458 36.74 -51.56 -13.47
CA PRO A 458 37.91 -51.76 -14.31
C PRO A 458 37.69 -52.80 -15.40
N LEU A 459 36.66 -53.63 -15.30
CA LEU A 459 36.41 -54.65 -16.32
C LEU A 459 35.86 -54.05 -17.60
N ASP A 460 34.99 -53.03 -17.49
CA ASP A 460 34.44 -52.31 -18.64
C ASP A 460 35.44 -51.40 -19.30
N TYR A 462 36.70 -51.54 -18.89
CA TYR A 462 37.77 -50.67 -19.30
C TYR A 462 38.83 -51.37 -20.14
N LYS A 463 38.87 -52.69 -20.11
CA LYS A 463 39.74 -53.47 -20.99
C LYS A 463 38.90 -54.22 -22.01
N CYS A 469 47.86 -48.33 -23.87
CA CYS A 469 46.66 -47.56 -23.67
C CYS A 469 46.08 -47.03 -24.98
N PHE A 470 44.79 -47.28 -25.19
CA PHE A 470 44.20 -47.13 -26.52
C PHE A 470 44.02 -45.68 -26.96
N PHE A 471 43.93 -44.73 -26.02
CA PHE A 471 43.64 -43.35 -26.38
C PHE A 471 44.55 -42.40 -25.61
N GLN A 472 44.82 -41.25 -26.22
CA GLN A 472 45.61 -40.20 -25.60
C GLN A 472 44.92 -38.84 -25.57
N GLY A 473 43.74 -38.73 -26.17
CA GLY A 473 42.98 -37.49 -26.13
C GLY A 473 41.50 -37.77 -26.05
N ASP A 474 40.79 -36.86 -25.39
CA ASP A 474 39.35 -36.99 -25.22
C ASP A 474 38.75 -35.62 -24.95
N HIS A 475 37.42 -35.57 -24.92
CA HIS A 475 36.68 -34.33 -24.77
C HIS A 475 35.31 -34.64 -24.19
N GLY A 476 34.66 -33.60 -23.68
CA GLY A 476 33.32 -33.74 -23.13
C GLY A 476 33.15 -33.03 -21.80
N PHE A 477 34.21 -32.40 -21.31
CA PHE A 477 34.20 -31.78 -19.99
C PHE A 477 33.31 -30.54 -19.99
N ASP A 478 33.35 -29.80 -18.88
CA ASP A 478 32.67 -28.51 -18.79
C ASP A 478 33.05 -27.62 -19.96
N ASN A 479 32.04 -26.94 -20.52
CA ASN A 479 32.29 -26.14 -21.72
C ASN A 479 33.07 -24.86 -21.44
N LYS A 480 33.40 -24.57 -20.18
CA LYS A 480 34.27 -23.45 -19.87
C LYS A 480 35.74 -23.85 -19.81
N VAL A 481 36.04 -25.15 -19.81
CA VAL A 481 37.43 -25.61 -19.78
C VAL A 481 38.15 -25.12 -21.02
N ASN A 482 39.39 -24.67 -20.85
CA ASN A 482 40.13 -24.05 -21.93
C ASN A 482 40.33 -25.00 -23.10
N SER A 483 40.73 -26.25 -22.81
CA SER A 483 41.01 -27.21 -23.87
C SER A 483 39.78 -27.60 -24.68
N MET A 484 38.58 -27.28 -24.19
CA MET A 484 37.35 -27.58 -24.92
C MET A 484 36.93 -26.45 -25.85
N GLN A 485 37.54 -25.28 -25.75
CA GLN A 485 37.22 -24.17 -26.64
C GLN A 485 37.58 -24.53 -28.07
N THR A 486 36.72 -24.18 -29.01
CA THR A 486 36.90 -24.48 -30.42
C THR A 486 37.05 -23.17 -31.19
N VAL A 487 36.96 -23.26 -32.53
CA VAL A 487 37.27 -22.13 -33.39
C VAL A 487 36.06 -21.73 -34.22
N PHE A 488 36.06 -20.47 -34.65
CA PHE A 488 35.11 -19.96 -35.62
C PHE A 488 35.84 -18.97 -36.54
N VAL A 489 35.58 -19.07 -37.84
CA VAL A 489 36.07 -18.10 -38.81
C VAL A 489 34.96 -17.80 -39.81
N GLY A 490 34.68 -16.53 -40.02
CA GLY A 490 33.71 -16.13 -41.01
C GLY A 490 34.33 -15.28 -42.11
N TYR A 491 34.31 -15.78 -43.35
CA TYR A 491 34.88 -15.07 -44.49
C TYR A 491 33.86 -15.02 -45.61
N GLY A 492 33.65 -13.84 -46.17
CA GLY A 492 32.80 -13.73 -47.35
C GLY A 492 32.23 -12.33 -47.49
N SER A 493 31.23 -12.25 -48.38
CA SER A 493 30.62 -10.97 -48.74
C SER A 493 30.11 -10.23 -47.51
N THR A 494 29.25 -10.88 -46.72
CA THR A 494 28.58 -10.22 -45.60
C THR A 494 29.45 -10.16 -44.36
N PHE A 495 30.47 -11.00 -44.27
CA PHE A 495 31.37 -10.96 -43.11
C PHE A 495 32.29 -9.75 -43.19
N LYS A 496 32.65 -9.23 -42.01
CA LYS A 496 33.51 -8.07 -41.94
C LYS A 496 34.92 -8.40 -42.42
N TYR A 497 35.67 -7.34 -42.74
CA TYR A 497 37.00 -7.45 -43.32
C TYR A 497 38.04 -7.24 -42.22
N LYS A 498 38.89 -8.24 -42.04
CA LYS A 498 40.04 -8.18 -41.12
C LYS A 498 39.61 -7.69 -39.73
N THR A 499 38.65 -8.39 -39.14
CA THR A 499 38.05 -7.98 -37.89
C THR A 499 38.06 -9.13 -36.88
N LYS A 500 38.44 -8.81 -35.65
CA LYS A 500 38.40 -9.76 -34.55
C LYS A 500 37.22 -9.45 -33.64
N VAL A 501 36.48 -10.49 -33.26
CA VAL A 501 35.31 -10.33 -32.41
C VAL A 501 35.58 -11.07 -31.11
N PRO A 502 34.90 -10.70 -30.03
CA PRO A 502 35.06 -11.41 -28.76
C PRO A 502 34.61 -12.85 -28.87
N PRO A 503 35.02 -13.71 -27.94
CA PRO A 503 34.51 -15.10 -27.96
C PRO A 503 33.02 -15.13 -27.73
N PHE A 504 32.37 -16.11 -28.36
CA PHE A 504 30.92 -16.27 -28.24
C PHE A 504 30.59 -17.75 -28.26
N GLU A 505 29.36 -18.07 -27.84
CA GLU A 505 28.89 -19.44 -27.78
C GLU A 505 28.27 -19.84 -29.12
N ASN A 506 28.38 -21.13 -29.45
CA ASN A 506 27.92 -21.62 -30.74
C ASN A 506 26.40 -21.60 -30.87
N ILE A 507 25.67 -21.40 -29.77
CA ILE A 507 24.21 -21.31 -29.85
C ILE A 507 23.77 -20.08 -30.62
N GLU A 508 24.66 -19.10 -30.82
CA GLU A 508 24.30 -17.85 -31.45
C GLU A 508 24.45 -17.87 -32.98
N LEU A 509 25.09 -18.89 -33.54
CA LEU A 509 25.39 -18.89 -34.96
C LEU A 509 24.19 -19.22 -35.82
N TYR A 510 23.23 -19.98 -35.29
CA TYR A 510 22.03 -20.34 -36.05
C TYR A 510 21.29 -19.10 -36.51
N ASN A 511 21.15 -18.09 -35.64
CA ASN A 511 20.53 -16.83 -36.05
C ASN A 511 21.33 -16.16 -37.16
N VAL A 512 22.66 -16.19 -37.06
CA VAL A 512 23.50 -15.54 -38.06
C VAL A 512 23.33 -16.21 -39.41
N MET A 513 23.35 -17.54 -39.44
CA MET A 513 23.27 -18.26 -40.71
C MET A 513 21.93 -18.05 -41.40
N CYS A 514 20.84 -18.05 -40.63
CA CYS A 514 19.53 -17.72 -41.21
C CYS A 514 19.50 -16.27 -41.67
N ASP A 515 20.14 -15.37 -40.93
CA ASP A 515 20.27 -13.99 -41.39
C ASP A 515 21.05 -13.92 -42.69
N LEU A 516 22.02 -14.80 -42.87
CA LEU A 516 22.81 -14.81 -44.10
CA LEU A 516 22.81 -14.81 -44.11
C LEU A 516 22.01 -15.33 -45.29
N LEU A 517 20.90 -16.04 -45.04
CA LEU A 517 20.05 -16.56 -46.09
C LEU A 517 18.67 -15.93 -46.09
N GLY A 518 18.47 -14.84 -45.35
CA GLY A 518 17.18 -14.20 -45.29
C GLY A 518 16.10 -15.02 -44.61
N LEU A 519 16.47 -16.05 -43.87
CA LEU A 519 15.50 -16.92 -43.22
C LEU A 519 15.09 -16.34 -41.88
N LYS A 520 13.82 -16.50 -41.54
CA LYS A 520 13.38 -16.23 -40.18
C LYS A 520 13.75 -17.41 -39.30
N PRO A 521 14.63 -17.24 -38.32
CA PRO A 521 15.06 -18.40 -37.52
C PRO A 521 13.94 -18.89 -36.61
N ALA A 522 13.82 -20.20 -36.51
CA ALA A 522 12.94 -20.80 -35.52
C ALA A 522 13.40 -20.39 -34.12
N PRO A 523 12.50 -20.40 -33.14
CA PRO A 523 12.89 -20.05 -31.77
C PRO A 523 14.09 -20.86 -31.30
N ASN A 524 15.10 -20.16 -30.81
CA ASN A 524 16.34 -20.78 -30.35
C ASN A 524 16.84 -20.05 -29.12
N ASN A 525 18.00 -20.47 -28.61
CA ASN A 525 18.56 -19.92 -27.39
C ASN A 525 19.68 -18.92 -27.64
N GLY A 526 19.94 -18.59 -28.89
CA GLY A 526 20.80 -17.46 -29.18
C GLY A 526 20.09 -16.16 -28.93
N THR A 527 20.87 -15.13 -28.60
CA THR A 527 20.34 -13.78 -28.40
C THR A 527 20.57 -13.02 -29.70
N HIS A 528 19.56 -13.04 -30.57
CA HIS A 528 19.67 -12.43 -31.89
C HIS A 528 20.01 -10.96 -31.78
N GLY A 529 21.12 -10.55 -32.40
CA GLY A 529 21.66 -9.22 -32.29
C GLY A 529 22.97 -9.16 -31.54
N SER A 530 23.26 -10.16 -30.70
CA SER A 530 24.53 -10.20 -29.99
C SER A 530 25.70 -10.48 -30.92
N LEU A 531 25.43 -11.01 -32.12
CA LEU A 531 26.48 -11.26 -33.11
C LEU A 531 26.34 -10.36 -34.33
N ASN A 532 25.62 -9.24 -34.20
CA ASN A 532 25.47 -8.32 -35.33
C ASN A 532 26.81 -7.73 -35.75
N HIS A 533 27.74 -7.58 -34.80
CA HIS A 533 29.05 -7.02 -35.10
C HIS A 533 29.94 -7.96 -35.90
N LEU A 534 29.45 -9.15 -36.26
CA LEU A 534 30.21 -10.06 -37.11
C LEU A 534 30.07 -9.72 -38.59
N LEU A 535 28.96 -9.10 -38.98
CA LEU A 535 28.60 -8.93 -40.37
C LEU A 535 28.87 -7.52 -40.86
N ARG A 536 29.04 -7.39 -42.17
CA ARG A 536 29.21 -6.08 -42.77
CA ARG A 536 29.21 -6.08 -42.77
C ARG A 536 27.89 -5.30 -42.78
N THR A 537 26.80 -5.98 -43.16
CA THR A 537 25.47 -5.39 -43.16
C THR A 537 24.52 -6.36 -42.48
N ASN A 538 23.67 -5.85 -41.60
CA ASN A 538 22.72 -6.65 -40.84
C ASN A 538 21.31 -6.31 -41.29
N THR A 539 20.58 -7.30 -41.78
CA THR A 539 19.16 -7.12 -42.08
C THR A 539 18.31 -7.16 -40.81
N PHE A 540 18.79 -7.78 -39.74
CA PHE A 540 18.04 -7.94 -38.51
C PHE A 540 18.43 -6.84 -37.53
N ARG A 541 17.44 -6.23 -36.90
CA ARG A 541 17.65 -5.23 -35.86
C ARG A 541 16.95 -5.68 -34.59
N PRO A 542 17.67 -5.75 -33.46
CA PRO A 542 17.05 -6.28 -32.24
C PRO A 542 16.01 -5.34 -31.66
N THR A 543 15.05 -5.93 -30.94
CA THR A 543 13.97 -5.19 -30.30
C THR A 543 14.10 -5.33 -28.80
N MET A 544 14.17 -4.21 -28.10
CA MET A 544 14.19 -4.22 -26.65
C MET A 544 12.85 -4.71 -26.14
N PRO A 545 12.80 -5.77 -25.34
CA PRO A 545 11.50 -6.28 -24.84
C PRO A 545 10.77 -5.21 -24.04
N GLU A 546 9.57 -4.86 -24.51
CA GLU A 546 8.80 -3.80 -23.88
C GLU A 546 8.31 -4.23 -22.50
N GLU A 547 8.23 -3.26 -21.59
CA GLU A 547 7.91 -3.55 -20.20
C GLU A 547 6.45 -3.95 -20.04
N VAL A 548 6.24 -5.11 -19.43
CA VAL A 548 4.87 -5.60 -19.22
C VAL A 548 4.23 -4.89 -18.03
N THR A 549 4.84 -5.01 -16.85
CA THR A 549 4.28 -4.48 -15.61
C THR A 549 4.97 -3.15 -15.29
N ARG A 550 4.17 -2.09 -15.17
CA ARG A 550 4.70 -0.79 -14.76
C ARG A 550 4.82 -0.75 -13.23
N PRO A 551 5.89 -0.15 -12.72
CA PRO A 551 6.12 -0.18 -11.26
C PRO A 551 5.30 0.86 -10.52
N ASN A 552 5.10 0.59 -9.23
CA ASN A 552 4.54 1.55 -8.30
C ASN A 552 5.67 2.25 -7.54
N TYR A 553 5.49 3.55 -7.32
CA TYR A 553 6.47 4.33 -6.57
C TYR A 553 5.86 4.76 -5.24
N PRO A 554 5.77 3.87 -4.26
CA PRO A 554 4.99 4.19 -3.04
C PRO A 554 5.77 5.08 -2.09
N GLY A 555 5.10 6.10 -1.57
CA GLY A 555 5.59 6.89 -0.46
C GLY A 555 5.20 6.24 0.86
N ILE A 556 5.32 7.02 1.92
CA ILE A 556 4.93 6.55 3.25
C ILE A 556 3.41 6.54 3.34
N MET A 557 2.84 5.35 3.58
CA MET A 557 1.40 5.18 3.62
C MET A 557 0.90 4.59 4.93
N TYR A 558 1.78 4.12 5.80
CA TYR A 558 1.37 3.43 7.03
C TYR A 558 2.20 3.95 8.19
N LEU A 559 1.78 3.57 9.40
CA LEU A 559 2.51 3.85 10.62
C LEU A 559 3.09 2.56 11.16
N GLN A 560 4.19 2.68 11.92
CA GLN A 560 4.85 1.50 12.46
C GLN A 560 3.95 0.71 13.40
N SER A 561 2.88 1.31 13.91
CA SER A 561 1.92 0.58 14.74
C SER A 561 1.02 -0.33 13.92
N ASP A 562 0.90 -0.08 12.61
CA ASP A 562 0.07 -0.92 11.77
C ASP A 562 0.64 -2.32 11.58
N PHE A 563 1.91 -2.52 11.92
CA PHE A 563 2.62 -3.76 11.62
C PHE A 563 2.72 -4.63 12.86
N ASP A 564 2.43 -5.93 12.69
CA ASP A 564 2.70 -6.94 13.70
C ASP A 564 3.29 -8.16 12.97
N LEU A 565 4.54 -8.02 12.55
CA LEU A 565 5.27 -9.09 11.90
C LEU A 565 6.12 -9.90 12.88
N GLY A 566 6.04 -9.59 14.17
CA GLY A 566 6.80 -10.30 15.19
C GLY A 566 8.31 -10.04 15.13
N CYS A 567 8.72 -8.91 14.55
CA CYS A 567 10.11 -8.60 14.26
C CYS A 567 10.65 -7.52 15.20
N THR A 568 11.90 -7.71 15.61
CA THR A 568 12.56 -6.91 16.63
C THR A 568 13.47 -5.87 16.00
N CYS A 569 13.69 -4.77 16.73
CA CYS A 569 14.83 -3.89 16.50
C CYS A 569 15.03 -2.85 17.61
N ASP A 570 16.22 -2.82 18.20
CA ASP A 570 16.57 -1.91 19.29
C ASP A 570 17.29 -0.71 18.67
N ASP A 571 16.52 0.33 18.36
CA ASP A 571 17.12 1.58 17.89
C ASP A 571 16.96 2.68 18.93
N GLU A 619 20.83 7.79 -11.95
CA GLU A 619 20.87 8.06 -10.51
C GLU A 619 22.15 7.52 -9.90
N ARG A 620 22.24 7.54 -8.57
CA ARG A 620 23.48 7.18 -7.89
C ARG A 620 23.65 5.67 -7.77
N HIS A 621 22.56 4.93 -7.58
CA HIS A 621 22.64 3.50 -7.36
C HIS A 621 21.99 2.66 -8.44
N LEU A 622 21.24 3.26 -9.36
CA LEU A 622 20.73 2.60 -10.56
C LEU A 622 21.45 3.21 -11.75
N LEU A 623 22.56 2.59 -12.15
CA LEU A 623 23.46 3.19 -13.12
C LEU A 623 23.02 2.96 -14.56
N TYR A 624 22.21 1.94 -14.84
CA TYR A 624 21.90 1.53 -16.19
C TYR A 624 20.39 1.41 -16.38
N GLY A 625 19.64 2.29 -15.73
CA GLY A 625 18.19 2.23 -15.81
C GLY A 625 17.63 1.11 -14.96
N ARG A 626 16.33 1.15 -14.70
CA ARG A 626 15.71 0.11 -13.87
CA ARG A 626 15.75 0.11 -13.86
C ARG A 626 15.43 -1.13 -14.70
N PRO A 627 15.48 -2.32 -14.08
CA PRO A 627 15.12 -3.53 -14.82
C PRO A 627 13.64 -3.52 -15.19
N ALA A 628 13.35 -3.98 -16.41
CA ALA A 628 11.98 -4.10 -16.88
C ALA A 628 11.43 -5.47 -16.49
N VAL A 629 10.22 -5.48 -15.94
CA VAL A 629 9.55 -6.71 -15.56
C VAL A 629 8.72 -7.19 -16.74
N LEU A 630 9.02 -8.39 -17.24
CA LEU A 630 8.45 -8.89 -18.48
C LEU A 630 7.32 -9.89 -18.23
N TYR A 631 6.59 -9.76 -17.13
CA TYR A 631 5.46 -10.61 -16.84
C TYR A 631 4.47 -9.86 -15.97
N ARG A 632 3.26 -10.41 -15.85
CA ARG A 632 2.19 -9.77 -15.10
C ARG A 632 2.43 -9.97 -13.61
N THR A 633 2.64 -8.87 -12.88
CA THR A 633 2.82 -8.91 -11.44
C THR A 633 2.57 -7.52 -10.88
N ARG A 634 2.97 -7.30 -9.64
CA ARG A 634 2.84 -5.99 -9.00
C ARG A 634 4.03 -5.81 -8.07
N TYR A 635 4.83 -4.77 -8.32
CA TYR A 635 6.01 -4.52 -7.52
C TYR A 635 6.16 -3.03 -7.26
N ASP A 636 7.01 -2.70 -6.28
CA ASP A 636 7.21 -1.33 -5.83
C ASP A 636 8.67 -0.94 -5.95
N ILE A 637 8.92 0.25 -6.48
CA ILE A 637 10.26 0.81 -6.49
C ILE A 637 10.52 1.47 -5.14
N LEU A 638 11.63 1.11 -4.50
CA LEU A 638 11.97 1.63 -3.19
C LEU A 638 13.34 2.30 -3.25
N TYR A 639 13.38 3.58 -2.90
CA TYR A 639 14.62 4.34 -2.88
C TYR A 639 15.18 4.41 -1.46
N HIS A 640 16.48 4.23 -1.32
CA HIS A 640 17.17 4.39 -0.06
C HIS A 640 18.46 5.16 -0.28
N THR A 641 19.08 5.56 0.82
CA THR A 641 20.34 6.31 0.73
C THR A 641 21.42 5.46 0.07
N ASP A 642 21.43 4.15 0.32
CA ASP A 642 22.51 3.29 -0.13
C ASP A 642 22.13 2.35 -1.26
N PHE A 643 20.84 2.12 -1.50
CA PHE A 643 20.45 1.12 -2.48
C PHE A 643 19.02 1.39 -2.95
N GLU A 644 18.69 0.81 -4.10
CA GLU A 644 17.37 0.89 -4.69
C GLU A 644 16.93 -0.52 -5.06
N SER A 645 15.64 -0.82 -4.88
CA SER A 645 15.16 -2.17 -5.10
C SER A 645 13.74 -2.14 -5.65
N GLY A 646 13.44 -3.12 -6.50
CA GLY A 646 12.08 -3.35 -6.95
C GLY A 646 11.43 -4.47 -6.16
N TYR A 647 10.59 -4.11 -5.19
CA TYR A 647 10.05 -5.06 -4.24
C TYR A 647 8.78 -5.70 -4.79
N SER A 648 8.82 -7.00 -5.01
CA SER A 648 7.66 -7.73 -5.50
C SER A 648 6.65 -7.93 -4.37
N GLU A 649 5.42 -7.47 -4.59
CA GLU A 649 4.35 -7.70 -3.62
C GLU A 649 3.75 -9.08 -3.73
N ILE A 650 4.11 -9.85 -4.76
CA ILE A 650 3.60 -11.21 -4.92
C ILE A 650 4.51 -12.22 -4.24
N PHE A 651 5.81 -12.10 -4.44
CA PHE A 651 6.79 -12.99 -3.82
C PHE A 651 7.27 -12.49 -2.46
N LEU A 652 6.83 -11.30 -2.04
CA LEU A 652 7.13 -10.75 -0.72
C LEU A 652 8.64 -10.55 -0.52
N MET A 653 9.33 -10.19 -1.59
CA MET A 653 10.75 -9.92 -1.53
C MET A 653 11.16 -9.19 -2.81
N PRO A 654 12.28 -8.47 -2.80
CA PRO A 654 12.69 -7.75 -4.02
C PRO A 654 13.02 -8.72 -5.14
N LEU A 655 12.67 -8.32 -6.37
CA LEU A 655 13.14 -9.04 -7.54
C LEU A 655 14.55 -8.62 -7.92
N TRP A 656 14.94 -7.40 -7.55
CA TRP A 656 16.28 -6.90 -7.80
C TRP A 656 16.60 -5.83 -6.77
N THR A 657 17.89 -5.67 -6.50
CA THR A 657 18.38 -4.62 -5.60
C THR A 657 19.70 -4.11 -6.16
N SER A 658 19.80 -2.79 -6.34
CA SER A 658 20.93 -2.18 -7.00
C SER A 658 21.63 -1.20 -6.07
N TYR A 659 22.95 -1.33 -5.97
CA TYR A 659 23.74 -0.42 -5.17
C TYR A 659 25.15 -0.35 -5.73
N THR A 660 25.82 0.77 -5.46
CA THR A 660 27.14 1.05 -6.03
C THR A 660 28.16 1.19 -4.91
N VAL A 661 29.22 0.41 -4.98
CA VAL A 661 30.32 0.44 -4.03
C VAL A 661 31.50 1.10 -4.72
N SER A 662 31.99 2.20 -4.16
CA SER A 662 33.14 2.87 -4.75
C SER A 662 34.43 2.13 -4.39
N LYS A 663 35.52 2.49 -5.07
CA LYS A 663 36.82 1.90 -4.77
C LYS A 663 37.25 2.20 -3.34
N GLN A 664 36.85 3.35 -2.81
CA GLN A 664 37.28 3.81 -1.49
C GLN A 664 36.30 3.47 -0.39
N ALA A 665 35.21 2.76 -0.70
CA ALA A 665 34.16 2.53 0.27
C ALA A 665 34.65 1.66 1.41
N GLU A 666 34.24 2.00 2.63
CA GLU A 666 34.65 1.28 3.83
C GLU A 666 33.62 0.22 4.18
N VAL A 667 34.08 -0.81 4.87
CA VAL A 667 33.24 -1.92 5.31
C VAL A 667 33.07 -1.80 6.82
N SER A 668 31.88 -1.40 7.26
CA SER A 668 31.60 -1.28 8.68
C SER A 668 31.20 -2.64 9.26
N SER A 669 30.39 -2.63 10.32
CA SER A 669 29.96 -3.86 10.95
C SER A 669 28.66 -3.60 11.68
N VAL A 670 27.82 -4.62 11.75
CA VAL A 670 26.56 -4.49 12.50
C VAL A 670 26.88 -4.44 13.99
N PRO A 671 26.39 -3.43 14.72
CA PRO A 671 26.58 -3.43 16.18
C PRO A 671 25.88 -4.62 16.80
N ASP A 672 26.48 -5.13 17.89
CA ASP A 672 26.01 -6.37 18.50
C ASP A 672 24.57 -6.27 19.01
N HIS A 673 24.06 -5.06 19.24
CA HIS A 673 22.68 -4.89 19.67
C HIS A 673 21.72 -4.71 18.50
N LEU A 674 22.23 -4.65 17.27
CA LEU A 674 21.41 -4.49 16.07
C LEU A 674 21.48 -5.70 15.15
N THR A 675 22.14 -6.77 15.55
CA THR A 675 22.35 -7.90 14.65
C THR A 675 21.04 -8.63 14.33
N SER A 676 20.08 -8.63 15.26
CA SER A 676 18.79 -9.28 15.06
C SER A 676 17.69 -8.25 14.85
N CYS A 677 18.03 -7.19 14.13
CA CYS A 677 17.15 -6.04 13.95
C CYS A 677 16.47 -6.14 12.58
N VAL A 678 15.14 -6.22 12.59
CA VAL A 678 14.35 -6.16 11.35
C VAL A 678 13.20 -5.18 11.57
N ARG A 679 13.10 -4.18 10.70
CA ARG A 679 12.13 -3.11 10.83
C ARG A 679 11.07 -3.18 9.73
N PRO A 680 9.83 -2.80 10.01
CA PRO A 680 8.81 -2.77 8.97
C PRO A 680 9.04 -1.62 8.00
N ASP A 681 8.64 -1.83 6.75
CA ASP A 681 8.71 -0.81 5.72
C ASP A 681 7.38 -0.08 5.67
N VAL A 682 7.37 1.17 6.13
CA VAL A 682 6.15 1.96 6.19
C VAL A 682 5.60 2.32 4.82
N ARG A 683 6.34 2.04 3.75
CA ARG A 683 5.86 2.27 2.39
C ARG A 683 5.16 1.07 1.80
N VAL A 684 5.35 -0.13 2.36
CA VAL A 684 4.77 -1.36 1.85
C VAL A 684 3.73 -1.85 2.84
N SER A 685 2.59 -2.31 2.31
CA SER A 685 1.51 -2.79 3.16
C SER A 685 1.97 -3.97 4.03
N PRO A 686 1.43 -4.10 5.23
CA PRO A 686 1.67 -5.32 6.02
C PRO A 686 1.11 -6.56 5.36
N SER A 687 0.10 -6.43 4.50
CA SER A 687 -0.43 -7.60 3.79
C SER A 687 0.61 -8.22 2.87
N PHE A 688 1.57 -7.41 2.40
CA PHE A 688 2.57 -7.84 1.45
C PHE A 688 3.98 -7.69 2.05
N SER A 689 4.11 -8.04 3.33
CA SER A 689 5.36 -7.95 4.06
C SER A 689 5.71 -9.33 4.60
N GLN A 690 7.01 -9.56 4.79
CA GLN A 690 7.47 -10.76 5.48
C GLN A 690 7.42 -10.55 6.99
N ASN A 691 7.46 -11.65 7.74
CA ASN A 691 7.40 -11.61 9.21
C ASN A 691 8.47 -12.51 9.80
N CYS A 692 9.12 -12.06 10.87
CA CYS A 692 10.17 -12.90 11.47
C CYS A 692 9.62 -14.15 12.14
N LEU A 693 8.39 -14.09 12.64
CA LEU A 693 7.83 -15.27 13.29
C LEU A 693 7.87 -16.46 12.35
N ALA A 694 7.73 -16.22 11.04
CA ALA A 694 7.89 -17.30 10.08
C ALA A 694 9.31 -17.87 10.13
N TYR A 695 10.31 -17.01 10.32
CA TYR A 695 11.70 -17.47 10.31
C TYR A 695 12.09 -18.13 11.63
N LYS A 696 11.60 -17.62 12.76
CA LYS A 696 11.94 -18.21 14.04
C LYS A 696 11.20 -19.51 14.31
N ASN A 697 10.06 -19.72 13.66
CA ASN A 697 9.37 -21.00 13.72
C ASN A 697 9.87 -22.00 12.68
N ASP A 698 10.63 -21.54 11.69
CA ASP A 698 11.26 -22.42 10.72
C ASP A 698 12.66 -22.74 11.23
N LYS A 699 12.82 -23.91 11.84
CA LYS A 699 14.10 -24.30 12.41
C LYS A 699 15.16 -24.59 11.35
N GLN A 700 14.78 -24.66 10.08
CA GLN A 700 15.74 -24.95 9.01
C GLN A 700 16.17 -23.70 8.24
N MET A 701 15.46 -22.58 8.39
CA MET A 701 15.67 -21.40 7.57
C MET A 701 16.03 -20.20 8.43
N SER A 702 17.03 -19.45 7.98
CA SER A 702 17.38 -18.15 8.53
C SER A 702 17.08 -17.09 7.46
N TYR A 703 17.70 -15.91 7.59
CA TYR A 703 17.44 -14.85 6.63
C TYR A 703 18.69 -14.03 6.40
N GLY A 704 18.81 -13.47 5.20
CA GLY A 704 19.88 -12.55 4.86
C GLY A 704 19.33 -11.27 4.29
N PHE A 705 20.20 -10.41 3.78
CA PHE A 705 19.79 -9.13 3.21
C PHE A 705 20.37 -8.98 1.81
N LEU A 706 19.54 -8.51 0.88
CA LEU A 706 20.02 -8.29 -0.49
C LEU A 706 21.03 -7.15 -0.52
N PHE A 707 20.77 -6.07 0.20
CA PHE A 707 21.80 -5.07 0.44
C PHE A 707 22.46 -5.36 1.78
N PRO A 708 23.77 -5.56 1.83
CA PRO A 708 24.42 -5.93 3.09
C PRO A 708 24.55 -4.74 4.02
N PRO A 709 24.09 -4.86 5.27
CA PRO A 709 24.29 -3.79 6.24
C PRO A 709 25.76 -3.47 6.51
N TYR A 710 26.68 -4.33 6.09
CA TYR A 710 28.10 -4.07 6.31
C TYR A 710 28.64 -2.96 5.41
N LEU A 711 27.92 -2.62 4.33
CA LEU A 711 28.40 -1.65 3.35
C LEU A 711 27.66 -0.32 3.44
N SER A 712 27.04 -0.02 4.58
CA SER A 712 26.31 1.23 4.74
C SER A 712 27.26 2.42 4.75
N SER A 713 26.74 3.56 4.28
CA SER A 713 27.54 4.78 4.26
C SER A 713 27.53 5.51 5.60
N SER A 714 26.60 5.15 6.50
CA SER A 714 26.50 5.79 7.80
C SER A 714 25.69 4.88 8.71
N PRO A 715 25.89 4.96 10.02
CA PRO A 715 25.00 4.21 10.94
C PRO A 715 23.55 4.64 10.83
N GLU A 716 23.28 5.88 10.43
CA GLU A 716 21.91 6.32 10.24
C GLU A 716 21.27 5.62 9.04
N ALA A 717 21.99 5.58 7.92
CA ALA A 717 21.51 4.88 6.74
C ALA A 717 21.54 3.36 6.91
N LYS A 718 22.22 2.84 7.92
CA LYS A 718 22.28 1.39 8.12
C LYS A 718 20.92 0.82 8.48
N TYR A 719 20.06 1.62 9.11
CA TYR A 719 18.74 1.15 9.48
C TYR A 719 17.87 0.83 8.27
N ASP A 720 18.18 1.40 7.10
CA ASP A 720 17.47 1.04 5.89
C ASP A 720 17.79 -0.38 5.46
N ALA A 721 19.00 -0.86 5.75
CA ALA A 721 19.37 -2.22 5.38
C ALA A 721 18.60 -3.26 6.17
N PHE A 722 18.23 -2.94 7.41
CA PHE A 722 17.48 -3.86 8.26
C PHE A 722 15.98 -3.81 8.00
N LEU A 723 15.54 -3.13 6.95
CA LEU A 723 14.12 -3.12 6.60
C LEU A 723 13.66 -4.52 6.22
N VAL A 724 12.39 -4.80 6.51
CA VAL A 724 11.82 -6.10 6.18
C VAL A 724 11.71 -6.29 4.68
N THR A 725 11.79 -5.22 3.89
CA THR A 725 11.74 -5.30 2.45
C THR A 725 13.09 -5.54 1.81
N ASN A 726 14.16 -5.66 2.61
CA ASN A 726 15.48 -5.98 2.12
C ASN A 726 15.91 -7.39 2.48
N MET A 727 15.03 -8.17 3.11
CA MET A 727 15.38 -9.48 3.63
C MET A 727 14.90 -10.58 2.70
N VAL A 728 15.64 -11.69 2.70
CA VAL A 728 15.31 -12.85 1.87
C VAL A 728 15.60 -14.11 2.66
N PRO A 729 14.83 -15.17 2.40
CA PRO A 729 15.06 -16.43 3.14
C PRO A 729 16.33 -17.11 2.66
N MET A 730 17.20 -17.44 3.62
CA MET A 730 18.48 -18.06 3.31
C MET A 730 18.80 -19.13 4.35
N TYR A 731 19.21 -20.30 3.87
CA TYR A 731 19.66 -21.35 4.77
C TYR A 731 20.94 -20.91 5.48
N PRO A 732 21.13 -21.34 6.72
CA PRO A 732 22.37 -20.96 7.43
C PRO A 732 23.63 -21.36 6.70
N ALA A 733 23.65 -22.54 6.07
CA ALA A 733 24.84 -22.97 5.35
C ALA A 733 25.10 -22.10 4.13
N PHE A 734 24.06 -21.57 3.51
CA PHE A 734 24.25 -20.65 2.38
C PHE A 734 24.64 -19.26 2.85
N LYS A 735 24.24 -18.87 4.06
CA LYS A 735 24.63 -17.57 4.59
C LYS A 735 26.13 -17.47 4.80
N ARG A 736 26.84 -18.59 4.92
CA ARG A 736 28.29 -18.56 4.92
C ARG A 736 28.82 -18.07 3.56
N VAL A 737 28.14 -18.45 2.48
CA VAL A 737 28.55 -18.04 1.15
C VAL A 737 28.10 -16.61 0.87
N TRP A 738 26.87 -16.27 1.25
CA TRP A 738 26.33 -14.96 0.94
C TRP A 738 27.03 -13.86 1.73
N ASN A 739 27.33 -14.13 3.01
CA ASN A 739 27.97 -13.11 3.84
C ASN A 739 29.43 -12.89 3.44
N TYR A 740 30.11 -13.93 2.95
CA TYR A 740 31.47 -13.73 2.48
C TYR A 740 31.48 -12.90 1.20
N PHE A 741 30.52 -13.15 0.30
CA PHE A 741 30.46 -12.38 -0.94
C PHE A 741 30.23 -10.90 -0.65
N GLN A 742 29.33 -10.59 0.27
CA GLN A 742 28.95 -9.20 0.50
C GLN A 742 29.96 -8.47 1.38
N ARG A 743 30.58 -9.15 2.33
CA ARG A 743 31.45 -8.49 3.31
C ARG A 743 32.91 -8.44 2.88
N VAL A 744 33.36 -9.35 2.02
CA VAL A 744 34.74 -9.42 1.59
C VAL A 744 34.88 -9.21 0.10
N LEU A 745 34.05 -9.88 -0.70
CA LEU A 745 34.30 -9.95 -2.14
C LEU A 745 33.83 -8.70 -2.87
N VAL A 746 32.67 -8.14 -2.50
CA VAL A 746 32.19 -6.94 -3.19
C VAL A 746 33.16 -5.78 -2.99
N LYS A 747 33.63 -5.59 -1.75
CA LYS A 747 34.68 -4.60 -1.51
C LYS A 747 35.95 -4.95 -2.27
N LYS A 748 36.25 -6.25 -2.39
CA LYS A 748 37.39 -6.67 -3.20
C LYS A 748 37.18 -6.31 -4.67
N TYR A 749 36.00 -6.64 -5.21
CA TYR A 749 35.72 -6.33 -6.60
C TYR A 749 35.71 -4.82 -6.84
N ALA A 750 35.19 -4.05 -5.88
CA ALA A 750 35.19 -2.60 -6.03
C ALA A 750 36.60 -2.02 -5.98
N SER A 751 37.53 -2.72 -5.32
CA SER A 751 38.91 -2.23 -5.25
CA SER A 751 38.91 -2.23 -5.25
C SER A 751 39.69 -2.55 -6.51
N GLU A 752 39.44 -3.73 -7.11
CA GLU A 752 40.17 -4.12 -8.31
C GLU A 752 39.64 -3.42 -9.56
N ARG A 753 38.36 -3.01 -9.56
CA ARG A 753 37.70 -2.54 -10.77
C ARG A 753 37.24 -1.09 -10.66
N ASN A 754 37.78 -0.34 -9.72
CA ASN A 754 37.45 1.08 -9.54
C ASN A 754 35.94 1.26 -9.35
N GLY A 755 35.43 0.61 -8.32
CA GLY A 755 34.00 0.66 -8.07
C GLY A 755 33.23 -0.35 -8.88
N VAL A 756 32.15 -0.86 -8.29
CA VAL A 756 31.27 -1.83 -8.94
C VAL A 756 29.83 -1.49 -8.63
N ASN A 757 28.95 -1.74 -9.59
CA ASN A 757 27.51 -1.70 -9.37
C ASN A 757 27.00 -3.12 -9.26
N VAL A 758 26.36 -3.42 -8.13
CA VAL A 758 25.88 -4.77 -7.82
C VAL A 758 24.36 -4.76 -7.91
N ILE A 759 23.82 -5.67 -8.72
CA ILE A 759 22.38 -5.94 -8.77
C ILE A 759 22.17 -7.37 -8.32
N SER A 760 21.47 -7.54 -7.19
CA SER A 760 21.26 -8.85 -6.60
C SER A 760 19.77 -9.12 -6.43
N GLY A 761 19.41 -10.40 -6.45
CA GLY A 761 18.04 -10.82 -6.31
C GLY A 761 17.88 -12.33 -6.32
N PRO A 762 16.67 -12.81 -6.09
CA PRO A 762 16.42 -14.25 -6.03
C PRO A 762 16.02 -14.82 -7.39
N ILE A 763 16.10 -16.14 -7.47
CA ILE A 763 15.72 -16.88 -8.67
C ILE A 763 14.91 -18.10 -8.23
N PHE A 764 13.76 -18.31 -8.88
CA PHE A 764 12.91 -19.46 -8.61
C PHE A 764 12.86 -20.31 -9.88
N ASP A 765 13.49 -21.50 -9.83
CA ASP A 765 13.49 -22.44 -10.94
C ASP A 765 13.41 -23.86 -10.37
N TYR A 766 12.23 -24.20 -9.83
CA TYR A 766 12.03 -25.51 -9.23
C TYR A 766 11.88 -26.62 -10.27
N ASP A 767 11.48 -26.29 -11.49
CA ASP A 767 11.37 -27.26 -12.57
C ASP A 767 12.59 -27.26 -13.48
N TYR A 768 13.66 -26.56 -13.09
CA TYR A 768 14.96 -26.53 -13.77
C TYR A 768 14.82 -26.53 -15.30
N ASP A 769 14.09 -25.53 -15.80
CA ASP A 769 13.99 -25.30 -17.24
C ASP A 769 14.61 -23.97 -17.66
N GLY A 770 15.27 -23.27 -16.74
CA GLY A 770 15.93 -22.02 -17.04
C GLY A 770 15.03 -20.82 -17.17
N LEU A 771 13.74 -20.97 -16.90
CA LEU A 771 12.78 -19.89 -17.06
C LEU A 771 12.18 -19.50 -15.71
N HIS A 772 11.72 -18.26 -15.64
CA HIS A 772 11.15 -17.73 -14.40
C HIS A 772 9.90 -18.51 -14.01
N ASP A 773 9.90 -19.01 -12.77
CA ASP A 773 8.74 -19.74 -12.27
C ASP A 773 7.58 -18.79 -11.99
N THR A 774 6.37 -19.28 -12.20
CA THR A 774 5.18 -18.62 -11.71
C THR A 774 4.76 -19.27 -10.39
N GLU A 775 3.76 -18.64 -9.74
CA GLU A 775 3.46 -18.96 -8.35
C GLU A 775 3.22 -20.45 -8.10
N ASP A 776 2.65 -21.16 -9.07
CA ASP A 776 2.25 -22.54 -8.85
C ASP A 776 3.41 -23.53 -8.90
N LYS A 777 4.62 -23.08 -9.25
CA LYS A 777 5.74 -24.00 -9.41
C LYS A 777 6.71 -23.98 -8.22
N ILE A 778 6.44 -23.17 -7.21
CA ILE A 778 7.29 -23.13 -6.03
C ILE A 778 6.88 -24.25 -5.08
N LYS A 779 7.82 -25.16 -4.79
CA LYS A 779 7.54 -26.36 -4.02
C LYS A 779 8.00 -26.28 -2.58
N GLN A 780 8.52 -25.14 -2.14
CA GLN A 780 8.87 -24.96 -0.74
C GLN A 780 8.74 -23.50 -0.37
N TYR A 781 8.04 -23.23 0.73
CA TYR A 781 7.92 -21.92 1.31
C TYR A 781 8.60 -21.92 2.67
N VAL A 782 8.71 -20.74 3.28
CA VAL A 782 9.07 -20.68 4.69
C VAL A 782 7.94 -21.31 5.49
N GLU A 783 8.29 -22.13 6.48
CA GLU A 783 7.32 -22.98 7.16
C GLU A 783 6.18 -22.16 7.75
N GLY A 784 4.96 -22.46 7.32
CA GLY A 784 3.79 -21.73 7.80
C GLY A 784 3.66 -20.34 7.23
N SER A 785 4.19 -20.11 6.03
CA SER A 785 4.23 -18.77 5.45
C SER A 785 3.85 -18.84 3.98
N SER A 786 3.74 -17.65 3.38
CA SER A 786 3.60 -17.49 1.93
C SER A 786 4.87 -16.96 1.30
N ILE A 787 5.98 -17.00 2.02
CA ILE A 787 7.27 -16.51 1.52
C ILE A 787 7.93 -17.65 0.76
N PRO A 788 8.03 -17.57 -0.57
CA PRO A 788 8.62 -18.66 -1.33
C PRO A 788 10.13 -18.73 -1.10
N VAL A 789 10.66 -19.95 -1.20
CA VAL A 789 12.08 -20.19 -1.01
C VAL A 789 12.76 -20.16 -2.37
N PRO A 790 13.65 -19.21 -2.63
CA PRO A 790 14.36 -19.20 -3.91
C PRO A 790 15.30 -20.41 -4.02
N THR A 791 15.39 -20.95 -5.24
CA THR A 791 16.36 -22.01 -5.51
C THR A 791 17.76 -21.48 -5.77
N HIS A 792 17.88 -20.22 -6.20
CA HIS A 792 19.17 -19.62 -6.48
C HIS A 792 19.14 -18.14 -6.10
N TYR A 793 20.34 -17.57 -5.96
CA TYR A 793 20.51 -16.13 -5.80
C TYR A 793 21.50 -15.63 -6.83
N TYR A 794 21.16 -14.55 -7.51
CA TYR A 794 21.99 -14.00 -8.57
C TYR A 794 22.56 -12.65 -8.15
N SER A 795 23.66 -12.28 -8.80
CA SER A 795 24.22 -10.94 -8.65
C SER A 795 24.90 -10.56 -9.96
N ILE A 796 24.69 -9.30 -10.37
CA ILE A 796 25.30 -8.75 -11.56
C ILE A 796 26.24 -7.64 -11.12
N ILE A 797 27.53 -7.81 -11.40
CA ILE A 797 28.57 -6.90 -10.94
C ILE A 797 29.13 -6.19 -12.17
N THR A 798 28.78 -4.92 -12.33
CA THR A 798 29.14 -4.14 -13.50
C THR A 798 30.10 -3.02 -13.13
N SER A 799 31.15 -2.87 -13.93
CA SER A 799 32.07 -1.74 -13.81
C SER A 799 32.31 -1.18 -15.21
N CYS A 800 33.26 -0.26 -15.35
CA CYS A 800 33.60 0.31 -16.65
C CYS A 800 34.83 -0.40 -17.20
N LEU A 801 34.73 -0.85 -18.46
CA LEU A 801 35.84 -1.55 -19.08
CA LEU A 801 35.84 -1.55 -19.08
C LEU A 801 37.14 -0.75 -18.98
N ASP A 802 37.05 0.56 -19.10
CA ASP A 802 38.19 1.45 -18.90
C ASP A 802 38.31 1.68 -17.40
N PHE A 803 39.12 0.83 -16.74
CA PHE A 803 39.24 0.88 -15.28
C PHE A 803 39.72 2.23 -14.77
N THR A 804 40.30 3.06 -15.64
CA THR A 804 40.73 4.40 -15.23
C THR A 804 39.55 5.29 -14.83
N GLN A 805 38.33 4.90 -15.19
CA GLN A 805 37.14 5.66 -14.85
C GLN A 805 36.32 4.93 -13.79
N PRO A 806 35.77 5.65 -12.82
CA PRO A 806 34.93 5.00 -11.81
C PRO A 806 33.66 4.44 -12.42
N ALA A 807 33.03 3.53 -11.68
CA ALA A 807 31.86 2.83 -12.20
C ALA A 807 30.70 3.79 -12.45
N ASP A 808 30.50 4.76 -11.56
CA ASP A 808 29.38 5.69 -11.69
C ASP A 808 29.70 6.88 -12.58
N LYS A 809 30.87 6.89 -13.22
CA LYS A 809 31.24 7.95 -14.16
C LYS A 809 31.95 7.33 -15.36
N CYS A 810 31.29 6.35 -15.98
CA CYS A 810 31.87 5.61 -17.10
C CYS A 810 31.32 6.14 -18.43
N ASP A 811 32.21 6.28 -19.40
CA ASP A 811 31.87 6.84 -20.71
C ASP A 811 31.66 5.78 -21.78
N GLY A 812 32.44 4.71 -21.77
CA GLY A 812 32.41 3.75 -22.85
C GLY A 812 31.84 2.40 -22.47
N PRO A 813 32.42 1.33 -23.03
CA PRO A 813 31.89 -0.01 -22.77
C PRO A 813 32.06 -0.42 -21.31
N LEU A 814 31.24 -1.38 -20.91
CA LEU A 814 31.18 -1.83 -19.52
C LEU A 814 31.84 -3.19 -19.37
N SER A 815 32.27 -3.46 -18.14
CA SER A 815 32.83 -4.75 -17.75
C SER A 815 31.88 -5.38 -16.74
N VAL A 816 31.40 -6.59 -17.04
CA VAL A 816 30.36 -7.22 -16.24
C VAL A 816 30.73 -8.66 -15.94
N SER A 817 30.23 -9.17 -14.82
CA SER A 817 30.35 -10.56 -14.44
C SER A 817 29.20 -10.90 -13.51
N SER A 818 28.66 -12.11 -13.65
CA SER A 818 27.48 -12.52 -12.92
C SER A 818 27.64 -13.94 -12.43
N PHE A 819 26.89 -14.27 -11.37
CA PHE A 819 26.82 -15.64 -10.89
C PHE A 819 25.37 -15.96 -10.52
N ILE A 820 25.07 -17.25 -10.50
CA ILE A 820 23.77 -17.76 -10.05
C ILE A 820 24.08 -18.79 -8.98
N LEU A 821 24.25 -18.32 -7.75
CA LEU A 821 24.62 -19.21 -6.65
CA LEU A 821 24.62 -19.21 -6.65
C LEU A 821 23.42 -20.07 -6.26
N PRO A 822 23.57 -21.39 -6.23
CA PRO A 822 22.46 -22.25 -5.83
C PRO A 822 22.18 -22.12 -4.35
N HIS A 823 20.91 -21.90 -4.00
CA HIS A 823 20.49 -21.73 -2.62
C HIS A 823 20.26 -23.11 -2.00
N ARG A 824 21.33 -23.67 -1.44
CA ARG A 824 21.30 -25.03 -0.92
C ARG A 824 21.46 -25.04 0.59
N PRO A 825 20.77 -25.96 1.29
CA PRO A 825 20.84 -25.98 2.75
C PRO A 825 22.12 -26.57 3.31
N ASP A 826 22.95 -27.21 2.48
CA ASP A 826 24.24 -27.71 2.92
C ASP A 826 25.30 -27.27 1.92
N ASN A 827 26.56 -27.47 2.31
CA ASN A 827 27.71 -27.15 1.47
C ASN A 827 28.45 -28.43 1.05
N GLU A 828 27.70 -29.47 0.69
CA GLU A 828 28.32 -30.70 0.23
C GLU A 828 28.99 -30.55 -1.13
N GLU A 829 28.69 -29.47 -1.86
CA GLU A 829 29.31 -29.26 -3.16
C GLU A 829 30.79 -28.88 -2.99
N SER A 830 31.11 -28.13 -1.95
CA SER A 830 32.47 -27.69 -1.68
C SER A 830 33.08 -28.60 -0.62
N CYS A 831 34.02 -29.45 -1.04
CA CYS A 831 34.64 -30.39 -0.11
C CYS A 831 35.50 -29.69 0.93
N ASN A 832 35.92 -28.46 0.68
CA ASN A 832 36.73 -27.69 1.63
C ASN A 832 35.90 -26.76 2.50
N SER A 833 34.57 -26.95 2.54
CA SER A 833 33.70 -26.06 3.30
C SER A 833 33.94 -26.15 4.80
N SER A 834 34.74 -27.12 5.27
CA SER A 834 35.08 -27.19 6.68
C SER A 834 35.90 -25.97 7.12
N GLU A 835 36.69 -25.40 6.21
CA GLU A 835 37.67 -24.40 6.58
C GLU A 835 37.08 -23.00 6.42
N ASP A 836 37.94 -21.98 6.51
CA ASP A 836 37.51 -20.60 6.40
C ASP A 836 36.95 -20.32 5.01
N GLU A 837 36.05 -19.34 4.95
CA GLU A 837 35.39 -19.00 3.68
C GLU A 837 36.37 -18.51 2.62
N SER A 838 37.57 -18.09 3.02
CA SER A 838 38.57 -17.65 2.06
C SER A 838 39.24 -18.81 1.33
N LYS A 839 38.76 -20.03 1.52
CA LYS A 839 39.36 -21.21 0.92
C LYS A 839 38.40 -22.04 0.08
N TRP A 840 37.15 -21.62 -0.09
CA TRP A 840 36.22 -22.43 -0.87
C TRP A 840 35.06 -21.63 -1.46
N VAL A 841 34.69 -20.52 -0.84
CA VAL A 841 33.51 -19.78 -1.29
C VAL A 841 33.75 -19.19 -2.67
N GLU A 842 34.88 -18.51 -2.86
CA GLU A 842 35.19 -17.93 -4.17
C GLU A 842 35.28 -19.01 -5.25
N GLU A 843 35.76 -20.21 -4.87
CA GLU A 843 35.78 -21.32 -5.81
C GLU A 843 34.37 -21.73 -6.22
N LEU A 844 33.45 -21.81 -5.25
CA LEU A 844 32.08 -22.18 -5.56
C LEU A 844 31.42 -21.16 -6.49
N MET A 845 31.67 -19.87 -6.24
CA MET A 845 31.07 -18.83 -7.08
C MET A 845 31.64 -18.87 -8.49
N LYS A 846 32.95 -19.13 -8.63
CA LYS A 846 33.54 -19.27 -9.95
C LYS A 846 32.93 -20.44 -10.71
N MET A 847 32.52 -21.49 -10.00
CA MET A 847 31.85 -22.61 -10.65
C MET A 847 30.50 -22.20 -11.21
N HIS A 848 29.82 -21.25 -10.57
CA HIS A 848 28.46 -20.88 -10.95
C HIS A 848 28.40 -19.51 -11.62
N THR A 849 29.45 -19.13 -12.34
CA THR A 849 29.40 -17.93 -13.16
C THR A 849 28.28 -18.04 -14.18
N ALA A 850 27.85 -16.89 -14.70
CA ALA A 850 26.68 -16.88 -15.56
C ALA A 850 26.68 -15.64 -16.44
N ARG A 851 26.01 -15.76 -17.58
CA ARG A 851 25.71 -14.60 -18.41
C ARG A 851 24.55 -13.82 -17.81
N VAL A 852 24.55 -12.50 -18.06
CA VAL A 852 23.38 -11.71 -17.70
C VAL A 852 22.14 -12.27 -18.38
N ARG A 853 22.31 -12.82 -19.58
CA ARG A 853 21.18 -13.43 -20.30
C ARG A 853 20.55 -14.55 -19.51
N ASP A 854 21.36 -15.38 -18.84
CA ASP A 854 20.82 -16.50 -18.08
C ASP A 854 20.00 -16.01 -16.89
N ILE A 855 20.43 -14.93 -16.24
CA ILE A 855 19.65 -14.34 -15.17
C ILE A 855 18.33 -13.80 -15.72
N GLU A 856 18.37 -13.18 -16.90
CA GLU A 856 17.16 -12.64 -17.51
C GLU A 856 16.14 -13.73 -17.79
N HIS A 857 16.60 -14.89 -18.26
CA HIS A 857 15.70 -16.01 -18.48
C HIS A 857 15.11 -16.51 -17.17
N LEU A 858 15.93 -16.55 -16.12
CA LEU A 858 15.49 -17.12 -14.84
C LEU A 858 14.65 -16.16 -14.03
N THR A 859 14.66 -14.86 -14.35
CA THR A 859 13.90 -13.87 -13.62
C THR A 859 12.87 -13.13 -14.46
N SER A 860 12.85 -13.36 -15.78
CA SER A 860 11.97 -12.62 -16.70
C SER A 860 12.13 -11.11 -16.51
N LEU A 861 13.36 -10.68 -16.29
CA LEU A 861 13.73 -9.28 -16.18
C LEU A 861 14.62 -8.89 -17.35
N ASP A 862 14.76 -7.58 -17.55
CA ASP A 862 15.61 -7.04 -18.59
C ASP A 862 16.50 -5.96 -17.99
N PHE A 863 17.80 -6.15 -18.08
CA PHE A 863 18.79 -5.22 -17.54
C PHE A 863 19.43 -4.41 -18.66
N PHE A 864 20.16 -3.37 -18.26
CA PHE A 864 20.95 -2.53 -19.16
C PHE A 864 20.08 -1.94 -20.28
N ARG A 865 19.08 -1.16 -19.86
CA ARG A 865 18.17 -0.54 -20.81
C ARG A 865 18.47 0.92 -21.10
N LYS A 866 19.15 1.62 -20.20
CA LYS A 866 19.58 3.00 -20.40
C LYS A 866 21.08 3.06 -20.10
N THR A 867 21.90 2.80 -21.12
CA THR A 867 23.33 2.59 -20.92
C THR A 867 24.23 3.53 -21.72
N SER A 868 23.69 4.26 -22.70
CA SER A 868 24.42 5.06 -23.68
C SER A 868 25.15 4.22 -24.72
N ARG A 869 25.10 2.90 -24.62
CA ARG A 869 25.66 2.01 -25.62
C ARG A 869 24.56 1.53 -26.57
N SER A 870 24.97 1.11 -27.76
CA SER A 870 24.02 0.53 -28.70
C SER A 870 23.46 -0.77 -28.15
N TYR A 871 22.19 -1.02 -28.45
CA TYR A 871 21.56 -2.26 -27.99
C TYR A 871 22.27 -3.52 -28.48
N PRO A 872 22.71 -3.63 -29.74
CA PRO A 872 23.52 -4.80 -30.10
C PRO A 872 24.77 -4.95 -29.24
N GLU A 873 25.46 -3.86 -28.94
CA GLU A 873 26.59 -3.93 -28.02
C GLU A 873 26.15 -4.36 -26.63
N ILE A 874 24.97 -3.92 -26.20
CA ILE A 874 24.43 -4.34 -24.92
C ILE A 874 24.05 -5.83 -24.95
N LEU A 875 23.46 -6.27 -26.06
CA LEU A 875 23.16 -7.69 -26.22
C LEU A 875 24.43 -8.53 -26.23
N THR A 876 25.55 -7.96 -26.69
CA THR A 876 26.83 -8.65 -26.60
C THR A 876 27.29 -8.74 -25.15
N LEU A 877 27.09 -7.66 -24.39
CA LEU A 877 27.49 -7.67 -22.98
C LEU A 877 26.66 -8.67 -22.18
N LYS A 878 25.36 -8.73 -22.42
CA LYS A 878 24.50 -9.63 -21.66
C LYS A 878 24.70 -11.09 -22.00
N THR A 879 25.49 -11.40 -23.04
CA THR A 879 25.84 -12.77 -23.37
C THR A 879 27.27 -13.12 -22.99
N TYR A 880 28.03 -12.15 -22.50
CA TYR A 880 29.40 -12.40 -22.09
C TYR A 880 29.40 -13.31 -20.85
N LEU A 881 30.23 -14.35 -20.90
CA LEU A 881 30.40 -15.27 -19.79
C LEU A 881 31.82 -15.14 -19.26
N HIS A 882 31.95 -14.72 -18.00
CA HIS A 882 33.25 -14.63 -17.34
C HIS A 882 33.66 -16.04 -16.92
N THR A 883 34.57 -16.64 -17.69
CA THR A 883 34.92 -18.04 -17.48
C THR A 883 36.01 -18.25 -16.44
N TYR A 884 36.76 -17.19 -16.08
CA TYR A 884 37.90 -17.28 -15.17
C TYR A 884 38.99 -18.19 -15.71
N GLU A 885 38.99 -18.45 -17.01
CA GLU A 885 40.00 -19.29 -17.64
C GLU A 885 40.47 -18.67 -18.96
N ILE B 55 -62.02 -8.12 33.20
CA ILE B 55 -63.21 -7.78 32.44
C ILE B 55 -62.85 -6.91 31.24
N SER B 56 -63.05 -7.47 30.04
CA SER B 56 -62.80 -6.79 28.78
C SER B 56 -63.60 -5.50 28.65
N GLY B 57 -63.23 -4.63 27.70
CA GLY B 57 -64.10 -3.55 27.27
C GLY B 57 -64.40 -2.45 28.26
N SER B 58 -63.95 -2.58 29.50
CA SER B 58 -64.16 -1.56 30.52
C SER B 58 -62.87 -1.34 31.30
N CYS B 59 -62.76 -0.16 31.89
CA CYS B 59 -61.58 0.25 32.63
C CYS B 59 -61.72 0.01 34.13
N LYS B 60 -62.70 -0.79 34.54
CA LYS B 60 -62.81 -1.21 35.92
C LYS B 60 -61.60 -2.06 36.28
N GLY B 61 -60.85 -1.63 37.29
CA GLY B 61 -59.69 -2.38 37.72
C GLY B 61 -58.47 -2.28 36.82
N ARG B 62 -58.32 -1.20 36.06
CA ARG B 62 -57.12 -1.00 35.25
C ARG B 62 -56.95 0.46 34.86
N CYS B 63 -57.48 1.36 35.69
CA CYS B 63 -57.40 2.79 35.39
C CYS B 63 -55.96 3.28 35.56
N PHE B 64 -55.37 3.74 34.46
CA PHE B 64 -53.93 4.04 34.38
C PHE B 64 -53.13 2.75 34.54
N GLU B 65 -53.61 1.66 33.94
CA GLU B 65 -52.78 0.47 33.79
C GLU B 65 -51.55 0.84 32.98
N LEU B 66 -50.40 0.32 33.39
CA LEU B 66 -49.16 0.90 32.94
C LEU B 66 -48.74 0.48 31.53
N GLN B 67 -49.33 -0.58 30.98
CA GLN B 67 -49.16 -0.88 29.57
C GLN B 67 -50.53 -1.10 28.93
N GLU B 68 -50.65 -0.71 27.66
CA GLU B 68 -51.93 -0.65 26.97
C GLU B 68 -52.18 -1.91 26.17
N ALA B 69 -53.46 -2.24 26.00
CA ALA B 69 -53.89 -3.41 25.24
C ALA B 69 -54.47 -2.97 23.89
N GLY B 70 -54.20 -3.74 22.85
CA GLY B 70 -54.56 -3.38 21.49
C GLY B 70 -56.02 -3.62 21.16
N PRO B 71 -56.50 -2.97 20.11
CA PRO B 71 -57.94 -3.04 19.80
C PRO B 71 -58.39 -4.48 19.61
N PRO B 72 -59.66 -4.78 19.91
CA PRO B 72 -60.71 -3.85 20.36
C PRO B 72 -60.60 -3.51 21.84
N ASP B 73 -59.59 -4.06 22.51
CA ASP B 73 -59.28 -3.70 23.89
C ASP B 73 -59.19 -2.18 24.00
N CYS B 74 -60.22 -1.53 24.54
CA CYS B 74 -60.13 -0.10 24.72
C CYS B 74 -59.11 0.15 25.80
N ARG B 75 -58.31 1.18 25.59
CA ARG B 75 -57.21 1.46 26.49
C ARG B 75 -57.69 2.23 27.73
N CYS B 76 -56.90 2.13 28.79
CA CYS B 76 -57.19 2.77 30.06
C CYS B 76 -55.97 3.46 30.65
N ASP B 77 -54.88 3.56 29.89
CA ASP B 77 -53.68 4.23 30.36
C ASP B 77 -53.88 5.75 30.32
N ASN B 78 -52.88 6.48 30.80
CA ASN B 78 -52.96 7.92 30.87
C ASN B 78 -52.70 8.61 29.54
N LEU B 79 -52.69 7.88 28.43
CA LEU B 79 -52.52 8.46 27.11
C LEU B 79 -53.63 8.06 26.14
N CYS B 80 -54.68 7.40 26.63
CA CYS B 80 -55.77 6.99 25.74
C CYS B 80 -56.52 8.19 25.18
N LYS B 81 -56.63 9.28 25.95
CA LYS B 81 -57.39 10.44 25.49
C LYS B 81 -56.76 11.11 24.29
N SER B 82 -55.42 11.12 24.21
CA SER B 82 -54.75 11.71 23.07
C SER B 82 -54.95 10.88 21.80
N TYR B 83 -55.22 9.59 21.93
CA TYR B 83 -55.55 8.73 20.80
C TYR B 83 -57.05 8.62 20.58
N THR B 84 -57.86 9.21 21.45
CA THR B 84 -59.32 9.12 21.40
C THR B 84 -59.78 7.67 21.30
N SER B 85 -59.37 6.88 22.31
CA SER B 85 -59.68 5.45 22.32
C SER B 85 -59.83 4.89 23.73
N CYS B 86 -60.31 5.70 24.67
CA CYS B 86 -60.61 5.20 26.01
C CYS B 86 -61.97 4.51 26.01
N CYS B 87 -62.15 3.61 26.98
CA CYS B 87 -63.45 2.98 27.14
C CYS B 87 -64.44 4.01 27.68
N HIS B 88 -65.74 3.71 27.54
CA HIS B 88 -66.78 4.66 27.94
C HIS B 88 -66.69 5.05 29.42
N ASP B 89 -66.25 4.13 30.27
CA ASP B 89 -66.21 4.35 31.71
C ASP B 89 -64.92 5.01 32.18
N PHE B 90 -64.02 5.37 31.26
CA PHE B 90 -62.75 5.96 31.66
C PHE B 90 -62.95 7.28 32.37
N ASP B 91 -63.75 8.18 31.80
CA ASP B 91 -64.06 9.45 32.46
C ASP B 91 -64.85 9.23 33.74
N GLU B 92 -65.56 8.10 33.84
CA GLU B 92 -66.39 7.83 35.00
C GLU B 92 -65.59 7.22 36.15
N LEU B 93 -64.67 6.32 35.84
CA LEU B 93 -63.99 5.54 36.88
C LEU B 93 -62.56 5.99 37.16
N CYS B 94 -61.86 6.54 36.17
CA CYS B 94 -60.46 6.92 36.35
C CYS B 94 -60.27 8.42 36.52
N LEU B 95 -61.26 9.24 36.16
CA LEU B 95 -61.14 10.68 36.24
C LEU B 95 -62.09 11.24 37.28
N LYS B 96 -62.09 10.67 38.47
CA LYS B 96 -62.95 11.17 39.54
C LYS B 96 -62.44 12.53 40.01
N THR B 97 -63.33 13.52 40.03
CA THR B 97 -63.01 14.87 40.46
C THR B 97 -63.88 15.33 41.62
N ALA B 98 -64.71 14.44 42.17
CA ALA B 98 -65.62 14.82 43.24
C ALA B 98 -64.85 15.17 44.51
N ARG B 99 -65.35 16.18 45.22
CA ARG B 99 -64.85 16.61 46.54
C ARG B 99 -63.45 17.19 46.49
N GLY B 100 -62.95 17.54 45.30
CA GLY B 100 -61.68 18.22 45.19
C GLY B 100 -60.48 17.30 45.39
N TRP B 101 -59.35 17.93 45.72
CA TRP B 101 -58.08 17.24 45.87
C TRP B 101 -57.52 17.27 47.28
N GLU B 102 -58.19 17.95 48.22
CA GLU B 102 -57.68 18.11 49.57
C GLU B 102 -58.67 17.54 50.58
N CYS B 103 -58.14 16.89 51.61
CA CYS B 103 -58.94 16.52 52.78
C CYS B 103 -59.19 17.73 53.65
N THR B 104 -60.38 17.79 54.25
CA THR B 104 -60.71 18.80 55.23
C THR B 104 -61.04 18.13 56.56
N LYS B 105 -61.08 18.95 57.61
CA LYS B 105 -61.26 18.42 58.96
C LYS B 105 -62.57 17.66 59.13
N ASP B 106 -63.55 17.87 58.25
CA ASP B 106 -64.83 17.19 58.35
C ASP B 106 -64.86 15.84 57.65
N ARG B 107 -63.94 15.58 56.73
CA ARG B 107 -63.92 14.35 55.94
C ARG B 107 -62.91 13.33 56.43
N CYS B 108 -62.19 13.61 57.51
CA CYS B 108 -61.05 12.79 57.88
C CYS B 108 -61.49 11.46 58.45
N GLY B 109 -62.65 11.41 59.13
CA GLY B 109 -63.21 10.14 59.54
C GLY B 109 -64.49 9.85 58.79
N GLU B 110 -64.40 9.07 57.70
CA GLU B 110 -65.56 8.81 56.85
C GLU B 110 -65.52 7.39 56.30
N VAL B 111 -66.62 7.02 55.61
CA VAL B 111 -66.75 5.76 54.89
C VAL B 111 -66.27 5.97 53.45
N ARG B 112 -65.67 4.94 52.87
CA ARG B 112 -65.10 5.06 51.53
C ARG B 112 -66.21 5.29 50.51
N ASN B 113 -66.28 6.51 49.98
CA ASN B 113 -67.18 6.85 48.88
C ASN B 113 -66.32 6.86 47.61
N GLU B 114 -66.35 5.75 46.87
CA GLU B 114 -65.50 5.58 45.70
C GLU B 114 -65.75 6.62 44.61
N GLU B 115 -66.79 7.44 44.74
CA GLU B 115 -67.02 8.51 43.78
C GLU B 115 -66.06 9.68 43.97
N ASN B 116 -65.39 9.76 45.11
CA ASN B 116 -64.51 10.89 45.39
C ASN B 116 -63.21 10.77 44.62
N ALA B 117 -62.62 11.92 44.30
CA ALA B 117 -61.32 11.96 43.64
C ALA B 117 -60.25 11.34 44.53
N CYS B 118 -59.99 11.95 45.67
CA CYS B 118 -59.05 11.43 46.65
C CYS B 118 -59.83 11.04 47.89
N HIS B 119 -59.29 10.08 48.64
CA HIS B 119 -59.99 9.51 49.78
C HIS B 119 -59.37 9.99 51.08
N CYS B 120 -60.23 10.17 52.08
CA CYS B 120 -59.81 10.59 53.43
C CYS B 120 -60.26 9.59 54.49
N SER B 121 -60.61 8.37 54.08
CA SER B 121 -60.91 7.33 55.06
C SER B 121 -59.60 6.81 55.67
N GLU B 122 -59.73 6.12 56.80
CA GLU B 122 -58.56 5.64 57.52
C GLU B 122 -57.99 4.35 56.92
N ASP B 123 -58.52 3.89 55.78
CA ASP B 123 -57.96 2.73 55.10
C ASP B 123 -57.38 3.08 53.74
N CYS B 124 -57.36 4.35 53.36
CA CYS B 124 -56.89 4.71 52.03
C CYS B 124 -55.38 4.58 51.90
N LEU B 125 -54.63 4.73 53.01
CA LEU B 125 -53.19 4.57 52.95
C LEU B 125 -52.81 3.17 52.47
N ALA B 126 -53.54 2.15 52.93
CA ALA B 126 -53.34 0.80 52.40
C ALA B 126 -53.76 0.73 50.95
N ARG B 127 -54.91 1.32 50.60
CA ARG B 127 -55.33 1.38 49.21
C ARG B 127 -54.49 2.36 48.40
N GLY B 128 -53.73 3.22 49.07
CA GLY B 128 -52.84 4.14 48.39
C GLY B 128 -53.49 5.27 47.65
N ASP B 129 -54.77 5.53 47.88
CA ASP B 129 -55.54 6.51 47.11
C ASP B 129 -56.03 7.65 48.00
N CYS B 130 -55.17 8.17 48.86
CA CYS B 130 -55.54 9.29 49.73
C CYS B 130 -55.28 10.63 49.04
N CYS B 131 -55.88 11.67 49.58
CA CYS B 131 -55.45 13.02 49.23
C CYS B 131 -54.05 13.22 49.79
N THR B 132 -53.24 14.03 49.08
CA THR B 132 -51.86 14.23 49.52
C THR B 132 -51.78 14.90 50.88
N ASN B 133 -52.82 15.62 51.30
CA ASN B 133 -52.81 16.33 52.58
C ASN B 133 -53.60 15.59 53.66
N TYR B 134 -53.74 14.27 53.54
CA TYR B 134 -54.45 13.47 54.53
C TYR B 134 -53.81 13.62 55.90
N GLN B 135 -52.72 12.89 56.15
CA GLN B 135 -52.13 12.86 57.50
C GLN B 135 -51.73 14.25 57.97
N VAL B 136 -51.64 15.22 57.08
CA VAL B 136 -51.42 16.60 57.49
C VAL B 136 -52.63 17.14 58.23
N VAL B 137 -53.82 17.00 57.64
CA VAL B 137 -55.01 17.62 58.19
C VAL B 137 -55.75 16.73 59.19
N CYS B 138 -55.49 15.42 59.19
CA CYS B 138 -56.24 14.49 60.01
C CYS B 138 -55.40 13.87 61.14
N LYS B 139 -54.14 13.55 60.85
CA LYS B 139 -53.28 12.82 61.78
C LYS B 139 -52.19 13.69 62.39
N GLY B 140 -52.37 15.00 62.38
CA GLY B 140 -51.44 15.91 63.03
C GLY B 140 -50.07 16.00 62.39
N GLU B 141 -49.84 15.34 61.26
CA GLU B 141 -48.55 15.44 60.59
C GLU B 141 -48.37 16.83 59.98
N SER B 142 -47.13 17.18 59.70
CA SER B 142 -46.78 18.50 59.18
C SER B 142 -46.60 18.45 57.67
N HIS B 143 -46.76 19.60 57.04
CA HIS B 143 -46.44 19.72 55.63
C HIS B 143 -44.94 19.48 55.43
N TRP B 144 -44.61 18.91 54.26
CA TRP B 144 -43.21 18.61 53.98
C TRP B 144 -42.36 19.87 53.97
N VAL B 145 -42.90 20.97 53.43
CA VAL B 145 -42.16 22.22 53.35
C VAL B 145 -41.93 22.82 54.75
N ASP B 146 -42.71 22.42 55.74
CA ASP B 146 -42.57 22.97 57.09
C ASP B 146 -41.52 22.24 57.92
N ASP B 147 -40.99 21.13 57.44
CA ASP B 147 -39.92 20.42 58.12
C ASP B 147 -38.57 20.99 57.72
N ASP B 148 -37.64 20.99 58.66
CA ASP B 148 -36.31 21.54 58.40
C ASP B 148 -35.54 20.65 57.43
N CYS B 149 -34.62 21.28 56.68
CA CYS B 149 -33.75 20.53 55.78
C CYS B 149 -32.88 19.56 56.58
N GLU B 150 -33.26 18.28 56.60
CA GLU B 150 -32.48 17.26 57.26
C GLU B 150 -31.66 16.51 56.21
N GLU B 151 -30.34 16.44 56.43
CA GLU B 151 -29.46 15.82 55.47
C GLU B 151 -29.74 14.32 55.35
N ILE B 152 -29.69 13.82 54.12
CA ILE B 152 -29.93 12.42 53.82
C ILE B 152 -28.58 11.79 53.51
N LYS B 153 -27.99 11.14 54.53
CA LYS B 153 -26.71 10.46 54.34
C LYS B 153 -26.86 9.13 53.64
N ALA B 154 -28.05 8.53 53.67
CA ALA B 154 -28.33 7.28 52.99
C ALA B 154 -29.82 7.17 52.79
N ALA B 155 -30.22 6.45 51.74
CA ALA B 155 -31.63 6.34 51.40
C ALA B 155 -32.38 5.58 52.49
N GLU B 156 -33.39 6.23 53.07
CA GLU B 156 -34.29 5.61 54.04
C GLU B 156 -35.54 5.19 53.30
N CYS B 157 -35.49 3.99 52.70
CA CYS B 157 -36.59 3.50 51.91
C CYS B 157 -37.34 2.39 52.62
N PRO B 158 -38.68 2.43 52.62
CA PRO B 158 -39.46 1.30 53.14
C PRO B 158 -39.09 -0.03 52.50
N ALA B 159 -39.57 -1.13 53.09
CA ALA B 159 -39.13 -2.46 52.69
C ALA B 159 -39.53 -2.76 51.25
N GLY B 160 -38.74 -3.63 50.62
CA GLY B 160 -38.97 -4.04 49.25
C GLY B 160 -38.41 -3.12 48.19
N PHE B 161 -38.06 -1.89 48.55
CA PHE B 161 -37.53 -0.95 47.57
C PHE B 161 -36.08 -1.33 47.24
N VAL B 162 -35.88 -1.78 46.01
CA VAL B 162 -34.58 -2.28 45.60
C VAL B 162 -33.67 -1.18 45.04
N ARG B 163 -34.26 -0.14 44.43
CA ARG B 163 -33.52 1.06 44.08
C ARG B 163 -34.40 2.27 44.38
N PRO B 164 -33.82 3.37 44.85
CA PRO B 164 -34.63 4.57 45.15
C PRO B 164 -35.30 5.10 43.90
N PRO B 165 -36.57 5.46 43.98
CA PRO B 165 -37.28 5.94 42.79
C PRO B 165 -36.80 7.31 42.36
N LEU B 166 -36.92 7.56 41.06
CA LEU B 166 -36.58 8.84 40.46
C LEU B 166 -37.84 9.43 39.83
N ILE B 167 -38.18 10.65 40.23
CA ILE B 167 -39.34 11.36 39.70
C ILE B 167 -38.86 12.65 39.06
N ILE B 168 -39.12 12.80 37.76
CA ILE B 168 -38.71 13.97 37.00
C ILE B 168 -39.90 14.92 36.92
N PHE B 169 -39.74 16.11 37.47
CA PHE B 169 -40.77 17.15 37.47
C PHE B 169 -40.33 18.22 36.48
N SER B 170 -40.84 18.15 35.25
CA SER B 170 -40.49 19.11 34.21
C SER B 170 -41.59 20.16 34.10
N VAL B 171 -41.17 21.41 33.98
CA VAL B 171 -42.09 22.56 33.96
C VAL B 171 -41.79 23.37 32.70
N ASP B 172 -42.71 23.33 31.74
CA ASP B 172 -42.50 23.97 30.45
C ASP B 172 -42.46 25.49 30.60
N GLY B 173 -41.42 26.12 30.04
CA GLY B 173 -41.32 27.55 30.02
C GLY B 173 -40.87 28.21 31.30
N PHE B 174 -40.26 27.45 32.22
CA PHE B 174 -39.85 27.99 33.51
C PHE B 174 -38.55 28.76 33.34
N ARG B 175 -38.64 30.08 33.29
CA ARG B 175 -37.45 30.90 33.18
C ARG B 175 -36.66 30.84 34.49
N ALA B 176 -35.33 30.86 34.38
CA ALA B 176 -34.48 30.67 35.55
C ALA B 176 -34.64 31.80 36.56
N SER B 177 -34.90 33.02 36.10
CA SER B 177 -35.06 34.15 37.00
C SER B 177 -36.30 34.05 37.87
N TYR B 178 -37.22 33.12 37.57
CA TYR B 178 -38.42 32.98 38.39
C TYR B 178 -38.10 32.55 39.80
N MET B 179 -36.94 31.93 40.02
CA MET B 179 -36.52 31.55 41.38
C MET B 179 -36.30 32.77 42.27
N LYS B 180 -36.13 33.95 41.68
CA LYS B 180 -35.93 35.16 42.47
C LYS B 180 -37.19 35.59 43.21
N LYS B 181 -38.36 35.08 42.81
CA LYS B 181 -39.59 35.42 43.51
C LYS B 181 -39.57 34.91 44.96
N GLY B 182 -38.93 33.77 45.20
CA GLY B 182 -38.72 33.30 46.55
C GLY B 182 -39.84 32.43 47.08
N SER B 183 -39.70 32.06 48.36
CA SER B 183 -40.66 31.19 49.03
C SER B 183 -42.00 31.87 49.29
N LYS B 184 -42.10 33.19 49.09
CA LYS B 184 -43.39 33.85 49.24
C LYS B 184 -44.39 33.34 48.21
N VAL B 185 -43.92 33.06 47.00
CA VAL B 185 -44.77 32.56 45.93
C VAL B 185 -44.66 31.04 45.80
N MET B 186 -43.45 30.50 45.88
CA MET B 186 -43.20 29.07 45.71
C MET B 186 -42.35 28.57 46.89
N PRO B 187 -42.98 28.28 48.03
CA PRO B 187 -42.19 27.76 49.16
C PRO B 187 -41.72 26.33 48.99
N ASN B 188 -42.49 25.48 48.32
CA ASN B 188 -42.07 24.09 48.13
C ASN B 188 -40.88 24.00 47.18
N ILE B 189 -40.95 24.71 46.05
CA ILE B 189 -39.84 24.71 45.11
C ILE B 189 -38.60 25.34 45.74
N GLU B 190 -38.78 26.47 46.43
CA GLU B 190 -37.63 27.13 47.05
C GLU B 190 -37.01 26.27 48.14
N LYS B 191 -37.80 25.40 48.76
CA LYS B 191 -37.24 24.48 49.74
C LYS B 191 -36.48 23.34 49.06
N LEU B 192 -37.01 22.84 47.93
CA LEU B 192 -36.27 21.88 47.13
C LEU B 192 -34.94 22.48 46.67
N ARG B 193 -34.95 23.75 46.29
CA ARG B 193 -33.76 24.43 45.83
C ARG B 193 -32.75 24.65 46.96
N SER B 194 -33.25 24.86 48.18
CA SER B 194 -32.37 25.17 49.30
CA SER B 194 -32.38 25.17 49.31
C SER B 194 -31.72 23.92 49.85
N CYS B 195 -32.53 22.92 50.24
CA CYS B 195 -31.97 21.73 50.87
C CYS B 195 -31.33 20.77 49.88
N GLY B 196 -31.59 20.93 48.59
CA GLY B 196 -31.12 20.02 47.57
C GLY B 196 -29.91 20.53 46.81
N THR B 197 -29.77 20.07 45.58
CA THR B 197 -28.70 20.47 44.68
C THR B 197 -29.29 21.31 43.56
N HIS B 198 -28.79 22.54 43.41
CA HIS B 198 -29.33 23.48 42.45
C HIS B 198 -28.18 24.18 41.72
N SER B 199 -28.53 24.88 40.66
CA SER B 199 -27.58 25.70 39.90
C SER B 199 -28.25 27.04 39.60
N PRO B 200 -27.46 28.09 39.37
CA PRO B 200 -28.07 29.39 39.04
C PRO B 200 -28.98 29.34 37.82
N TYR B 201 -28.67 28.48 36.86
CA TYR B 201 -29.53 28.24 35.71
C TYR B 201 -29.02 26.99 34.99
N MET B 202 -29.80 26.57 34.00
CA MET B 202 -29.43 25.43 33.16
C MET B 202 -29.66 25.83 31.71
N ARG B 203 -28.64 25.66 30.89
CA ARG B 203 -28.72 26.12 29.49
C ARG B 203 -29.51 25.12 28.66
N PRO B 204 -30.53 25.57 27.94
CA PRO B 204 -31.26 24.68 27.03
C PRO B 204 -30.49 24.52 25.73
N VAL B 205 -31.03 23.68 24.85
CA VAL B 205 -30.46 23.48 23.51
C VAL B 205 -31.19 24.37 22.53
N TYR B 206 -30.54 24.62 21.39
CA TYR B 206 -31.16 25.38 20.31
C TYR B 206 -31.83 24.43 19.32
N PRO B 207 -33.06 24.73 18.87
CA PRO B 207 -33.84 25.91 19.25
C PRO B 207 -34.48 25.73 20.62
N THR B 208 -34.53 26.81 21.42
CA THR B 208 -35.06 26.72 22.78
C THR B 208 -36.59 26.63 22.74
N LYS B 209 -37.06 25.52 22.20
CA LYS B 209 -38.47 25.18 22.16
CA LYS B 209 -38.47 25.17 22.15
C LYS B 209 -38.71 23.91 22.98
N THR B 210 -39.98 23.62 23.23
CA THR B 210 -40.33 22.53 24.15
C THR B 210 -39.95 21.17 23.58
N PHE B 211 -40.41 20.85 22.37
CA PHE B 211 -40.20 19.50 21.84
C PHE B 211 -38.72 19.17 21.64
N PRO B 212 -37.89 20.02 21.00
CA PRO B 212 -36.45 19.67 20.93
C PRO B 212 -35.80 19.55 22.29
N ASN B 213 -36.21 20.38 23.25
CA ASN B 213 -35.56 20.35 24.56
C ASN B 213 -36.02 19.18 25.41
N LEU B 214 -37.33 18.90 25.43
CA LEU B 214 -37.83 17.77 26.23
C LEU B 214 -37.22 16.46 25.75
N TYR B 215 -37.12 16.27 24.43
CA TYR B 215 -36.52 15.04 23.92
C TYR B 215 -35.01 15.03 24.13
N THR B 216 -34.37 16.20 24.18
CA THR B 216 -32.95 16.25 24.49
C THR B 216 -32.68 15.85 25.94
N LEU B 217 -33.51 16.32 26.87
CA LEU B 217 -33.37 15.89 28.26
C LEU B 217 -33.53 14.38 28.40
N ALA B 218 -34.37 13.77 27.57
CA ALA B 218 -34.64 12.34 27.67
C ALA B 218 -33.60 11.48 26.96
N THR B 219 -32.77 12.06 26.08
CA THR B 219 -31.79 11.30 25.32
C THR B 219 -30.36 11.74 25.51
N GLY B 220 -30.12 12.97 25.94
CA GLY B 220 -28.76 13.49 25.99
C GLY B 220 -28.16 13.85 24.65
N LEU B 221 -28.97 13.88 23.59
CA LEU B 221 -28.49 14.15 22.25
C LEU B 221 -28.87 15.55 21.81
N TYR B 222 -28.05 16.12 20.93
CA TYR B 222 -28.42 17.37 20.28
C TYR B 222 -29.63 17.14 19.39
N PRO B 223 -30.46 18.17 19.19
CA PRO B 223 -31.60 18.04 18.27
C PRO B 223 -31.23 17.48 16.90
N GLU B 224 -30.06 17.84 16.36
CA GLU B 224 -29.64 17.31 15.07
C GLU B 224 -29.43 15.80 15.11
N SER B 225 -29.21 15.22 16.28
CA SER B 225 -28.95 13.79 16.39
C SER B 225 -30.17 12.97 16.80
N HIS B 226 -31.07 13.50 17.61
CA HIS B 226 -32.25 12.73 18.00
C HIS B 226 -33.44 12.96 17.07
N GLY B 227 -33.37 13.94 16.17
CA GLY B 227 -34.34 14.12 15.12
C GLY B 227 -35.34 15.23 15.34
N ILE B 228 -35.68 15.52 16.59
CA ILE B 228 -36.70 16.53 16.87
C ILE B 228 -36.04 17.91 16.85
N VAL B 229 -35.86 18.45 15.65
CA VAL B 229 -35.09 19.67 15.47
C VAL B 229 -35.94 20.93 15.61
N GLY B 230 -37.23 20.80 15.86
CA GLY B 230 -38.08 21.96 16.05
C GLY B 230 -39.48 21.50 16.43
N ASN B 231 -40.28 22.47 16.87
CA ASN B 231 -41.69 22.19 17.15
C ASN B 231 -42.42 21.80 15.87
N SER B 232 -41.99 22.32 14.72
CA SER B 232 -42.52 21.94 13.42
C SER B 232 -41.35 21.65 12.49
N MET B 233 -41.38 20.48 11.86
CA MET B 233 -40.33 20.05 10.95
C MET B 233 -40.93 19.56 9.65
N TYR B 234 -40.12 19.60 8.59
CA TYR B 234 -40.44 18.96 7.33
C TYR B 234 -39.31 18.00 6.98
N ASP B 235 -39.66 16.73 6.78
CA ASP B 235 -38.68 15.74 6.37
C ASP B 235 -38.83 15.48 4.89
N PRO B 236 -37.81 15.77 4.07
CA PRO B 236 -37.97 15.57 2.62
C PRO B 236 -38.07 14.11 2.22
N VAL B 237 -37.48 13.20 2.99
CA VAL B 237 -37.60 11.77 2.68
C VAL B 237 -39.01 11.29 2.96
N PHE B 238 -39.55 11.67 4.13
CA PHE B 238 -40.93 11.31 4.45
C PHE B 238 -41.92 12.05 3.58
N ASP B 239 -41.55 13.24 3.10
CA ASP B 239 -42.47 14.16 2.44
C ASP B 239 -43.70 14.38 3.31
N ALA B 240 -43.46 14.75 4.56
CA ALA B 240 -44.52 14.97 5.53
C ALA B 240 -44.04 16.00 6.55
N THR B 241 -45.00 16.56 7.30
CA THR B 241 -44.72 17.62 8.25
C THR B 241 -45.04 17.15 9.67
N PHE B 242 -44.19 17.57 10.60
CA PHE B 242 -44.35 17.31 12.03
C PHE B 242 -44.84 18.58 12.71
N HIS B 243 -45.80 18.44 13.62
CA HIS B 243 -46.37 19.60 14.29
C HIS B 243 -46.58 19.29 15.76
N LEU B 244 -46.70 20.37 16.56
CA LEU B 244 -47.01 20.21 17.97
C LEU B 244 -48.35 19.53 18.16
N ARG B 245 -49.38 20.03 17.49
CA ARG B 245 -50.71 19.44 17.54
C ARG B 245 -50.96 18.64 16.26
N GLY B 246 -51.68 17.53 16.40
CA GLY B 246 -51.96 16.64 15.29
C GLY B 246 -51.52 15.23 15.58
N ARG B 247 -51.72 14.38 14.57
CA ARG B 247 -51.42 12.96 14.71
C ARG B 247 -50.03 12.59 14.22
N GLU B 248 -49.39 13.46 13.43
CA GLU B 248 -48.10 13.10 12.84
C GLU B 248 -47.03 12.88 13.89
N LYS B 249 -47.13 13.57 15.04
CA LYS B 249 -46.09 13.45 16.06
C LYS B 249 -46.05 12.05 16.67
N PHE B 250 -47.19 11.34 16.70
CA PHE B 250 -47.23 10.02 17.30
C PHE B 250 -46.54 8.96 16.44
N ASN B 251 -46.25 9.25 15.19
CA ASN B 251 -45.50 8.32 14.36
C ASN B 251 -44.06 8.22 14.86
N HIS B 252 -43.57 6.99 15.03
CA HIS B 252 -42.24 6.79 15.58
C HIS B 252 -41.12 7.08 14.59
N ARG B 253 -41.44 7.26 13.30
CA ARG B 253 -40.42 7.53 12.30
C ARG B 253 -39.68 8.83 12.54
N TRP B 254 -40.24 9.74 13.35
CA TRP B 254 -39.63 11.03 13.59
C TRP B 254 -38.56 11.00 14.68
N TRP B 255 -38.57 9.98 15.55
CA TRP B 255 -37.85 10.01 16.80
C TRP B 255 -36.64 9.08 16.73
N GLY B 256 -35.44 9.65 16.89
CA GLY B 256 -34.21 8.91 16.93
C GLY B 256 -33.64 8.81 18.33
N GLY B 257 -32.44 8.24 18.40
CA GLY B 257 -31.81 8.05 19.69
C GLY B 257 -32.55 7.03 20.54
N GLN B 258 -32.32 7.11 21.85
CA GLN B 258 -32.93 6.21 22.80
C GLN B 258 -33.30 6.98 24.06
N PRO B 259 -34.58 7.29 24.25
CA PRO B 259 -34.99 8.02 25.45
C PRO B 259 -34.84 7.17 26.70
N LEU B 260 -34.92 7.84 27.85
CA LEU B 260 -34.65 7.17 29.12
C LEU B 260 -35.63 6.03 29.39
N TRP B 261 -36.88 6.19 28.98
CA TRP B 261 -37.86 5.14 29.26
C TRP B 261 -37.64 3.91 28.38
N ILE B 262 -36.99 4.07 27.23
CA ILE B 262 -36.61 2.91 26.43
C ILE B 262 -35.32 2.31 26.96
N THR B 263 -34.38 3.15 27.39
CA THR B 263 -33.14 2.66 27.99
C THR B 263 -33.44 1.87 29.27
N ALA B 264 -34.44 2.31 30.03
CA ALA B 264 -34.80 1.61 31.26
C ALA B 264 -35.48 0.27 30.96
N THR B 265 -36.36 0.25 29.96
CA THR B 265 -37.06 -0.99 29.62
C THR B 265 -36.11 -2.03 29.05
N LYS B 266 -35.19 -1.60 28.18
CA LYS B 266 -34.26 -2.53 27.56
C LYS B 266 -33.31 -3.15 28.57
N GLN B 267 -33.06 -2.50 29.70
CA GLN B 267 -32.17 -3.01 30.73
C GLN B 267 -32.92 -3.57 31.93
N GLY B 268 -34.22 -3.82 31.80
CA GLY B 268 -34.99 -4.50 32.82
C GLY B 268 -35.55 -3.65 33.93
N VAL B 269 -35.59 -2.33 33.75
CA VAL B 269 -36.11 -1.41 34.77
C VAL B 269 -37.45 -0.88 34.28
N LYS B 270 -38.48 -1.02 35.12
CA LYS B 270 -39.81 -0.56 34.75
C LYS B 270 -39.85 0.97 34.74
N ALA B 271 -40.35 1.54 33.65
CA ALA B 271 -40.53 2.98 33.54
C ALA B 271 -41.98 3.40 33.68
N GLY B 272 -42.92 2.61 33.20
CA GLY B 272 -44.33 2.96 33.29
C GLY B 272 -44.78 3.78 32.10
N THR B 273 -45.25 5.01 32.36
CA THR B 273 -45.66 5.91 31.31
C THR B 273 -45.29 7.34 31.69
N PHE B 274 -44.57 8.02 30.79
CA PHE B 274 -44.10 9.37 31.06
C PHE B 274 -45.06 10.45 30.56
N PHE B 275 -46.00 10.09 29.70
CA PHE B 275 -46.85 11.06 29.03
C PHE B 275 -48.27 11.05 29.60
N TRP B 276 -48.91 12.20 29.54
CA TRP B 276 -50.26 12.38 30.04
C TRP B 276 -51.07 13.22 29.06
N SER B 277 -52.32 12.85 28.86
CA SER B 277 -53.21 13.66 28.03
C SER B 277 -53.42 15.03 28.67
N VAL B 278 -53.52 16.04 27.82
CA VAL B 278 -53.67 17.43 28.27
C VAL B 278 -54.87 17.59 29.21
N VAL B 279 -55.88 16.73 29.06
CA VAL B 279 -57.11 16.88 29.83
C VAL B 279 -56.89 16.47 31.28
N ILE B 280 -56.07 15.44 31.51
CA ILE B 280 -55.86 14.88 32.85
C ILE B 280 -55.35 15.97 33.79
N PRO B 281 -56.04 16.24 34.89
CA PRO B 281 -55.60 17.31 35.79
C PRO B 281 -54.25 16.99 36.43
N HIS B 282 -53.51 18.06 36.76
CA HIS B 282 -52.20 17.89 37.38
C HIS B 282 -52.30 17.09 38.67
N GLU B 283 -53.34 17.33 39.46
CA GLU B 283 -53.51 16.60 40.72
C GLU B 283 -53.76 15.12 40.47
N ARG B 284 -54.48 14.78 39.40
CA ARG B 284 -54.71 13.38 39.06
C ARG B 284 -53.41 12.70 38.65
N ARG B 285 -52.52 13.44 37.97
CA ARG B 285 -51.23 12.88 37.61
C ARG B 285 -50.39 12.60 38.84
N ILE B 286 -50.48 13.46 39.86
CA ILE B 286 -49.71 13.25 41.08
C ILE B 286 -50.24 12.05 41.84
N LEU B 287 -51.57 11.97 42.00
CA LEU B 287 -52.16 10.83 42.70
C LEU B 287 -51.87 9.53 41.97
N THR B 288 -51.83 9.56 40.64
CA THR B 288 -51.52 8.35 39.89
C THR B 288 -50.09 7.89 40.16
N ILE B 289 -49.15 8.83 40.24
CA ILE B 289 -47.75 8.47 40.50
C ILE B 289 -47.61 7.88 41.90
N LEU B 290 -48.20 8.55 42.91
CA LEU B 290 -48.16 8.03 44.26
C LEU B 290 -48.88 6.69 44.37
N GLN B 291 -49.92 6.47 43.57
CA GLN B 291 -50.59 5.18 43.54
C GLN B 291 -49.71 4.12 42.88
N TRP B 292 -48.98 4.49 41.83
CA TRP B 292 -48.07 3.55 41.20
C TRP B 292 -46.98 3.11 42.16
N LEU B 293 -46.54 4.01 43.04
CA LEU B 293 -45.49 3.69 44.00
C LEU B 293 -45.93 2.69 45.06
N THR B 294 -47.23 2.43 45.19
CA THR B 294 -47.71 1.43 46.13
C THR B 294 -47.84 0.06 45.49
N LEU B 295 -47.60 -0.05 44.18
CA LEU B 295 -47.69 -1.33 43.50
C LEU B 295 -46.62 -2.29 44.02
N PRO B 296 -46.85 -3.59 43.92
CA PRO B 296 -45.83 -4.57 44.35
C PRO B 296 -44.52 -4.36 43.60
N ASP B 297 -43.46 -5.00 44.12
CA ASP B 297 -42.15 -4.88 43.51
C ASP B 297 -42.14 -5.37 42.07
N HIS B 298 -42.96 -6.38 41.78
CA HIS B 298 -43.05 -6.90 40.42
C HIS B 298 -43.64 -5.89 39.44
N GLU B 299 -44.36 -4.87 39.94
CA GLU B 299 -45.12 -3.98 39.08
C GLU B 299 -44.83 -2.50 39.32
N ARG B 300 -44.00 -2.15 40.30
CA ARG B 300 -43.77 -0.75 40.63
C ARG B 300 -42.70 -0.17 39.70
N PRO B 301 -43.02 0.85 38.91
CA PRO B 301 -41.98 1.51 38.11
C PRO B 301 -40.98 2.18 39.02
N SER B 302 -39.74 2.31 38.53
CA SER B 302 -38.69 2.95 39.30
C SER B 302 -38.40 4.38 38.85
N VAL B 303 -38.89 4.79 37.68
CA VAL B 303 -38.73 6.16 37.20
C VAL B 303 -40.09 6.69 36.79
N TYR B 304 -40.33 7.98 37.08
CA TYR B 304 -41.60 8.62 36.78
C TYR B 304 -41.34 9.99 36.19
N ALA B 305 -42.37 10.54 35.54
CA ALA B 305 -42.24 11.84 34.88
C ALA B 305 -43.57 12.57 34.92
N PHE B 306 -43.58 13.74 35.54
CA PHE B 306 -44.69 14.68 35.47
C PHE B 306 -44.22 15.90 34.71
N TYR B 307 -44.92 16.27 33.64
CA TYR B 307 -44.65 17.51 32.96
C TYR B 307 -45.87 18.41 32.99
N SER B 308 -45.62 19.71 33.06
CA SER B 308 -46.67 20.72 33.17
CA SER B 308 -46.67 20.72 33.17
C SER B 308 -46.56 21.70 32.01
N GLU B 309 -47.72 22.18 31.54
CA GLU B 309 -47.76 23.15 30.47
C GLU B 309 -47.51 24.58 30.95
N GLN B 310 -47.43 24.79 32.28
CA GLN B 310 -47.14 26.07 32.89
C GLN B 310 -45.70 26.12 33.39
N PRO B 311 -45.08 27.31 33.48
CA PRO B 311 -45.67 28.61 33.17
C PRO B 311 -45.50 29.05 31.71
N ASP B 312 -45.44 28.10 30.77
CA ASP B 312 -45.30 28.46 29.37
C ASP B 312 -46.56 29.12 28.83
N PHE B 313 -47.73 28.58 29.17
CA PHE B 313 -48.99 29.11 28.63
C PHE B 313 -49.19 30.56 29.07
N SER B 314 -49.15 30.81 30.37
CA SER B 314 -49.32 32.17 30.86
C SER B 314 -48.14 33.07 30.49
N GLY B 315 -46.93 32.51 30.41
CA GLY B 315 -45.81 33.32 29.98
C GLY B 315 -45.93 33.80 28.55
N HIS B 316 -46.69 33.07 27.73
CA HIS B 316 -46.92 33.50 26.36
C HIS B 316 -47.89 34.68 26.30
N LYS B 317 -48.94 34.65 27.13
CA LYS B 317 -49.95 35.69 27.04
C LYS B 317 -49.49 36.96 27.75
N TYR B 318 -48.94 36.82 28.95
CA TYR B 318 -48.61 37.99 29.77
C TYR B 318 -47.13 38.38 29.75
N GLY B 319 -46.25 37.52 29.25
CA GLY B 319 -44.84 37.82 29.26
C GLY B 319 -44.17 37.34 30.54
N PRO B 320 -42.84 37.25 30.53
CA PRO B 320 -42.13 36.70 31.70
C PRO B 320 -42.15 37.63 32.91
N PHE B 321 -42.40 38.92 32.74
CA PHE B 321 -42.39 39.87 33.85
C PHE B 321 -43.76 40.46 34.13
N GLY B 322 -44.81 39.98 33.47
CA GLY B 322 -46.15 40.44 33.72
C GLY B 322 -46.60 40.04 35.11
N PRO B 323 -47.30 40.94 35.81
CA PRO B 323 -47.75 40.62 37.16
C PRO B 323 -48.74 39.47 37.22
N GLU B 324 -49.33 39.08 36.09
CA GLU B 324 -50.24 37.95 36.03
C GLU B 324 -49.54 36.61 36.15
N MET B 325 -48.20 36.60 36.21
CA MET B 325 -47.43 35.36 36.27
C MET B 325 -47.22 34.86 37.68
N THR B 326 -47.53 35.66 38.71
CA THR B 326 -47.36 35.20 40.08
C THR B 326 -48.30 34.05 40.41
N ASN B 327 -49.50 34.05 39.82
CA ASN B 327 -50.47 33.00 40.15
C ASN B 327 -50.08 31.64 39.57
N PRO B 328 -49.74 31.51 38.29
CA PRO B 328 -49.38 30.18 37.77
C PRO B 328 -48.20 29.55 38.49
N LEU B 329 -47.27 30.35 39.00
CA LEU B 329 -46.16 29.78 39.78
C LEU B 329 -46.65 29.24 41.11
N ARG B 330 -47.71 29.82 41.68
CA ARG B 330 -48.30 29.25 42.88
C ARG B 330 -49.00 27.93 42.59
N GLU B 331 -49.66 27.83 41.42
CA GLU B 331 -50.27 26.56 41.03
C GLU B 331 -49.22 25.47 40.88
N ILE B 332 -48.09 25.80 40.24
CA ILE B 332 -47.01 24.84 40.11
C ILE B 332 -46.52 24.37 41.47
N ASP B 333 -46.36 25.31 42.41
CA ASP B 333 -45.77 24.96 43.69
C ASP B 333 -46.68 24.09 44.52
N LYS B 334 -47.99 24.31 44.46
CA LYS B 334 -48.89 23.47 45.25
C LYS B 334 -49.03 22.09 44.61
N ILE B 335 -48.85 21.98 43.29
CA ILE B 335 -48.68 20.66 42.68
C ILE B 335 -47.41 20.02 43.22
N VAL B 336 -46.33 20.78 43.31
CA VAL B 336 -45.09 20.27 43.91
C VAL B 336 -45.31 19.91 45.37
N GLY B 337 -46.08 20.75 46.08
CA GLY B 337 -46.35 20.46 47.49
C GLY B 337 -47.13 19.19 47.68
N GLN B 338 -48.07 18.90 46.78
CA GLN B 338 -48.84 17.67 46.87
C GLN B 338 -47.94 16.45 46.70
N LEU B 339 -47.04 16.48 45.70
CA LEU B 339 -46.16 15.35 45.47
C LEU B 339 -45.25 15.11 46.68
N MET B 340 -44.68 16.19 47.23
CA MET B 340 -43.83 16.05 48.41
C MET B 340 -44.64 15.63 49.63
N ASP B 341 -45.88 16.10 49.75
CA ASP B 341 -46.75 15.64 50.83
C ASP B 341 -47.09 14.17 50.65
N GLY B 342 -47.35 13.75 49.42
CA GLY B 342 -47.66 12.34 49.18
C GLY B 342 -46.45 11.45 49.36
N LEU B 343 -45.29 11.88 48.86
CA LEU B 343 -44.07 11.14 49.09
C LEU B 343 -43.74 11.04 50.57
N LYS B 344 -44.10 12.06 51.35
CA LYS B 344 -43.97 11.98 52.80
C LYS B 344 -45.03 11.05 53.39
N GLN B 345 -46.23 11.03 52.81
CA GLN B 345 -47.28 10.14 53.29
C GLN B 345 -46.90 8.67 53.11
N LEU B 346 -46.14 8.37 52.06
CA LEU B 346 -45.66 7.01 51.81
C LEU B 346 -44.32 6.72 52.47
N LYS B 347 -43.84 7.63 53.32
CA LYS B 347 -42.53 7.49 53.96
C LYS B 347 -41.42 7.36 52.92
N LEU B 348 -41.57 8.07 51.81
CA LEU B 348 -40.61 8.06 50.72
C LEU B 348 -39.89 9.39 50.55
N HIS B 349 -40.15 10.37 51.41
CA HIS B 349 -39.59 11.70 51.27
C HIS B 349 -38.09 11.74 51.54
N ARG B 350 -37.52 10.68 52.11
CA ARG B 350 -36.08 10.55 52.29
C ARG B 350 -35.55 9.34 51.54
N CYS B 351 -36.23 8.98 50.45
CA CYS B 351 -35.92 7.86 49.60
C CYS B 351 -35.92 8.22 48.11
N VAL B 352 -36.81 9.10 47.70
CA VAL B 352 -37.03 9.42 46.29
C VAL B 352 -36.05 10.51 45.86
N ASN B 353 -35.50 10.37 44.66
CA ASN B 353 -34.78 11.45 44.02
C ASN B 353 -35.73 12.22 43.11
N VAL B 354 -35.81 13.53 43.29
CA VAL B 354 -36.71 14.40 42.54
C VAL B 354 -35.87 15.39 41.74
N ILE B 355 -36.13 15.45 40.43
CA ILE B 355 -35.43 16.37 39.54
C ILE B 355 -36.44 17.39 39.05
N PHE B 356 -36.36 18.60 39.58
CA PHE B 356 -37.16 19.73 39.12
C PHE B 356 -36.40 20.42 38.00
N VAL B 357 -36.93 20.35 36.78
CA VAL B 357 -36.20 20.78 35.60
C VAL B 357 -37.15 21.53 34.66
N GLY B 358 -36.57 22.46 33.88
CA GLY B 358 -37.30 23.17 32.86
C GLY B 358 -36.67 22.95 31.49
N ASP B 359 -37.42 23.30 30.45
CA ASP B 359 -36.98 23.09 29.08
C ASP B 359 -36.49 24.37 28.40
N HIS B 360 -37.01 25.53 28.80
CA HIS B 360 -36.62 26.80 28.20
C HIS B 360 -37.14 27.92 29.07
N GLY B 361 -36.77 29.14 28.71
CA GLY B 361 -37.24 30.34 29.39
C GLY B 361 -38.33 31.04 28.62
N MET B 362 -38.46 32.34 28.87
CA MET B 362 -39.49 33.16 28.26
C MET B 362 -38.96 34.57 28.06
N GLU B 363 -39.26 35.14 26.90
CA GLU B 363 -38.70 36.43 26.49
C GLU B 363 -39.82 37.38 26.09
N ASP B 364 -39.65 38.66 26.42
CA ASP B 364 -40.57 39.72 25.99
C ASP B 364 -40.56 39.87 24.48
N VAL B 365 -41.55 39.31 23.79
CA VAL B 365 -41.69 39.47 22.34
C VAL B 365 -43.11 39.93 22.06
N THR B 366 -43.26 40.97 21.22
CA THR B 366 -44.57 41.49 20.89
C THR B 366 -44.78 41.53 19.38
N CYS B 367 -46.07 41.55 19.02
CA CYS B 367 -46.51 41.63 17.62
C CYS B 367 -45.88 42.81 16.88
N ASP B 368 -45.58 43.90 17.57
CA ASP B 368 -45.01 45.06 16.89
C ASP B 368 -43.55 44.85 16.51
N ARG B 369 -42.85 43.92 17.16
CA ARG B 369 -41.46 43.64 16.85
C ARG B 369 -41.36 42.38 15.98
N THR B 370 -41.74 42.56 14.72
CA THR B 370 -41.78 41.46 13.76
C THR B 370 -41.12 41.92 12.46
N GLU B 371 -40.14 41.14 12.01
CA GLU B 371 -39.52 41.37 10.71
C GLU B 371 -40.22 40.54 9.65
N PHE B 372 -40.34 41.10 8.46
CA PHE B 372 -41.03 40.43 7.36
C PHE B 372 -40.07 40.27 6.19
N LEU B 373 -39.94 39.03 5.72
CA LEU B 373 -39.14 38.77 4.51
C LEU B 373 -39.70 39.49 3.30
N SER B 374 -41.00 39.80 3.30
CA SER B 374 -41.60 40.55 2.21
CA SER B 374 -41.60 40.55 2.21
C SER B 374 -40.92 41.90 2.01
N ASN B 375 -40.30 42.45 3.05
CA ASN B 375 -39.54 43.69 2.95
C ASN B 375 -38.12 43.49 2.43
N TYR B 376 -37.71 42.25 2.19
CA TYR B 376 -36.35 41.97 1.75
C TYR B 376 -36.29 41.25 0.42
N LEU B 377 -37.22 40.35 0.14
CA LEU B 377 -37.15 39.51 -1.05
C LEU B 377 -38.12 39.98 -2.12
N THR B 378 -37.66 39.96 -3.36
CA THR B 378 -38.53 40.30 -4.50
C THR B 378 -39.74 39.39 -4.55
N ASN B 379 -39.55 38.12 -4.21
CA ASN B 379 -40.57 37.08 -4.41
C ASN B 379 -40.62 36.22 -3.15
N VAL B 380 -41.69 36.33 -2.38
CA VAL B 380 -41.87 35.58 -1.15
C VAL B 380 -42.87 34.45 -1.29
N ASP B 381 -43.48 34.28 -2.46
CA ASP B 381 -44.47 33.23 -2.65
C ASP B 381 -43.85 31.87 -2.95
N ASP B 382 -42.63 31.84 -3.48
CA ASP B 382 -41.98 30.59 -3.83
C ASP B 382 -41.16 30.01 -2.68
N ILE B 383 -41.16 30.65 -1.51
CA ILE B 383 -40.39 30.16 -0.38
C ILE B 383 -41.34 29.77 0.74
N THR B 384 -40.95 28.73 1.48
CA THR B 384 -41.63 28.32 2.70
C THR B 384 -40.75 28.70 3.89
N LEU B 385 -41.32 29.43 4.84
CA LEU B 385 -40.59 29.91 6.00
C LEU B 385 -41.19 29.32 7.27
N VAL B 386 -40.34 28.72 8.09
CA VAL B 386 -40.70 28.38 9.46
C VAL B 386 -40.58 29.67 10.26
N PRO B 387 -41.69 30.28 10.69
CA PRO B 387 -41.62 31.61 11.30
C PRO B 387 -41.38 31.57 12.81
N GLY B 388 -41.41 32.76 13.42
CA GLY B 388 -41.27 32.86 14.86
C GLY B 388 -39.89 33.33 15.31
N THR B 389 -39.49 32.89 16.50
CA THR B 389 -38.20 33.28 17.07
C THR B 389 -37.02 32.69 16.31
N LEU B 390 -37.26 31.84 15.32
CA LEU B 390 -36.22 31.38 14.41
C LEU B 390 -36.79 31.35 13.01
N GLY B 391 -35.90 31.25 12.02
CA GLY B 391 -36.32 31.21 10.65
C GLY B 391 -35.67 30.06 9.89
N ARG B 392 -36.49 29.26 9.21
CA ARG B 392 -36.02 28.17 8.36
C ARG B 392 -36.69 28.31 7.01
N ILE B 393 -35.88 28.54 5.97
CA ILE B 393 -36.40 28.87 4.63
C ILE B 393 -36.03 27.73 3.68
N ARG B 394 -37.01 27.29 2.90
CA ARG B 394 -36.80 26.31 1.85
C ARG B 394 -37.66 26.69 0.65
N SER B 395 -37.58 25.88 -0.40
CA SER B 395 -38.36 26.13 -1.60
C SER B 395 -39.78 25.59 -1.41
N LYS B 396 -40.78 26.45 -1.68
CA LYS B 396 -42.17 26.02 -1.56
C LYS B 396 -42.54 25.03 -2.65
N PHE B 397 -41.85 25.06 -3.78
CA PHE B 397 -42.07 24.13 -4.88
C PHE B 397 -40.77 23.43 -5.20
N SER B 398 -40.86 22.12 -5.45
CA SER B 398 -39.66 21.35 -5.78
C SER B 398 -39.19 21.63 -7.19
N ASN B 399 -40.10 21.66 -8.16
CA ASN B 399 -39.77 21.98 -9.54
C ASN B 399 -39.78 23.50 -9.71
N ASN B 400 -38.67 24.12 -9.30
CA ASN B 400 -38.54 25.57 -9.39
C ASN B 400 -37.07 25.93 -9.46
N ALA B 401 -36.67 26.60 -10.53
CA ALA B 401 -35.31 27.11 -10.69
C ALA B 401 -35.19 28.59 -10.38
N LYS B 402 -36.31 29.31 -10.26
CA LYS B 402 -36.27 30.69 -9.83
C LYS B 402 -35.85 30.81 -8.37
N TYR B 403 -36.13 29.79 -7.57
CA TYR B 403 -35.66 29.73 -6.19
C TYR B 403 -34.14 29.61 -6.19
N ASP B 404 -33.46 30.69 -5.80
CA ASP B 404 -32.00 30.72 -5.75
C ASP B 404 -31.56 30.91 -4.30
N PRO B 405 -30.90 29.93 -3.69
CA PRO B 405 -30.52 30.09 -2.28
C PRO B 405 -29.50 31.19 -2.06
N LYS B 406 -28.49 31.30 -2.91
CA LYS B 406 -27.48 32.33 -2.75
C LYS B 406 -28.07 33.73 -2.90
N ALA B 407 -29.11 33.88 -3.72
CA ALA B 407 -29.74 35.18 -3.89
C ALA B 407 -30.57 35.54 -2.66
N ILE B 408 -31.23 34.56 -2.05
CA ILE B 408 -32.01 34.81 -0.84
C ILE B 408 -31.10 35.25 0.30
N ILE B 409 -30.02 34.51 0.51
CA ILE B 409 -29.03 34.89 1.52
C ILE B 409 -28.49 36.29 1.24
N ALA B 410 -28.31 36.63 -0.03
CA ALA B 410 -27.76 37.94 -0.37
C ALA B 410 -28.75 39.06 -0.05
N ALA B 411 -30.03 38.84 -0.34
CA ALA B 411 -31.04 39.86 -0.08
C ALA B 411 -31.40 39.97 1.39
N LEU B 412 -30.91 39.07 2.24
CA LEU B 412 -31.15 39.13 3.68
C LEU B 412 -29.92 39.54 4.47
N THR B 413 -28.78 39.75 3.82
CA THR B 413 -27.51 40.00 4.50
C THR B 413 -27.24 41.50 4.56
N CYS B 414 -27.24 42.05 5.77
CA CYS B 414 -26.89 43.45 6.05
C CYS B 414 -27.50 44.40 5.03
N LYS B 415 -28.80 44.29 4.84
CA LYS B 415 -29.51 45.10 3.87
C LYS B 415 -30.22 46.31 4.48
N LYS B 416 -30.63 46.22 5.74
CA LYS B 416 -31.27 47.33 6.42
C LYS B 416 -30.63 47.54 7.78
N PRO B 417 -30.48 48.79 8.22
CA PRO B 417 -29.90 49.03 9.54
C PRO B 417 -30.76 48.45 10.64
N ASP B 418 -30.09 47.89 11.66
CA ASP B 418 -30.76 47.30 12.81
C ASP B 418 -31.65 46.12 12.41
N GLN B 419 -31.14 45.30 11.50
CA GLN B 419 -31.79 44.03 11.17
C GLN B 419 -31.82 43.16 12.42
N HIS B 420 -33.02 42.75 12.83
CA HIS B 420 -33.19 41.92 14.02
C HIS B 420 -33.14 40.43 13.70
N PHE B 421 -32.56 40.07 12.55
CA PHE B 421 -32.32 38.68 12.18
C PHE B 421 -31.06 38.64 11.34
N LYS B 422 -30.34 37.52 11.42
CA LYS B 422 -29.15 37.34 10.61
C LYS B 422 -29.27 36.05 9.82
N PRO B 423 -29.08 36.10 8.49
CA PRO B 423 -29.14 34.87 7.70
C PRO B 423 -27.85 34.06 7.82
N TYR B 424 -28.01 32.74 7.80
CA TYR B 424 -26.88 31.82 7.86
C TYR B 424 -27.19 30.62 6.99
N LEU B 425 -26.22 30.21 6.18
CA LEU B 425 -26.21 28.82 5.72
C LEU B 425 -25.93 27.95 6.93
N LYS B 426 -26.74 26.89 7.09
CA LYS B 426 -26.76 26.18 8.37
C LYS B 426 -25.38 25.66 8.78
N GLN B 427 -24.51 25.36 7.81
CA GLN B 427 -23.16 24.96 8.15
C GLN B 427 -22.30 26.13 8.65
N HIS B 428 -22.78 27.37 8.52
CA HIS B 428 -22.07 28.54 9.02
C HIS B 428 -22.60 29.01 10.36
N LEU B 429 -23.65 28.38 10.89
CA LEU B 429 -24.12 28.69 12.22
C LEU B 429 -23.00 28.42 13.24
N PRO B 430 -22.97 29.16 14.34
CA PRO B 430 -21.98 28.89 15.40
C PRO B 430 -22.00 27.42 15.80
N LYS B 431 -20.81 26.83 15.88
CA LYS B 431 -20.69 25.40 16.15
C LYS B 431 -21.26 25.02 17.50
N ARG B 432 -21.35 25.97 18.44
CA ARG B 432 -21.90 25.68 19.76
C ARG B 432 -23.36 25.24 19.71
N LEU B 433 -24.08 25.59 18.64
CA LEU B 433 -25.49 25.23 18.52
C LEU B 433 -25.67 23.79 18.08
N HIS B 434 -24.74 23.25 17.30
CA HIS B 434 -24.84 21.90 16.74
C HIS B 434 -26.20 21.70 16.07
N TYR B 435 -26.50 22.59 15.11
CA TYR B 435 -27.80 22.63 14.45
C TYR B 435 -27.57 22.64 12.93
N ALA B 436 -27.16 21.50 12.39
CA ALA B 436 -26.89 21.43 10.95
C ALA B 436 -26.95 20.01 10.41
N ASN B 437 -26.48 19.03 11.18
CA ASN B 437 -26.34 17.66 10.69
C ASN B 437 -27.67 16.90 10.78
N ASN B 438 -28.63 17.38 10.00
CA ASN B 438 -29.93 16.71 9.90
C ASN B 438 -30.64 17.23 8.65
N ARG B 439 -31.25 16.31 7.89
CA ARG B 439 -31.94 16.70 6.67
C ARG B 439 -33.19 17.53 6.95
N ARG B 440 -33.76 17.41 8.16
CA ARG B 440 -34.92 18.22 8.52
C ARG B 440 -34.56 19.67 8.83
N ILE B 441 -33.27 19.97 8.97
CA ILE B 441 -32.81 21.35 9.16
C ILE B 441 -32.53 21.95 7.78
N GLU B 442 -33.19 23.06 7.48
CA GLU B 442 -33.08 23.67 6.17
C GLU B 442 -31.74 24.38 6.00
N ASP B 443 -31.31 24.47 4.74
CA ASP B 443 -30.00 25.07 4.45
C ASP B 443 -29.96 26.53 4.88
N ILE B 444 -31.05 27.26 4.68
CA ILE B 444 -31.11 28.68 5.04
C ILE B 444 -31.72 28.80 6.43
N HIS B 445 -30.97 29.38 7.36
CA HIS B 445 -31.42 29.58 8.73
C HIS B 445 -31.34 31.06 9.08
N LEU B 446 -32.30 31.52 9.88
CA LEU B 446 -32.36 32.91 10.33
C LEU B 446 -32.24 32.94 11.84
N LEU B 447 -31.11 33.46 12.34
CA LEU B 447 -30.93 33.68 13.77
C LEU B 447 -31.59 35.01 14.12
N VAL B 448 -32.68 34.95 14.87
CA VAL B 448 -33.48 36.12 15.17
C VAL B 448 -32.99 36.74 16.48
N GLU B 449 -32.79 38.05 16.46
CA GLU B 449 -32.43 38.78 17.68
C GLU B 449 -33.50 38.57 18.75
N ARG B 450 -33.06 38.52 20.01
CA ARG B 450 -33.99 38.37 21.12
C ARG B 450 -35.04 39.47 21.10
N ARG B 451 -36.23 39.14 21.63
CA ARG B 451 -37.39 40.03 21.69
C ARG B 451 -37.97 40.32 20.32
N TRP B 452 -37.74 39.47 19.31
CA TRP B 452 -38.20 39.76 17.97
C TRP B 452 -38.72 38.49 17.31
N HIS B 453 -39.54 38.69 16.28
CA HIS B 453 -40.07 37.62 15.44
C HIS B 453 -39.72 37.90 13.99
N VAL B 454 -39.53 36.83 13.22
CA VAL B 454 -39.38 36.94 11.78
C VAL B 454 -40.57 36.24 11.13
N ALA B 455 -41.01 36.79 10.00
CA ALA B 455 -42.24 36.35 9.37
C ALA B 455 -42.11 36.54 7.86
N ARG B 456 -42.93 35.81 7.11
CA ARG B 456 -42.81 35.85 5.65
C ARG B 456 -43.54 37.08 5.09
N LYS B 457 -44.85 37.12 5.22
CA LYS B 457 -45.66 38.23 4.73
C LYS B 457 -46.57 38.72 5.85
N PRO B 458 -46.88 40.02 5.86
CA PRO B 458 -47.77 40.54 6.92
C PRO B 458 -49.14 39.89 6.93
N LEU B 459 -49.60 39.38 5.79
CA LEU B 459 -50.94 38.79 5.73
C LEU B 459 -51.02 37.48 6.49
N ASP B 460 -49.93 36.70 6.52
CA ASP B 460 -49.95 35.38 7.14
C ASP B 460 -50.03 35.43 8.66
N TYR B 462 -49.87 36.60 9.27
CA TYR B 462 -49.79 36.72 10.72
C TYR B 462 -50.82 37.72 11.21
N LYS B 463 -52.00 37.67 10.61
CA LYS B 463 -53.16 38.40 11.08
C LYS B 463 -54.32 37.43 11.16
N CYS B 469 -53.24 42.00 20.09
CA CYS B 469 -51.82 41.71 20.29
C CYS B 469 -51.69 40.98 21.63
N PHE B 470 -52.31 39.80 21.68
CA PHE B 470 -52.57 39.12 22.94
C PHE B 470 -51.33 38.44 23.50
N PHE B 471 -50.46 37.91 22.64
CA PHE B 471 -49.23 37.28 23.12
C PHE B 471 -48.22 38.35 23.50
N GLN B 472 -47.46 38.09 24.56
CA GLN B 472 -46.41 38.98 25.01
C GLN B 472 -45.12 38.27 25.38
N GLY B 473 -45.09 36.95 25.38
CA GLY B 473 -43.86 36.22 25.65
C GLY B 473 -43.68 35.10 24.64
N ASP B 474 -42.41 34.86 24.28
CA ASP B 474 -42.07 33.80 23.34
C ASP B 474 -40.65 33.33 23.61
N HIS B 475 -40.26 32.28 22.91
CA HIS B 475 -38.97 31.64 23.15
C HIS B 475 -38.56 30.90 21.88
N GLY B 476 -37.29 30.50 21.84
CA GLY B 476 -36.75 29.78 20.71
C GLY B 476 -35.44 30.37 20.21
N PHE B 477 -34.99 31.45 20.84
CA PHE B 477 -33.81 32.17 20.40
C PHE B 477 -32.54 31.37 20.68
N ASP B 478 -31.40 31.99 20.34
CA ASP B 478 -30.09 31.44 20.69
C ASP B 478 -30.06 30.98 22.14
N ASN B 479 -29.57 29.76 22.35
CA ASN B 479 -29.63 29.14 23.68
C ASN B 479 -28.70 29.79 24.69
N LYS B 480 -27.89 30.77 24.28
CA LYS B 480 -27.08 31.52 25.24
C LYS B 480 -27.74 32.81 25.69
N VAL B 481 -28.89 33.17 25.12
CA VAL B 481 -29.61 34.36 25.58
C VAL B 481 -30.06 34.14 27.02
N ASN B 482 -29.89 35.18 27.85
CA ASN B 482 -30.17 35.05 29.27
C ASN B 482 -31.62 34.70 29.54
N SER B 483 -32.55 35.32 28.80
CA SER B 483 -33.97 35.06 29.02
C SER B 483 -34.38 33.64 28.64
N MET B 484 -33.52 32.89 27.96
CA MET B 484 -33.82 31.52 27.58
C MET B 484 -33.33 30.48 28.58
N GLN B 485 -32.51 30.88 29.55
CA GLN B 485 -32.00 29.95 30.54
C GLN B 485 -33.13 29.49 31.46
N THR B 486 -33.07 28.22 31.87
CA THR B 486 -34.13 27.66 32.69
C THR B 486 -33.58 27.10 34.00
N VAL B 487 -34.36 26.24 34.65
CA VAL B 487 -34.06 25.82 36.02
C VAL B 487 -33.57 24.38 36.04
N PHE B 488 -32.73 24.08 37.04
CA PHE B 488 -32.51 22.70 37.47
C PHE B 488 -32.45 22.64 39.00
N VAL B 489 -33.20 21.70 39.57
CA VAL B 489 -33.15 21.41 41.00
C VAL B 489 -33.07 19.90 41.18
N GLY B 490 -32.17 19.45 42.05
CA GLY B 490 -32.07 18.04 42.37
C GLY B 490 -32.19 17.79 43.86
N TYR B 491 -33.07 16.86 44.23
CA TYR B 491 -33.34 16.59 45.64
C TYR B 491 -33.56 15.10 45.83
N GLY B 492 -32.91 14.53 46.84
CA GLY B 492 -33.16 13.14 47.20
C GLY B 492 -31.93 12.49 47.80
N SER B 493 -32.00 11.16 47.87
CA SER B 493 -30.92 10.39 48.47
C SER B 493 -29.60 10.60 47.72
N THR B 494 -29.65 10.60 46.40
CA THR B 494 -28.43 10.65 45.61
C THR B 494 -27.85 12.06 45.55
N PHE B 495 -28.70 13.07 45.46
CA PHE B 495 -28.21 14.42 45.28
C PHE B 495 -27.55 14.94 46.56
N LYS B 496 -26.75 16.00 46.40
CA LYS B 496 -26.04 16.57 47.52
C LYS B 496 -26.99 17.40 48.37
N TYR B 497 -26.46 17.94 49.46
CA TYR B 497 -27.24 18.62 50.49
C TYR B 497 -26.78 20.07 50.59
N LYS B 498 -27.71 21.00 50.33
CA LYS B 498 -27.44 22.44 50.40
C LYS B 498 -26.22 22.81 49.58
N THR B 499 -26.17 22.31 48.35
CA THR B 499 -25.02 22.48 47.47
C THR B 499 -25.44 23.20 46.20
N LYS B 500 -24.68 24.24 45.86
CA LYS B 500 -24.83 24.93 44.59
C LYS B 500 -23.78 24.42 43.61
N VAL B 501 -24.20 24.18 42.38
CA VAL B 501 -23.27 23.73 41.34
C VAL B 501 -23.28 24.74 40.20
N PRO B 502 -22.21 24.84 39.42
CA PRO B 502 -22.16 25.83 38.33
C PRO B 502 -23.21 25.52 37.28
N PRO B 503 -23.54 26.49 36.42
CA PRO B 503 -24.51 26.23 35.35
C PRO B 503 -23.99 25.19 34.37
N PHE B 504 -24.90 24.34 33.89
CA PHE B 504 -24.56 23.27 32.98
C PHE B 504 -25.63 23.16 31.90
N GLU B 505 -25.33 22.38 30.88
CA GLU B 505 -26.24 22.19 29.76
C GLU B 505 -27.14 20.98 30.00
N ASN B 506 -28.36 21.06 29.48
CA ASN B 506 -29.35 20.01 29.71
C ASN B 506 -29.04 18.71 28.98
N ILE B 507 -28.07 18.71 28.05
CA ILE B 507 -27.67 17.47 27.41
C ILE B 507 -26.95 16.55 28.37
N GLU B 508 -26.48 17.07 29.51
CA GLU B 508 -25.70 16.28 30.46
C GLU B 508 -26.55 15.54 31.47
N LEU B 509 -27.86 15.79 31.51
CA LEU B 509 -28.71 15.20 32.53
C LEU B 509 -29.02 13.74 32.25
N TYR B 510 -29.05 13.33 30.98
CA TYR B 510 -29.39 11.95 30.63
C TYR B 510 -28.43 10.97 31.30
N ASN B 511 -27.13 11.28 31.29
CA ASN B 511 -26.16 10.42 31.97
C ASN B 511 -26.43 10.37 33.47
N VAL B 512 -26.78 11.52 34.06
CA VAL B 512 -27.10 11.56 35.48
C VAL B 512 -28.33 10.71 35.77
N MET B 513 -29.41 10.92 35.01
CA MET B 513 -30.63 10.17 35.23
C MET B 513 -30.42 8.68 35.01
N CYS B 514 -29.47 8.30 34.16
CA CYS B 514 -29.12 6.89 34.01
C CYS B 514 -28.32 6.40 35.20
N ASP B 515 -27.43 7.25 35.73
CA ASP B 515 -26.72 6.91 36.97
C ASP B 515 -27.70 6.73 38.13
N LEU B 516 -28.69 7.62 38.23
CA LEU B 516 -29.70 7.55 39.28
CA LEU B 516 -29.68 7.53 39.30
C LEU B 516 -30.51 6.26 39.23
N LEU B 517 -30.43 5.51 38.13
CA LEU B 517 -31.18 4.28 37.96
C LEU B 517 -30.30 3.08 37.71
N GLY B 518 -28.98 3.23 37.72
CA GLY B 518 -28.09 2.13 37.45
C GLY B 518 -28.06 1.68 36.01
N LEU B 519 -28.55 2.49 35.10
CA LEU B 519 -28.60 2.13 33.69
C LEU B 519 -27.30 2.48 32.99
N LYS B 520 -26.94 1.68 32.00
CA LYS B 520 -25.89 2.08 31.08
C LYS B 520 -26.49 3.03 30.05
N PRO B 521 -26.04 4.27 29.98
CA PRO B 521 -26.64 5.21 29.04
C PRO B 521 -26.32 4.83 27.60
N ALA B 522 -27.28 5.07 26.72
CA ALA B 522 -27.01 5.00 25.29
C ALA B 522 -26.00 6.08 24.92
N PRO B 523 -25.28 5.91 23.82
CA PRO B 523 -24.33 6.96 23.39
C PRO B 523 -25.04 8.29 23.18
N ASN B 524 -24.62 9.29 23.96
CA ASN B 524 -25.21 10.62 23.87
C ASN B 524 -24.12 11.69 23.82
N ASN B 525 -24.52 12.96 23.88
CA ASN B 525 -23.59 14.07 23.74
C ASN B 525 -23.22 14.72 25.07
N GLY B 526 -23.73 14.21 26.19
CA GLY B 526 -23.20 14.61 27.47
C GLY B 526 -21.80 14.09 27.69
N THR B 527 -21.06 14.78 28.55
CA THR B 527 -19.72 14.35 28.95
C THR B 527 -19.87 13.69 30.31
N HIS B 528 -20.02 12.36 30.29
CA HIS B 528 -20.29 11.62 31.52
C HIS B 528 -19.14 11.80 32.51
N GLY B 529 -19.48 12.30 33.69
CA GLY B 529 -18.51 12.71 34.69
C GLY B 529 -18.45 14.21 34.89
N SER B 530 -18.95 15.00 33.93
CA SER B 530 -19.00 16.43 34.10
C SER B 530 -19.91 16.83 35.25
N LEU B 531 -20.92 16.02 35.56
CA LEU B 531 -21.90 16.32 36.59
C LEU B 531 -21.78 15.39 37.79
N ASN B 532 -20.61 14.77 38.00
CA ASN B 532 -20.43 13.93 39.18
C ASN B 532 -20.51 14.74 40.46
N HIS B 533 -20.14 16.02 40.41
CA HIS B 533 -20.25 16.89 41.58
C HIS B 533 -21.68 17.19 41.98
N LEU B 534 -22.67 16.72 41.20
CA LEU B 534 -24.06 16.90 41.59
C LEU B 534 -24.50 15.86 42.60
N LEU B 535 -23.90 14.67 42.59
CA LEU B 535 -24.38 13.55 43.37
C LEU B 535 -23.54 13.36 44.63
N ARG B 536 -24.21 12.91 45.69
CA ARG B 536 -23.51 12.65 46.95
CA ARG B 536 -23.51 12.65 46.95
C ARG B 536 -22.55 11.48 46.82
N THR B 537 -22.92 10.47 46.04
CA THR B 537 -22.02 9.36 45.74
C THR B 537 -22.24 8.93 44.30
N ASN B 538 -21.17 8.46 43.67
CA ASN B 538 -21.15 8.20 42.23
C ASN B 538 -20.77 6.76 41.97
N THR B 539 -21.53 6.11 41.09
CA THR B 539 -21.15 4.79 40.59
C THR B 539 -20.28 4.88 39.34
N PHE B 540 -20.48 5.92 38.54
CA PHE B 540 -19.70 6.09 37.33
C PHE B 540 -18.36 6.74 37.63
N ARG B 541 -17.35 6.33 36.87
CA ARG B 541 -16.02 6.91 36.97
C ARG B 541 -15.50 7.16 35.56
N PRO B 542 -15.25 8.41 35.19
CA PRO B 542 -14.89 8.71 33.80
C PRO B 542 -13.48 8.22 33.46
N THR B 543 -13.32 7.84 32.20
CA THR B 543 -12.05 7.36 31.67
C THR B 543 -11.42 8.45 30.82
N MET B 544 -10.19 8.83 31.15
CA MET B 544 -9.44 9.71 30.26
C MET B 544 -9.06 8.90 29.02
N PRO B 545 -9.40 9.36 27.83
CA PRO B 545 -9.21 8.52 26.63
C PRO B 545 -7.73 8.24 26.39
N GLU B 546 -7.43 6.97 26.11
CA GLU B 546 -6.05 6.58 25.82
C GLU B 546 -5.58 7.21 24.52
N GLU B 547 -4.32 7.62 24.50
CA GLU B 547 -3.74 8.25 23.32
C GLU B 547 -3.57 7.22 22.21
N VAL B 548 -4.19 7.48 21.05
CA VAL B 548 -4.08 6.55 19.93
C VAL B 548 -2.71 6.68 19.27
N THR B 549 -2.40 7.85 18.73
CA THR B 549 -1.16 8.09 18.02
C THR B 549 -0.15 8.75 18.95
N ARG B 550 0.96 8.06 19.18
CA ARG B 550 2.04 8.63 19.97
C ARG B 550 2.82 9.63 19.12
N PRO B 551 3.32 10.71 19.72
CA PRO B 551 4.02 11.74 18.96
C PRO B 551 5.42 11.31 18.57
N ASN B 552 5.92 11.96 17.52
CA ASN B 552 7.33 11.91 17.16
C ASN B 552 8.02 13.18 17.65
N TYR B 553 9.28 13.03 18.06
CA TYR B 553 10.09 14.13 18.58
C TYR B 553 11.27 14.33 17.64
N PRO B 554 11.06 14.93 16.46
CA PRO B 554 12.11 14.96 15.45
C PRO B 554 13.15 16.03 15.77
N GLY B 555 14.42 15.61 15.74
CA GLY B 555 15.52 16.54 15.79
C GLY B 555 15.78 17.11 14.41
N ILE B 556 16.97 17.68 14.24
CA ILE B 556 17.36 18.28 12.97
C ILE B 556 17.82 17.16 12.04
N MET B 557 17.00 16.83 11.05
CA MET B 557 17.32 15.80 10.07
C MET B 557 17.71 16.36 8.72
N TYR B 558 17.68 17.68 8.56
CA TYR B 558 17.92 18.32 7.27
C TYR B 558 18.67 19.62 7.49
N LEU B 559 19.19 20.16 6.39
CA LEU B 559 19.67 21.52 6.33
C LEU B 559 18.88 22.26 5.26
N GLN B 560 18.97 23.60 5.29
CA GLN B 560 18.20 24.42 4.37
C GLN B 560 18.65 24.21 2.93
N SER B 561 19.50 23.21 2.71
CA SER B 561 19.93 22.82 1.38
C SER B 561 18.96 21.86 0.70
N ASP B 562 18.10 21.19 1.46
CA ASP B 562 17.27 20.10 0.95
C ASP B 562 15.86 20.53 0.61
N PHE B 563 15.50 21.79 0.83
CA PHE B 563 14.13 22.25 0.67
C PHE B 563 13.97 23.02 -0.63
N ASP B 564 13.02 22.58 -1.46
CA ASP B 564 12.64 23.28 -2.68
C ASP B 564 11.21 23.82 -2.58
N LEU B 565 10.88 24.39 -1.43
CA LEU B 565 9.54 24.89 -1.16
C LEU B 565 9.25 26.22 -1.84
N GLY B 566 10.24 26.82 -2.52
CA GLY B 566 10.03 28.07 -3.22
C GLY B 566 9.72 29.24 -2.30
N CYS B 567 10.33 29.26 -1.12
CA CYS B 567 9.96 30.13 0.00
C CYS B 567 11.15 30.97 0.43
N THR B 568 10.95 32.27 0.52
CA THR B 568 12.05 33.21 0.68
C THR B 568 12.11 33.81 2.09
N CYS B 569 13.31 34.24 2.47
CA CYS B 569 13.56 35.01 3.68
C CYS B 569 14.97 35.58 3.58
N ASP B 570 15.16 36.77 4.14
CA ASP B 570 16.48 37.40 4.16
C ASP B 570 16.81 37.85 5.58
N ASP B 571 17.71 37.13 6.22
CA ASP B 571 18.23 37.48 7.55
C ASP B 571 18.75 38.91 7.60
N GLU B 619 7.59 22.59 30.89
CA GLU B 619 7.48 23.42 29.70
C GLU B 619 6.51 24.59 29.93
N ARG B 620 7.06 25.80 29.97
CA ARG B 620 6.30 26.99 30.33
C ARG B 620 5.22 27.34 29.32
N HIS B 621 5.26 26.78 28.12
CA HIS B 621 4.27 27.09 27.10
C HIS B 621 3.24 25.98 26.90
N LEU B 622 3.48 24.80 27.46
CA LEU B 622 2.53 23.69 27.47
C LEU B 622 2.21 23.39 28.93
N LEU B 623 1.25 24.14 29.48
CA LEU B 623 1.07 24.20 30.92
C LEU B 623 0.30 23.02 31.49
N TYR B 624 -0.55 22.37 30.69
CA TYR B 624 -1.45 21.33 31.18
C TYR B 624 -1.22 20.01 30.45
N GLY B 625 0.04 19.70 30.18
CA GLY B 625 0.38 18.50 29.44
C GLY B 625 0.12 18.66 27.95
N ARG B 626 0.60 17.71 27.21
CA ARG B 626 0.41 17.79 25.76
CA ARG B 626 0.39 17.83 25.77
C ARG B 626 -0.94 17.19 25.37
N PRO B 627 -1.59 17.74 24.34
CA PRO B 627 -2.84 17.14 23.87
C PRO B 627 -2.59 15.76 23.27
N ALA B 628 -3.52 14.84 23.54
CA ALA B 628 -3.45 13.50 22.99
C ALA B 628 -4.21 13.46 21.67
N VAL B 629 -3.61 12.81 20.67
CA VAL B 629 -4.26 12.62 19.38
C VAL B 629 -5.03 11.31 19.44
N LEU B 630 -6.36 11.40 19.27
CA LEU B 630 -7.25 10.27 19.45
C LEU B 630 -7.63 9.58 18.14
N TYR B 631 -6.80 9.73 17.10
CA TYR B 631 -7.00 9.02 15.85
C TYR B 631 -5.65 8.63 15.28
N ARG B 632 -5.66 7.64 14.39
CA ARG B 632 -4.42 7.16 13.79
C ARG B 632 -3.89 8.18 12.79
N THR B 633 -2.63 8.58 12.97
CA THR B 633 -1.99 9.57 12.10
C THR B 633 -0.50 9.56 12.41
N ARG B 634 0.20 10.58 11.92
CA ARG B 634 1.62 10.77 12.17
C ARG B 634 1.86 12.24 12.42
N TYR B 635 2.42 12.58 13.59
CA TYR B 635 2.63 13.98 13.91
C TYR B 635 3.89 14.13 14.74
N ASP B 636 4.37 15.38 14.83
CA ASP B 636 5.63 15.71 15.46
C ASP B 636 5.43 16.82 16.49
N ILE B 637 6.16 16.73 17.60
CA ILE B 637 6.15 17.76 18.64
C ILE B 637 7.36 18.65 18.39
N LEU B 638 7.12 19.82 17.80
CA LEU B 638 8.18 20.78 17.55
C LEU B 638 8.26 21.77 18.70
N TYR B 639 9.46 21.93 19.25
CA TYR B 639 9.70 22.88 20.33
C TYR B 639 10.36 24.14 19.79
N HIS B 640 9.99 25.28 20.36
CA HIS B 640 10.62 26.55 20.06
C HIS B 640 10.76 27.34 21.35
N THR B 641 11.44 28.50 21.26
CA THR B 641 11.66 29.32 22.44
C THR B 641 10.33 29.86 22.98
N ASP B 642 9.47 30.37 22.10
CA ASP B 642 8.26 31.06 22.52
C ASP B 642 7.01 30.21 22.52
N PHE B 643 7.03 29.05 21.85
CA PHE B 643 5.80 28.27 21.72
C PHE B 643 6.15 26.82 21.42
N GLU B 644 5.13 25.97 21.53
CA GLU B 644 5.21 24.55 21.24
C GLU B 644 4.02 24.16 20.39
N SER B 645 4.21 23.14 19.55
CA SER B 645 3.15 22.75 18.63
C SER B 645 3.23 21.27 18.33
N GLY B 646 2.08 20.69 17.96
CA GLY B 646 2.01 19.36 17.41
C GLY B 646 1.72 19.40 15.93
N TYR B 647 2.74 19.14 15.11
CA TYR B 647 2.64 19.31 13.67
C TYR B 647 2.23 18.01 13.00
N SER B 648 1.17 18.07 12.18
CA SER B 648 0.65 16.90 11.49
C SER B 648 1.31 16.77 10.13
N GLU B 649 1.88 15.59 9.87
CA GLU B 649 2.45 15.31 8.56
C GLU B 649 1.39 14.86 7.55
N ILE B 650 0.17 14.61 7.99
CA ILE B 650 -0.92 14.27 7.08
C ILE B 650 -1.66 15.51 6.60
N PHE B 651 -1.96 16.44 7.51
CA PHE B 651 -2.67 17.66 7.17
C PHE B 651 -1.75 18.84 6.90
N LEU B 652 -0.43 18.64 7.01
CA LEU B 652 0.57 19.63 6.57
C LEU B 652 0.43 20.95 7.33
N MET B 653 0.07 20.85 8.61
CA MET B 653 -0.05 22.01 9.48
C MET B 653 -0.23 21.51 10.92
N PRO B 654 0.04 22.36 11.91
CA PRO B 654 -0.15 21.93 13.30
C PRO B 654 -1.60 21.59 13.60
N LEU B 655 -1.80 20.57 14.44
CA LEU B 655 -3.11 20.30 15.00
C LEU B 655 -3.38 21.14 16.23
N TRP B 656 -2.33 21.59 16.91
CA TRP B 656 -2.45 22.47 18.06
C TRP B 656 -1.13 23.22 18.22
N THR B 657 -1.22 24.42 18.80
CA THR B 657 -0.03 25.24 19.03
C THR B 657 -0.17 25.93 20.38
N SER B 658 0.74 25.64 21.29
CA SER B 658 0.64 26.09 22.68
C SER B 658 1.69 27.16 22.97
N TYR B 659 1.26 28.22 23.65
CA TYR B 659 2.19 29.24 24.15
C TYR B 659 1.51 30.01 25.28
N THR B 660 2.34 30.65 26.10
CA THR B 660 1.90 31.37 27.28
C THR B 660 2.30 32.83 27.17
N VAL B 661 1.33 33.73 27.34
CA VAL B 661 1.56 35.16 27.29
C VAL B 661 1.29 35.73 28.68
N SER B 662 2.32 36.34 29.28
CA SER B 662 2.22 36.83 30.64
C SER B 662 1.49 38.18 30.67
N LYS B 663 1.16 38.62 31.88
CA LYS B 663 0.45 39.88 32.06
C LYS B 663 1.30 41.06 31.60
N GLN B 664 2.60 41.03 31.89
CA GLN B 664 3.52 42.09 31.53
C GLN B 664 4.18 41.87 30.17
N ALA B 665 3.61 41.02 29.34
CA ALA B 665 4.19 40.75 28.03
C ALA B 665 4.12 42.00 27.15
N GLU B 666 5.07 42.10 26.22
CA GLU B 666 5.20 43.25 25.35
C GLU B 666 4.91 42.85 23.90
N VAL B 667 3.99 43.57 23.27
CA VAL B 667 3.65 43.33 21.87
C VAL B 667 4.62 44.14 21.00
N SER B 668 5.28 43.45 20.07
CA SER B 668 6.23 44.06 19.15
C SER B 668 5.58 44.13 17.76
N SER B 669 6.40 44.00 16.72
CA SER B 669 5.91 43.98 15.35
C SER B 669 6.95 43.24 14.51
N VAL B 670 6.77 43.27 13.20
CA VAL B 670 7.74 42.66 12.29
C VAL B 670 8.40 43.76 11.48
N PRO B 671 9.70 43.66 11.21
CA PRO B 671 10.29 44.53 10.19
C PRO B 671 9.71 44.17 8.85
N ASP B 672 9.32 45.19 8.08
CA ASP B 672 8.56 44.90 6.88
C ASP B 672 9.41 44.34 5.74
N HIS B 673 10.72 44.19 5.94
CA HIS B 673 11.47 43.26 5.10
C HIS B 673 11.34 41.82 5.57
N LEU B 674 10.77 41.61 6.76
CA LEU B 674 10.49 40.28 7.29
C LEU B 674 9.03 39.86 7.11
N THR B 675 8.15 40.78 6.69
CA THR B 675 6.72 40.48 6.64
C THR B 675 6.37 39.43 5.60
N SER B 676 7.27 39.14 4.66
CA SER B 676 7.07 38.08 3.69
C SER B 676 8.16 37.02 3.81
N CYS B 677 8.66 36.80 5.02
CA CYS B 677 9.69 35.83 5.29
C CYS B 677 9.09 34.53 5.80
N VAL B 678 9.61 33.42 5.30
CA VAL B 678 9.14 32.09 5.71
C VAL B 678 10.32 31.13 5.58
N ARG B 679 10.57 30.37 6.64
CA ARG B 679 11.80 29.58 6.68
C ARG B 679 11.49 28.09 6.67
N PRO B 680 12.30 27.29 5.97
CA PRO B 680 12.13 25.84 6.04
C PRO B 680 12.46 25.31 7.42
N ASP B 681 11.66 24.35 7.89
CA ASP B 681 11.87 23.72 9.18
C ASP B 681 12.75 22.50 8.96
N VAL B 682 13.99 22.57 9.45
CA VAL B 682 14.96 21.49 9.25
C VAL B 682 14.59 20.22 10.00
N ARG B 683 13.54 20.26 10.83
CA ARG B 683 13.10 19.07 11.58
C ARG B 683 12.07 18.24 10.84
N VAL B 684 11.33 18.84 9.91
CA VAL B 684 10.26 18.16 9.19
C VAL B 684 10.65 18.05 7.72
N SER B 685 10.42 16.88 7.14
CA SER B 685 10.85 16.60 5.77
C SER B 685 10.17 17.54 4.78
N PRO B 686 10.85 17.90 3.69
CA PRO B 686 10.24 18.80 2.70
C PRO B 686 8.98 18.23 2.06
N SER B 687 8.88 16.91 1.93
CA SER B 687 7.68 16.32 1.35
C SER B 687 6.47 16.39 2.28
N PHE B 688 6.70 16.62 3.57
CA PHE B 688 5.63 16.79 4.54
C PHE B 688 5.54 18.23 5.03
N SER B 689 5.84 19.19 4.15
CA SER B 689 5.77 20.61 4.44
C SER B 689 4.87 21.30 3.42
N GLN B 690 4.37 22.47 3.78
CA GLN B 690 3.66 23.32 2.84
C GLN B 690 4.65 24.02 1.92
N ASN B 691 4.15 24.65 0.86
CA ASN B 691 5.00 25.38 -0.07
C ASN B 691 4.40 26.74 -0.40
N CYS B 692 5.26 27.72 -0.66
CA CYS B 692 4.77 29.06 -0.96
C CYS B 692 4.16 29.20 -2.35
N LEU B 693 4.69 28.49 -3.33
CA LEU B 693 4.15 28.62 -4.68
C LEU B 693 2.67 28.25 -4.71
N ALA B 694 2.22 27.40 -3.78
CA ALA B 694 0.79 27.12 -3.67
C ALA B 694 0.02 28.36 -3.27
N TYR B 695 0.54 29.13 -2.31
CA TYR B 695 -0.13 30.36 -1.90
C TYR B 695 0.00 31.45 -2.96
N LYS B 696 1.14 31.51 -3.66
CA LYS B 696 1.29 32.47 -4.74
C LYS B 696 0.37 32.12 -5.91
N ASN B 697 0.25 30.84 -6.24
CA ASN B 697 -0.68 30.43 -7.30
C ASN B 697 -2.11 30.74 -6.92
N ASP B 698 -2.45 30.58 -5.64
CA ASP B 698 -3.82 30.78 -5.16
C ASP B 698 -4.06 32.28 -4.98
N LYS B 699 -4.78 32.89 -5.92
CA LYS B 699 -5.14 34.29 -5.80
C LYS B 699 -6.19 34.53 -4.71
N GLN B 700 -6.83 33.47 -4.23
CA GLN B 700 -7.88 33.60 -3.21
C GLN B 700 -7.39 33.36 -1.79
N MET B 701 -6.23 32.72 -1.61
CA MET B 701 -5.79 32.25 -0.31
C MET B 701 -4.45 32.89 0.06
N SER B 702 -4.36 33.36 1.30
CA SER B 702 -3.12 33.79 1.92
C SER B 702 -2.76 32.81 3.02
N TYR B 703 -1.85 33.21 3.90
CA TYR B 703 -1.45 32.35 5.02
C TYR B 703 -1.29 33.19 6.28
N GLY B 704 -1.49 32.54 7.42
CA GLY B 704 -1.28 33.16 8.71
C GLY B 704 -0.35 32.31 9.56
N PHE B 705 -0.25 32.62 10.85
CA PHE B 705 0.60 31.86 11.75
C PHE B 705 -0.14 31.58 13.03
N LEU B 706 0.00 30.36 13.54
CA LEU B 706 -0.67 29.98 14.79
C LEU B 706 -0.03 30.68 15.98
N PHE B 707 1.30 30.63 16.08
CA PHE B 707 1.92 31.56 17.01
C PHE B 707 2.20 32.88 16.29
N PRO B 708 1.75 34.01 16.82
CA PRO B 708 1.91 35.28 16.10
C PRO B 708 3.33 35.78 16.20
N PRO B 709 3.94 36.18 15.07
CA PRO B 709 5.27 36.81 15.14
C PRO B 709 5.29 38.10 15.95
N TYR B 710 4.14 38.76 16.11
CA TYR B 710 4.07 40.00 16.88
C TYR B 710 4.28 39.78 18.37
N LEU B 711 4.23 38.54 18.86
CA LEU B 711 4.37 38.24 20.27
C LEU B 711 5.69 37.59 20.61
N SER B 712 6.68 37.70 19.73
CA SER B 712 8.00 37.16 20.00
C SER B 712 8.62 37.84 21.21
N SER B 713 9.30 37.04 22.04
CA SER B 713 9.98 37.59 23.20
C SER B 713 11.28 38.30 22.83
N SER B 714 11.85 38.01 21.67
CA SER B 714 13.09 38.62 21.22
C SER B 714 13.08 38.66 19.70
N PRO B 715 13.79 39.63 19.10
CA PRO B 715 13.91 39.62 17.63
C PRO B 715 14.51 38.34 17.08
N GLU B 716 15.44 37.72 17.81
CA GLU B 716 16.05 36.48 17.31
C GLU B 716 15.07 35.32 17.36
N ALA B 717 14.15 35.31 18.33
CA ALA B 717 13.14 34.27 18.41
C ALA B 717 12.03 34.44 17.39
N LYS B 718 11.89 35.64 16.82
CA LYS B 718 10.83 35.89 15.86
C LYS B 718 10.99 35.05 14.59
N TYR B 719 12.21 34.60 14.30
CA TYR B 719 12.43 33.77 13.13
C TYR B 719 11.81 32.39 13.28
N ASP B 720 11.53 31.97 14.52
CA ASP B 720 10.83 30.70 14.72
C ASP B 720 9.37 30.80 14.27
N ALA B 721 8.73 31.95 14.54
CA ALA B 721 7.33 32.12 14.18
C ALA B 721 7.10 32.12 12.68
N PHE B 722 8.15 32.37 11.89
CA PHE B 722 8.03 32.42 10.43
C PHE B 722 8.27 31.06 9.78
N LEU B 723 8.49 30.00 10.56
CA LEU B 723 8.74 28.69 9.99
C LEU B 723 7.52 28.21 9.19
N VAL B 724 7.79 27.37 8.19
CA VAL B 724 6.72 26.78 7.40
C VAL B 724 5.84 25.87 8.24
N THR B 725 6.33 25.38 9.37
CA THR B 725 5.56 24.52 10.25
C THR B 725 4.66 25.31 11.21
N ASN B 726 4.72 26.64 11.17
CA ASN B 726 3.87 27.49 11.98
C ASN B 726 2.81 28.21 11.16
N MET B 727 2.72 27.92 9.87
CA MET B 727 1.83 28.65 8.98
C MET B 727 0.60 27.82 8.64
N VAL B 728 -0.51 28.51 8.39
CA VAL B 728 -1.79 27.90 8.07
C VAL B 728 -2.48 28.70 6.98
N PRO B 729 -3.21 28.06 6.06
CA PRO B 729 -3.89 28.81 5.00
C PRO B 729 -5.06 29.61 5.55
N MET B 730 -5.05 30.92 5.28
CA MET B 730 -6.09 31.81 5.79
C MET B 730 -6.52 32.76 4.68
N TYR B 731 -7.82 32.99 4.60
CA TYR B 731 -8.34 33.96 3.64
C TYR B 731 -7.94 35.37 4.06
N PRO B 732 -7.72 36.26 3.09
CA PRO B 732 -7.41 37.66 3.45
C PRO B 732 -8.47 38.31 4.31
N ALA B 733 -9.74 38.01 4.07
CA ALA B 733 -10.81 38.58 4.90
C ALA B 733 -10.76 38.04 6.31
N PHE B 734 -10.40 36.77 6.48
CA PHE B 734 -10.33 36.18 7.82
C PHE B 734 -9.10 36.65 8.59
N LYS B 735 -8.01 36.99 7.88
CA LYS B 735 -6.81 37.45 8.57
C LYS B 735 -7.02 38.78 9.28
N ARG B 736 -8.00 39.57 8.84
CA ARG B 736 -8.41 40.74 9.62
C ARG B 736 -8.88 40.33 11.01
N VAL B 737 -9.56 39.19 11.11
CA VAL B 737 -10.01 38.70 12.41
C VAL B 737 -8.87 38.05 13.17
N TRP B 738 -8.10 37.19 12.49
CA TRP B 738 -7.04 36.44 13.15
C TRP B 738 -5.93 37.35 13.65
N ASN B 739 -5.62 38.41 12.90
CA ASN B 739 -4.55 39.31 13.33
C ASN B 739 -4.98 40.19 14.48
N TYR B 740 -6.20 40.72 14.45
CA TYR B 740 -6.68 41.52 15.57
C TYR B 740 -6.79 40.69 16.84
N PHE B 741 -7.08 39.40 16.70
CA PHE B 741 -7.09 38.52 17.87
C PHE B 741 -5.69 38.31 18.41
N GLN B 742 -4.74 37.98 17.53
CA GLN B 742 -3.38 37.68 17.99
C GLN B 742 -2.64 38.94 18.44
N ARG B 743 -2.84 40.06 17.74
CA ARG B 743 -2.07 41.27 18.00
C ARG B 743 -2.65 42.15 19.09
N VAL B 744 -3.94 42.03 19.39
CA VAL B 744 -4.62 42.91 20.34
C VAL B 744 -5.26 42.13 21.48
N LEU B 745 -6.09 41.14 21.16
CA LEU B 745 -6.95 40.55 22.18
C LEU B 745 -6.20 39.60 23.10
N VAL B 746 -5.23 38.85 22.57
CA VAL B 746 -4.43 37.96 23.42
C VAL B 746 -3.71 38.76 24.49
N LYS B 747 -3.06 39.86 24.08
CA LYS B 747 -2.44 40.74 25.06
C LYS B 747 -3.49 41.33 26.00
N LYS B 748 -4.67 41.65 25.48
CA LYS B 748 -5.74 42.17 26.33
C LYS B 748 -6.20 41.12 27.33
N TYR B 749 -6.22 39.85 26.93
CA TYR B 749 -6.65 38.80 27.85
C TYR B 749 -5.59 38.54 28.93
N ALA B 750 -4.31 38.62 28.54
CA ALA B 750 -3.24 38.43 29.53
C ALA B 750 -3.19 39.59 30.52
N SER B 751 -3.58 40.79 30.09
CA SER B 751 -3.54 41.94 30.98
CA SER B 751 -3.54 41.94 30.98
C SER B 751 -4.67 41.90 32.01
N GLU B 752 -5.83 41.38 31.65
CA GLU B 752 -6.96 41.34 32.56
C GLU B 752 -6.99 40.08 33.41
N ARG B 753 -6.43 38.98 32.91
CA ARG B 753 -6.51 37.69 33.58
C ARG B 753 -5.18 37.24 34.18
N ASN B 754 -4.22 38.16 34.30
CA ASN B 754 -2.89 37.86 34.85
C ASN B 754 -2.21 36.73 34.09
N GLY B 755 -1.98 36.97 32.80
CA GLY B 755 -1.38 35.99 31.94
C GLY B 755 -2.37 34.98 31.42
N VAL B 756 -2.18 34.50 30.19
CA VAL B 756 -3.07 33.52 29.59
C VAL B 756 -2.25 32.51 28.80
N ASN B 757 -2.74 31.28 28.76
CA ASN B 757 -2.18 30.23 27.92
C ASN B 757 -3.06 30.06 26.70
N VAL B 758 -2.44 30.05 25.52
CA VAL B 758 -3.16 30.01 24.26
C VAL B 758 -2.81 28.71 23.54
N ILE B 759 -3.83 27.92 23.23
CA ILE B 759 -3.69 26.75 22.38
C ILE B 759 -4.64 26.95 21.20
N SER B 760 -4.09 27.13 20.01
CA SER B 760 -4.86 27.37 18.80
C SER B 760 -4.55 26.31 17.76
N GLY B 761 -5.45 26.22 16.76
CA GLY B 761 -5.29 25.28 15.69
C GLY B 761 -6.46 25.31 14.72
N PRO B 762 -6.37 24.50 13.67
CA PRO B 762 -7.42 24.49 12.65
C PRO B 762 -8.48 23.44 12.95
N ILE B 763 -9.56 23.50 12.19
CA ILE B 763 -10.67 22.56 12.31
C ILE B 763 -11.20 22.27 10.91
N PHE B 764 -11.37 21.00 10.60
CA PHE B 764 -11.95 20.55 9.33
C PHE B 764 -13.27 19.86 9.65
N ASP B 765 -14.39 20.50 9.28
CA ASP B 765 -15.73 19.95 9.47
C ASP B 765 -16.55 20.29 8.22
N TYR B 766 -16.17 19.69 7.09
CA TYR B 766 -16.82 20.01 5.83
C TYR B 766 -18.22 19.42 5.73
N ASP B 767 -18.49 18.33 6.46
CA ASP B 767 -19.81 17.72 6.48
C ASP B 767 -20.63 18.15 7.69
N TYR B 768 -20.17 19.15 8.44
CA TYR B 768 -20.89 19.80 9.53
C TYR B 768 -21.59 18.80 10.45
N ASP B 769 -20.87 17.76 10.85
CA ASP B 769 -21.37 16.79 11.81
C ASP B 769 -20.75 16.99 13.20
N GLY B 770 -19.95 18.04 13.37
CA GLY B 770 -19.32 18.30 14.65
C GLY B 770 -18.10 17.44 14.94
N LEU B 771 -17.78 16.49 14.09
CA LEU B 771 -16.67 15.57 14.33
C LEU B 771 -15.51 15.88 13.39
N HIS B 772 -14.32 15.46 13.81
CA HIS B 772 -13.11 15.70 13.04
C HIS B 772 -13.19 14.99 11.70
N ASP B 773 -12.96 15.74 10.62
CA ASP B 773 -12.98 15.17 9.29
C ASP B 773 -11.77 14.27 9.07
N THR B 774 -11.97 13.18 8.35
CA THR B 774 -10.86 12.42 7.80
C THR B 774 -10.45 13.01 6.46
N GLU B 775 -9.28 12.58 5.96
CA GLU B 775 -8.71 13.17 4.76
C GLU B 775 -9.69 13.14 3.58
N ASP B 776 -10.51 12.10 3.49
CA ASP B 776 -11.43 11.95 2.36
C ASP B 776 -12.59 12.93 2.40
N LYS B 777 -12.76 13.69 3.49
CA LYS B 777 -13.91 14.58 3.62
C LYS B 777 -13.59 16.04 3.35
N ILE B 778 -12.31 16.39 3.22
CA ILE B 778 -11.94 17.77 2.92
C ILE B 778 -12.22 18.05 1.46
N LYS B 779 -13.00 19.10 1.21
CA LYS B 779 -13.45 19.45 -0.14
C LYS B 779 -12.75 20.68 -0.69
N GLN B 780 -11.71 21.17 -0.03
CA GLN B 780 -11.04 22.39 -0.46
C GLN B 780 -9.58 22.35 -0.07
N TYR B 781 -8.70 22.61 -1.03
CA TYR B 781 -7.27 22.68 -0.80
C TYR B 781 -6.74 24.00 -1.36
N VAL B 782 -5.52 24.36 -0.94
CA VAL B 782 -4.85 25.48 -1.58
C VAL B 782 -4.56 25.11 -3.02
N GLU B 783 -4.73 26.08 -3.92
CA GLU B 783 -4.74 25.84 -5.37
C GLU B 783 -3.52 25.03 -5.81
N GLY B 784 -3.79 23.86 -6.39
CA GLY B 784 -2.73 22.99 -6.87
C GLY B 784 -1.85 22.42 -5.78
N SER B 785 -2.46 21.97 -4.69
CA SER B 785 -1.69 21.48 -3.55
C SER B 785 -2.49 20.41 -2.83
N SER B 786 -1.83 19.77 -1.86
CA SER B 786 -2.47 18.87 -0.92
C SER B 786 -2.60 19.50 0.46
N ILE B 787 -2.54 20.83 0.54
CA ILE B 787 -2.72 21.55 1.79
C ILE B 787 -4.21 21.81 1.98
N PRO B 788 -4.87 21.17 2.94
CA PRO B 788 -6.31 21.37 3.10
C PRO B 788 -6.61 22.72 3.70
N VAL B 789 -7.78 23.26 3.34
CA VAL B 789 -8.25 24.55 3.84
C VAL B 789 -9.17 24.27 5.03
N PRO B 790 -8.85 24.75 6.23
CA PRO B 790 -9.73 24.50 7.37
C PRO B 790 -11.05 25.25 7.23
N THR B 791 -12.08 24.68 7.84
CA THR B 791 -13.36 25.36 7.91
C THR B 791 -13.43 26.33 9.08
N HIS B 792 -12.63 26.08 10.12
CA HIS B 792 -12.65 26.91 11.32
C HIS B 792 -11.25 26.99 11.90
N TYR B 793 -11.08 27.92 12.84
CA TYR B 793 -9.88 28.02 13.66
C TYR B 793 -10.32 28.21 15.10
N TYR B 794 -9.86 27.32 15.98
CA TYR B 794 -10.22 27.37 17.39
C TYR B 794 -9.12 28.04 18.19
N SER B 795 -9.38 28.22 19.49
CA SER B 795 -8.38 28.69 20.44
C SER B 795 -8.91 28.46 21.85
N ILE B 796 -8.05 27.94 22.72
CA ILE B 796 -8.39 27.70 24.11
C ILE B 796 -7.52 28.62 24.96
N ILE B 797 -8.15 29.54 25.68
CA ILE B 797 -7.47 30.58 26.44
C ILE B 797 -7.70 30.30 27.92
N THR B 798 -6.63 29.96 28.64
CA THR B 798 -6.71 29.51 30.01
C THR B 798 -5.86 30.38 30.93
N SER B 799 -6.36 30.57 32.15
CA SER B 799 -5.61 31.23 33.21
C SER B 799 -6.12 30.69 34.54
N CYS B 800 -5.51 31.16 35.63
CA CYS B 800 -5.91 30.73 36.97
C CYS B 800 -7.20 31.42 37.38
N LEU B 801 -8.15 30.63 37.88
CA LEU B 801 -9.40 31.19 38.39
C LEU B 801 -9.13 32.22 39.48
N ASP B 802 -8.16 31.95 40.34
CA ASP B 802 -7.67 32.93 41.31
C ASP B 802 -6.70 33.86 40.58
N PHE B 803 -7.20 35.02 40.15
CA PHE B 803 -6.43 35.92 39.30
C PHE B 803 -5.18 36.48 39.98
N THR B 804 -5.07 36.33 41.30
CA THR B 804 -3.86 36.81 41.98
C THR B 804 -2.63 36.01 41.62
N GLN B 805 -2.79 34.77 41.17
CA GLN B 805 -1.70 33.92 40.74
C GLN B 805 -1.55 33.97 39.23
N PRO B 806 -0.31 34.00 38.73
CA PRO B 806 -0.10 34.03 37.29
C PRO B 806 -0.58 32.76 36.62
N ALA B 807 -0.65 32.80 35.29
CA ALA B 807 -1.16 31.66 34.54
C ALA B 807 -0.22 30.45 34.64
N ASP B 808 1.09 30.67 34.56
CA ASP B 808 2.03 29.56 34.57
C ASP B 808 2.34 29.05 35.96
N LYS B 809 1.82 29.69 37.02
CA LYS B 809 2.02 29.23 38.39
C LYS B 809 0.69 29.30 39.14
N CYS B 810 -0.30 28.55 38.65
CA CYS B 810 -1.62 28.47 39.25
C CYS B 810 -1.75 27.20 40.07
N ASP B 811 -2.18 27.34 41.33
CA ASP B 811 -2.27 26.21 42.25
C ASP B 811 -3.64 25.54 42.25
N GLY B 812 -4.71 26.29 41.99
CA GLY B 812 -6.04 25.77 42.15
C GLY B 812 -6.82 25.61 40.86
N PRO B 813 -8.11 25.95 40.90
CA PRO B 813 -8.96 25.77 39.72
C PRO B 813 -8.54 26.68 38.57
N LEU B 814 -8.93 26.27 37.37
CA LEU B 814 -8.57 26.98 36.14
C LEU B 814 -9.75 27.78 35.62
N SER B 815 -9.44 28.84 34.89
CA SER B 815 -10.41 29.67 34.20
C SER B 815 -10.15 29.57 32.71
N VAL B 816 -11.18 29.25 31.93
CA VAL B 816 -11.00 28.97 30.51
C VAL B 816 -12.11 29.64 29.70
N SER B 817 -11.73 30.09 28.50
CA SER B 817 -12.68 30.50 27.48
C SER B 817 -12.20 29.95 26.14
N SER B 818 -13.14 29.75 25.23
CA SER B 818 -12.84 29.12 23.95
C SER B 818 -13.70 29.76 22.86
N PHE B 819 -13.24 29.64 21.62
CA PHE B 819 -14.04 30.03 20.48
C PHE B 819 -13.67 29.16 19.27
N ILE B 820 -14.61 29.04 18.35
CA ILE B 820 -14.42 28.31 17.10
C ILE B 820 -14.81 29.28 15.98
N LEU B 821 -13.83 30.02 15.47
CA LEU B 821 -14.10 31.04 14.47
CA LEU B 821 -14.10 31.04 14.47
C LEU B 821 -14.29 30.41 13.10
N PRO B 822 -15.42 30.62 12.43
CA PRO B 822 -15.59 30.09 11.07
C PRO B 822 -14.63 30.78 10.11
N HIS B 823 -13.98 29.97 9.27
CA HIS B 823 -12.98 30.46 8.33
C HIS B 823 -13.68 30.83 7.03
N ARG B 824 -14.16 32.07 6.96
CA ARG B 824 -14.93 32.54 5.82
C ARG B 824 -14.06 33.41 4.90
N PRO B 825 -14.25 33.30 3.58
CA PRO B 825 -13.50 34.18 2.66
C PRO B 825 -14.01 35.60 2.62
N ASP B 826 -15.11 35.91 3.31
CA ASP B 826 -15.62 37.26 3.40
C ASP B 826 -16.10 37.50 4.83
N ASN B 827 -16.53 38.72 5.10
CA ASN B 827 -17.04 39.10 6.42
C ASN B 827 -18.50 39.55 6.33
N GLU B 828 -19.29 38.83 5.53
CA GLU B 828 -20.72 39.13 5.44
C GLU B 828 -21.44 38.93 6.77
N GLU B 829 -20.90 38.09 7.65
CA GLU B 829 -21.54 37.86 8.95
C GLU B 829 -21.53 39.12 9.81
N SER B 830 -20.48 39.94 9.70
CA SER B 830 -20.33 41.14 10.50
C SER B 830 -20.72 42.35 9.66
N CYS B 831 -21.90 42.92 9.94
CA CYS B 831 -22.37 44.07 9.18
C CYS B 831 -21.51 45.31 9.37
N ASN B 832 -20.64 45.34 10.38
CA ASN B 832 -19.76 46.48 10.63
C ASN B 832 -18.32 46.20 10.23
N SER B 833 -18.08 45.20 9.38
CA SER B 833 -16.73 44.87 8.96
C SER B 833 -16.07 45.99 8.16
N SER B 834 -16.86 46.95 7.68
CA SER B 834 -16.30 48.09 6.96
C SER B 834 -15.37 48.91 7.85
N GLU B 835 -15.62 48.90 9.16
CA GLU B 835 -14.91 49.77 10.09
C GLU B 835 -13.69 49.05 10.66
N ASP B 836 -13.05 49.69 11.64
CA ASP B 836 -11.86 49.11 12.24
C ASP B 836 -12.20 47.86 13.05
N GLU B 837 -11.22 46.95 13.13
CA GLU B 837 -11.41 45.68 13.79
C GLU B 837 -11.80 45.83 15.26
N SER B 838 -11.54 47.00 15.87
CA SER B 838 -11.86 47.22 17.27
C SER B 838 -13.35 47.48 17.50
N LYS B 839 -14.20 47.28 16.49
CA LYS B 839 -15.62 47.56 16.65
C LYS B 839 -16.51 46.47 16.05
N TRP B 840 -15.97 45.33 15.66
CA TRP B 840 -16.82 44.26 15.11
C TRP B 840 -16.20 42.88 15.27
N VAL B 841 -14.89 42.80 15.52
CA VAL B 841 -14.22 41.50 15.57
C VAL B 841 -14.50 40.79 16.88
N GLU B 842 -14.24 41.44 18.01
CA GLU B 842 -14.51 40.82 19.31
C GLU B 842 -15.97 40.38 19.43
N GLU B 843 -16.87 41.11 18.77
CA GLU B 843 -18.28 40.73 18.74
C GLU B 843 -18.48 39.46 17.93
N LEU B 844 -17.72 39.29 16.85
CA LEU B 844 -17.82 38.08 16.05
C LEU B 844 -17.33 36.86 16.83
N MET B 845 -16.26 37.02 17.61
CA MET B 845 -15.71 35.90 18.35
C MET B 845 -16.53 35.55 19.58
N LYS B 846 -17.22 36.53 20.17
CA LYS B 846 -18.12 36.23 21.27
C LYS B 846 -19.31 35.41 20.79
N MET B 847 -19.79 35.70 19.57
CA MET B 847 -20.88 34.91 19.00
C MET B 847 -20.47 33.45 18.81
N HIS B 848 -19.20 33.22 18.49
CA HIS B 848 -18.70 31.87 18.22
C HIS B 848 -17.91 31.31 19.40
N THR B 849 -18.27 31.70 20.63
CA THR B 849 -17.71 31.05 21.81
C THR B 849 -17.99 29.56 21.77
N ALA B 850 -17.21 28.80 22.53
CA ALA B 850 -17.28 27.36 22.44
C ALA B 850 -16.83 26.72 23.75
N ARG B 851 -17.27 25.48 23.96
CA ARG B 851 -16.73 24.67 25.02
C ARG B 851 -15.46 23.98 24.55
N VAL B 852 -14.56 23.68 25.50
CA VAL B 852 -13.39 22.88 25.15
C VAL B 852 -13.83 21.55 24.55
N ARG B 853 -14.96 21.01 25.02
CA ARG B 853 -15.47 19.75 24.50
CA ARG B 853 -15.46 19.75 24.48
C ARG B 853 -15.85 19.87 23.02
N ASP B 854 -16.38 21.03 22.62
CA ASP B 854 -16.75 21.22 21.22
C ASP B 854 -15.51 21.16 20.32
N ILE B 855 -14.41 21.76 20.78
CA ILE B 855 -13.16 21.69 20.02
C ILE B 855 -12.63 20.25 20.00
N GLU B 856 -12.77 19.53 21.12
CA GLU B 856 -12.28 18.16 21.16
C GLU B 856 -13.01 17.26 20.18
N HIS B 857 -14.31 17.50 19.96
CA HIS B 857 -15.04 16.72 18.96
C HIS B 857 -14.52 16.99 17.56
N LEU B 858 -14.31 18.26 17.23
CA LEU B 858 -13.91 18.65 15.87
C LEU B 858 -12.44 18.38 15.58
N THR B 859 -11.61 18.11 16.59
CA THR B 859 -10.18 17.91 16.38
C THR B 859 -9.68 16.53 16.79
N SER B 860 -10.49 15.72 17.45
CA SER B 860 -10.08 14.41 17.95
C SER B 860 -8.84 14.52 18.84
N LEU B 861 -8.81 15.56 19.66
CA LEU B 861 -7.74 15.80 20.61
C LEU B 861 -8.30 15.77 22.02
N ASP B 862 -7.39 15.66 23.00
CA ASP B 862 -7.75 15.68 24.40
C ASP B 862 -6.86 16.69 25.11
N PHE B 863 -7.47 17.66 25.78
CA PHE B 863 -6.75 18.71 26.47
C PHE B 863 -6.84 18.52 27.98
N PHE B 864 -5.98 19.25 28.69
CA PHE B 864 -5.93 19.25 30.16
C PHE B 864 -5.76 17.83 30.70
N ARG B 865 -4.78 17.10 30.17
CA ARG B 865 -4.52 15.75 30.62
C ARG B 865 -3.59 15.69 31.83
N LYS B 866 -2.73 16.69 32.00
CA LYS B 866 -1.78 16.74 33.11
C LYS B 866 -2.03 18.04 33.88
N THR B 867 -2.96 17.99 34.82
CA THR B 867 -3.27 19.11 35.69
C THR B 867 -3.24 18.65 37.14
N SER B 868 -3.26 19.62 38.06
CA SER B 868 -3.40 19.32 39.48
C SER B 868 -4.84 19.04 39.88
N ARG B 869 -5.78 19.12 38.95
CA ARG B 869 -7.19 18.93 39.24
C ARG B 869 -7.59 17.47 39.04
N SER B 870 -8.69 17.09 39.68
CA SER B 870 -9.29 15.80 39.42
C SER B 870 -9.90 15.77 38.02
N TYR B 871 -10.04 14.56 37.48
CA TYR B 871 -10.56 14.42 36.12
C TYR B 871 -12.02 14.86 36.01
N PRO B 872 -12.90 14.50 36.96
CA PRO B 872 -14.26 15.07 36.90
C PRO B 872 -14.27 16.58 36.97
N GLU B 873 -13.29 17.19 37.63
CA GLU B 873 -13.20 18.65 37.62
C GLU B 873 -12.80 19.16 36.24
N ILE B 874 -11.91 18.45 35.56
CA ILE B 874 -11.52 18.81 34.20
C ILE B 874 -12.69 18.66 33.24
N LEU B 875 -13.45 17.56 33.37
CA LEU B 875 -14.63 17.37 32.54
C LEU B 875 -15.63 18.50 32.74
N THR B 876 -15.76 18.98 33.97
CA THR B 876 -16.57 20.16 34.23
C THR B 876 -16.01 21.37 33.49
N LEU B 877 -14.70 21.57 33.57
CA LEU B 877 -14.06 22.70 32.90
C LEU B 877 -14.26 22.63 31.39
N LYS B 878 -14.11 21.45 30.81
CA LYS B 878 -14.18 21.32 29.36
C LYS B 878 -15.61 21.45 28.82
N THR B 879 -16.62 21.33 29.66
CA THR B 879 -18.01 21.55 29.25
C THR B 879 -18.48 22.96 29.54
N TYR B 880 -17.61 23.83 30.05
CA TYR B 880 -17.98 25.19 30.38
C TYR B 880 -18.08 26.04 29.12
N LEU B 881 -19.06 26.95 29.11
CA LEU B 881 -19.28 27.84 27.98
C LEU B 881 -19.32 29.28 28.51
N HIS B 882 -18.36 30.08 28.08
CA HIS B 882 -18.38 31.51 28.36
C HIS B 882 -19.45 32.17 27.50
N THR B 883 -20.44 32.80 28.14
CA THR B 883 -21.58 33.34 27.42
C THR B 883 -21.59 34.87 27.34
N TYR B 884 -20.82 35.56 28.17
CA TYR B 884 -20.68 37.02 28.12
C TYR B 884 -22.00 37.73 28.42
N GLU B 885 -22.89 37.08 29.17
CA GLU B 885 -24.14 37.71 29.59
C GLU B 885 -24.78 36.94 30.75
#